data_4HXN
# 
_entry.id   4HXN 
# 
_audit_conform.dict_name       mmcif_pdbx.dic 
_audit_conform.dict_version    5.387 
_audit_conform.dict_location   http://mmcif.pdb.org/dictionaries/ascii/mmcif_pdbx.dic 
# 
loop_
_database_2.database_id 
_database_2.database_code 
_database_2.pdbx_database_accession 
_database_2.pdbx_DOI 
PDB   4HXN         pdb_00004hxn 10.2210/pdb4hxn/pdb 
RCSB  RCSB076048   ?            ?                   
WWPDB D_1000076048 ?            ?                   
# 
loop_
_pdbx_audit_revision_history.ordinal 
_pdbx_audit_revision_history.data_content_type 
_pdbx_audit_revision_history.major_revision 
_pdbx_audit_revision_history.minor_revision 
_pdbx_audit_revision_history.revision_date 
1 'Structure model' 1 0 2013-04-03 
2 'Structure model' 1 1 2013-04-10 
3 'Structure model' 1 2 2013-06-19 
4 'Structure model' 1 3 2024-02-28 
# 
_pdbx_audit_revision_details.ordinal             1 
_pdbx_audit_revision_details.revision_ordinal    1 
_pdbx_audit_revision_details.data_content_type   'Structure model' 
_pdbx_audit_revision_details.provider            repository 
_pdbx_audit_revision_details.type                'Initial release' 
_pdbx_audit_revision_details.description         ? 
_pdbx_audit_revision_details.details             ? 
# 
loop_
_pdbx_audit_revision_group.ordinal 
_pdbx_audit_revision_group.revision_ordinal 
_pdbx_audit_revision_group.data_content_type 
_pdbx_audit_revision_group.group 
1 2 'Structure model' 'Structure summary'    
2 3 'Structure model' 'Database references'  
3 4 'Structure model' 'Data collection'      
4 4 'Structure model' 'Database references'  
5 4 'Structure model' 'Derived calculations' 
# 
loop_
_pdbx_audit_revision_category.ordinal 
_pdbx_audit_revision_category.revision_ordinal 
_pdbx_audit_revision_category.data_content_type 
_pdbx_audit_revision_category.category 
1 4 'Structure model' chem_comp_atom     
2 4 'Structure model' chem_comp_bond     
3 4 'Structure model' database_2         
4 4 'Structure model' struct_ref_seq_dif 
5 4 'Structure model' struct_site        
# 
loop_
_pdbx_audit_revision_item.ordinal 
_pdbx_audit_revision_item.revision_ordinal 
_pdbx_audit_revision_item.data_content_type 
_pdbx_audit_revision_item.item 
1 4 'Structure model' '_database_2.pdbx_DOI'                
2 4 'Structure model' '_database_2.pdbx_database_accession' 
3 4 'Structure model' '_struct_ref_seq_dif.details'         
4 4 'Structure model' '_struct_site.pdbx_auth_asym_id'      
5 4 'Structure model' '_struct_site.pdbx_auth_comp_id'      
6 4 'Structure model' '_struct_site.pdbx_auth_seq_id'       
# 
_pdbx_database_status.entry_id                        4HXN 
_pdbx_database_status.status_code                     REL 
_pdbx_database_status.deposit_site                    RCSB 
_pdbx_database_status.process_site                    RCSB 
_pdbx_database_status.recvd_initial_deposition_date   2012-11-12 
_pdbx_database_status.status_code_sf                  REL 
_pdbx_database_status.status_code_mr                  ? 
_pdbx_database_status.SG_entry                        ? 
_pdbx_database_status.status_code_cs                  ? 
_pdbx_database_status.methods_development_category    ? 
_pdbx_database_status.pdb_format_compatible           Y 
_pdbx_database_status.status_code_nmr_data            ? 
# 
loop_
_pdbx_database_related.db_name 
_pdbx_database_related.db_id 
_pdbx_database_related.details 
_pdbx_database_related.content_type 
PDB 4HXK . unspecified 
PDB 4HXL . unspecified 
PDB 4HXM . unspecified 
PDB 4HXO . unspecified 
PDB 4HXP . unspecified 
PDB 4HXR . unspecified 
PDB 4HXS . unspecified 
# 
loop_
_audit_author.name 
_audit_author.pdbx_ordinal 
'Chen, T.T.' 1 
'Cao, D.Y.'  2 
'Chen, W.Y.' 3 
'Xiong, B.'  4 
'Shen, J.K.' 5 
'Xu, Y.C.'   6 
# 
_citation.id                        primary 
_citation.title                     
'Fragment-Based Drug Discovery of 2-Thiazolidinones as Inhibitors of the Histone Reader BRD4 Bromodomain.' 
_citation.journal_abbrev            J.Med.Chem. 
_citation.journal_volume            56 
_citation.page_first                3833 
_citation.page_last                 3851 
_citation.year                      2013 
_citation.journal_id_ASTM           JMCMAR 
_citation.country                   US 
_citation.journal_id_ISSN           0022-2623 
_citation.journal_id_CSD            0151 
_citation.book_publisher            ? 
_citation.pdbx_database_id_PubMed   23530754 
_citation.pdbx_database_id_DOI      10.1021/jm301793a 
# 
loop_
_citation_author.citation_id 
_citation_author.name 
_citation_author.ordinal 
_citation_author.identifier_ORCID 
primary 'Zhao, L.'  1  ? 
primary 'Cao, D.'   2  ? 
primary 'Chen, T.'  3  ? 
primary 'Wang, Y.'  4  ? 
primary 'Miao, Z.'  5  ? 
primary 'Xu, Y.'    6  ? 
primary 'Chen, W.'  7  ? 
primary 'Wang, X.'  8  ? 
primary 'Li, Y.'    9  ? 
primary 'Du, Z.'    10 ? 
primary 'Xiong, B.' 11 ? 
primary 'Li, J.'    12 ? 
primary 'Xu, C.'    13 ? 
primary 'Zhang, N.' 14 ? 
primary 'He, J.'    15 ? 
primary 'Shen, J.'  16 ? 
# 
loop_
_entity.id 
_entity.type 
_entity.src_method 
_entity.pdbx_description 
_entity.formula_weight 
_entity.pdbx_number_of_molecules 
_entity.pdbx_ec 
_entity.pdbx_mutation 
_entity.pdbx_fragment 
_entity.details 
1 polymer     man 'Bromodomain-containing protein 4'         14883.188 1   ? ? ? ? 
2 non-polymer syn '4-(2-fluorophenyl)-1,3-thiazol-2(3H)-one' 195.213   1   ? ? ? ? 
3 water       nat water                                      18.015    129 ? ? ? ? 
# 
_entity_name_com.entity_id   1 
_entity_name_com.name        'Protein HUNK1' 
# 
_entity_poly.entity_id                      1 
_entity_poly.type                           'polypeptide(L)' 
_entity_poly.nstd_linkage                   no 
_entity_poly.nstd_monomer                   no 
_entity_poly.pdbx_seq_one_letter_code       
;MNPPPPETSNPNKPKRQTNQLQYLLRVVLKTLWKHQFAWPFQQPVDAVKLNLPDYYKIIKTPMDMGTIKKRLENNYYWNA
QECIQDFNTMFTNCYIYNKPGDDIVLMAEALEKLFLQKINELPTE
;
_entity_poly.pdbx_seq_one_letter_code_can   
;MNPPPPETSNPNKPKRQTNQLQYLLRVVLKTLWKHQFAWPFQQPVDAVKLNLPDYYKIIKTPMDMGTIKKRLENNYYWNA
QECIQDFNTMFTNCYIYNKPGDDIVLMAEALEKLFLQKINELPTE
;
_entity_poly.pdbx_strand_id                 A 
_entity_poly.pdbx_target_identifier         ? 
# 
loop_
_pdbx_entity_nonpoly.entity_id 
_pdbx_entity_nonpoly.name 
_pdbx_entity_nonpoly.comp_id 
2 '4-(2-fluorophenyl)-1,3-thiazol-2(3H)-one' 1A7 
3 water                                      HOH 
# 
loop_
_entity_poly_seq.entity_id 
_entity_poly_seq.num 
_entity_poly_seq.mon_id 
_entity_poly_seq.hetero 
1 1   MET n 
1 2   ASN n 
1 3   PRO n 
1 4   PRO n 
1 5   PRO n 
1 6   PRO n 
1 7   GLU n 
1 8   THR n 
1 9   SER n 
1 10  ASN n 
1 11  PRO n 
1 12  ASN n 
1 13  LYS n 
1 14  PRO n 
1 15  LYS n 
1 16  ARG n 
1 17  GLN n 
1 18  THR n 
1 19  ASN n 
1 20  GLN n 
1 21  LEU n 
1 22  GLN n 
1 23  TYR n 
1 24  LEU n 
1 25  LEU n 
1 26  ARG n 
1 27  VAL n 
1 28  VAL n 
1 29  LEU n 
1 30  LYS n 
1 31  THR n 
1 32  LEU n 
1 33  TRP n 
1 34  LYS n 
1 35  HIS n 
1 36  GLN n 
1 37  PHE n 
1 38  ALA n 
1 39  TRP n 
1 40  PRO n 
1 41  PHE n 
1 42  GLN n 
1 43  GLN n 
1 44  PRO n 
1 45  VAL n 
1 46  ASP n 
1 47  ALA n 
1 48  VAL n 
1 49  LYS n 
1 50  LEU n 
1 51  ASN n 
1 52  LEU n 
1 53  PRO n 
1 54  ASP n 
1 55  TYR n 
1 56  TYR n 
1 57  LYS n 
1 58  ILE n 
1 59  ILE n 
1 60  LYS n 
1 61  THR n 
1 62  PRO n 
1 63  MET n 
1 64  ASP n 
1 65  MET n 
1 66  GLY n 
1 67  THR n 
1 68  ILE n 
1 69  LYS n 
1 70  LYS n 
1 71  ARG n 
1 72  LEU n 
1 73  GLU n 
1 74  ASN n 
1 75  ASN n 
1 76  TYR n 
1 77  TYR n 
1 78  TRP n 
1 79  ASN n 
1 80  ALA n 
1 81  GLN n 
1 82  GLU n 
1 83  CYS n 
1 84  ILE n 
1 85  GLN n 
1 86  ASP n 
1 87  PHE n 
1 88  ASN n 
1 89  THR n 
1 90  MET n 
1 91  PHE n 
1 92  THR n 
1 93  ASN n 
1 94  CYS n 
1 95  TYR n 
1 96  ILE n 
1 97  TYR n 
1 98  ASN n 
1 99  LYS n 
1 100 PRO n 
1 101 GLY n 
1 102 ASP n 
1 103 ASP n 
1 104 ILE n 
1 105 VAL n 
1 106 LEU n 
1 107 MET n 
1 108 ALA n 
1 109 GLU n 
1 110 ALA n 
1 111 LEU n 
1 112 GLU n 
1 113 LYS n 
1 114 LEU n 
1 115 PHE n 
1 116 LEU n 
1 117 GLN n 
1 118 LYS n 
1 119 ILE n 
1 120 ASN n 
1 121 GLU n 
1 122 LEU n 
1 123 PRO n 
1 124 THR n 
1 125 GLU n 
# 
_entity_src_gen.entity_id                          1 
_entity_src_gen.pdbx_src_id                        1 
_entity_src_gen.pdbx_alt_source_flag               sample 
_entity_src_gen.pdbx_seq_type                      ? 
_entity_src_gen.pdbx_beg_seq_num                   ? 
_entity_src_gen.pdbx_end_seq_num                   ? 
_entity_src_gen.gene_src_common_name               human 
_entity_src_gen.gene_src_genus                     ? 
_entity_src_gen.pdbx_gene_src_gene                 'BRD4, HUNK1' 
_entity_src_gen.gene_src_species                   ? 
_entity_src_gen.gene_src_strain                    ? 
_entity_src_gen.gene_src_tissue                    ? 
_entity_src_gen.gene_src_tissue_fraction           ? 
_entity_src_gen.gene_src_details                   ? 
_entity_src_gen.pdbx_gene_src_fragment             ? 
_entity_src_gen.pdbx_gene_src_scientific_name      'Homo sapiens' 
_entity_src_gen.pdbx_gene_src_ncbi_taxonomy_id     9606 
_entity_src_gen.pdbx_gene_src_variant              ? 
_entity_src_gen.pdbx_gene_src_cell_line            ? 
_entity_src_gen.pdbx_gene_src_atcc                 ? 
_entity_src_gen.pdbx_gene_src_organ                ? 
_entity_src_gen.pdbx_gene_src_organelle            ? 
_entity_src_gen.pdbx_gene_src_cell                 ? 
_entity_src_gen.pdbx_gene_src_cellular_location    ? 
_entity_src_gen.host_org_common_name               ? 
_entity_src_gen.pdbx_host_org_scientific_name      'Escherichia coli' 
_entity_src_gen.pdbx_host_org_ncbi_taxonomy_id     562 
_entity_src_gen.host_org_genus                     ? 
_entity_src_gen.pdbx_host_org_gene                 ? 
_entity_src_gen.pdbx_host_org_organ                ? 
_entity_src_gen.host_org_species                   ? 
_entity_src_gen.pdbx_host_org_tissue               ? 
_entity_src_gen.pdbx_host_org_tissue_fraction      ? 
_entity_src_gen.pdbx_host_org_strain               'BL21(DE3)codon plus' 
_entity_src_gen.pdbx_host_org_variant              ? 
_entity_src_gen.pdbx_host_org_cell_line            ? 
_entity_src_gen.pdbx_host_org_atcc                 ? 
_entity_src_gen.pdbx_host_org_culture_collection   ? 
_entity_src_gen.pdbx_host_org_cell                 ? 
_entity_src_gen.pdbx_host_org_organelle            ? 
_entity_src_gen.pdbx_host_org_cellular_location    ? 
_entity_src_gen.pdbx_host_org_vector_type          plasmid 
_entity_src_gen.pdbx_host_org_vector               ? 
_entity_src_gen.host_org_details                   ? 
_entity_src_gen.expression_system_id               ? 
_entity_src_gen.plasmid_name                       pET28a 
_entity_src_gen.plasmid_details                    ? 
_entity_src_gen.pdbx_description                   ? 
# 
loop_
_chem_comp.id 
_chem_comp.type 
_chem_comp.mon_nstd_flag 
_chem_comp.name 
_chem_comp.pdbx_synonyms 
_chem_comp.formula 
_chem_comp.formula_weight 
1A7 non-polymer         . '4-(2-fluorophenyl)-1,3-thiazol-2(3H)-one' ? 'C9 H6 F N O S'  195.213 
ALA 'L-peptide linking' y ALANINE                                    ? 'C3 H7 N O2'     89.093  
ARG 'L-peptide linking' y ARGININE                                   ? 'C6 H15 N4 O2 1' 175.209 
ASN 'L-peptide linking' y ASPARAGINE                                 ? 'C4 H8 N2 O3'    132.118 
ASP 'L-peptide linking' y 'ASPARTIC ACID'                            ? 'C4 H7 N O4'     133.103 
CYS 'L-peptide linking' y CYSTEINE                                   ? 'C3 H7 N O2 S'   121.158 
GLN 'L-peptide linking' y GLUTAMINE                                  ? 'C5 H10 N2 O3'   146.144 
GLU 'L-peptide linking' y 'GLUTAMIC ACID'                            ? 'C5 H9 N O4'     147.129 
GLY 'peptide linking'   y GLYCINE                                    ? 'C2 H5 N O2'     75.067  
HIS 'L-peptide linking' y HISTIDINE                                  ? 'C6 H10 N3 O2 1' 156.162 
HOH non-polymer         . WATER                                      ? 'H2 O'           18.015  
ILE 'L-peptide linking' y ISOLEUCINE                                 ? 'C6 H13 N O2'    131.173 
LEU 'L-peptide linking' y LEUCINE                                    ? 'C6 H13 N O2'    131.173 
LYS 'L-peptide linking' y LYSINE                                     ? 'C6 H15 N2 O2 1' 147.195 
MET 'L-peptide linking' y METHIONINE                                 ? 'C5 H11 N O2 S'  149.211 
PHE 'L-peptide linking' y PHENYLALANINE                              ? 'C9 H11 N O2'    165.189 
PRO 'L-peptide linking' y PROLINE                                    ? 'C5 H9 N O2'     115.130 
SER 'L-peptide linking' y SERINE                                     ? 'C3 H7 N O3'     105.093 
THR 'L-peptide linking' y THREONINE                                  ? 'C4 H9 N O3'     119.119 
TRP 'L-peptide linking' y TRYPTOPHAN                                 ? 'C11 H12 N2 O2'  204.225 
TYR 'L-peptide linking' y TYROSINE                                   ? 'C9 H11 N O3'    181.189 
VAL 'L-peptide linking' y VALINE                                     ? 'C5 H11 N O2'    117.146 
# 
loop_
_pdbx_poly_seq_scheme.asym_id 
_pdbx_poly_seq_scheme.entity_id 
_pdbx_poly_seq_scheme.seq_id 
_pdbx_poly_seq_scheme.mon_id 
_pdbx_poly_seq_scheme.ndb_seq_num 
_pdbx_poly_seq_scheme.pdb_seq_num 
_pdbx_poly_seq_scheme.auth_seq_num 
_pdbx_poly_seq_scheme.pdb_mon_id 
_pdbx_poly_seq_scheme.auth_mon_id 
_pdbx_poly_seq_scheme.pdb_strand_id 
_pdbx_poly_seq_scheme.pdb_ins_code 
_pdbx_poly_seq_scheme.hetero 
A 1 1   MET 1   43  43  MET MET A . n 
A 1 2   ASN 2   44  44  ASN ASN A . n 
A 1 3   PRO 3   45  45  PRO PRO A . n 
A 1 4   PRO 4   46  46  PRO PRO A . n 
A 1 5   PRO 5   47  47  PRO PRO A . n 
A 1 6   PRO 6   48  48  PRO PRO A . n 
A 1 7   GLU 7   49  49  GLU GLU A . n 
A 1 8   THR 8   50  50  THR THR A . n 
A 1 9   SER 9   51  51  SER SER A . n 
A 1 10  ASN 10  52  52  ASN ASN A . n 
A 1 11  PRO 11  53  53  PRO PRO A . n 
A 1 12  ASN 12  54  54  ASN ASN A . n 
A 1 13  LYS 13  55  55  LYS LYS A . n 
A 1 14  PRO 14  56  56  PRO PRO A . n 
A 1 15  LYS 15  57  57  LYS LYS A . n 
A 1 16  ARG 16  58  58  ARG ARG A . n 
A 1 17  GLN 17  59  59  GLN GLN A . n 
A 1 18  THR 18  60  60  THR THR A . n 
A 1 19  ASN 19  61  61  ASN ASN A . n 
A 1 20  GLN 20  62  62  GLN GLN A . n 
A 1 21  LEU 21  63  63  LEU LEU A . n 
A 1 22  GLN 22  64  64  GLN GLN A . n 
A 1 23  TYR 23  65  65  TYR TYR A . n 
A 1 24  LEU 24  66  66  LEU LEU A . n 
A 1 25  LEU 25  67  67  LEU LEU A . n 
A 1 26  ARG 26  68  68  ARG ARG A . n 
A 1 27  VAL 27  69  69  VAL VAL A . n 
A 1 28  VAL 28  70  70  VAL VAL A . n 
A 1 29  LEU 29  71  71  LEU LEU A . n 
A 1 30  LYS 30  72  72  LYS LYS A . n 
A 1 31  THR 31  73  73  THR THR A . n 
A 1 32  LEU 32  74  74  LEU LEU A . n 
A 1 33  TRP 33  75  75  TRP TRP A . n 
A 1 34  LYS 34  76  76  LYS LYS A . n 
A 1 35  HIS 35  77  77  HIS HIS A . n 
A 1 36  GLN 36  78  78  GLN GLN A . n 
A 1 37  PHE 37  79  79  PHE PHE A . n 
A 1 38  ALA 38  80  80  ALA ALA A . n 
A 1 39  TRP 39  81  81  TRP TRP A . n 
A 1 40  PRO 40  82  82  PRO PRO A . n 
A 1 41  PHE 41  83  83  PHE PHE A . n 
A 1 42  GLN 42  84  84  GLN GLN A . n 
A 1 43  GLN 43  85  85  GLN GLN A . n 
A 1 44  PRO 44  86  86  PRO PRO A . n 
A 1 45  VAL 45  87  87  VAL VAL A . n 
A 1 46  ASP 46  88  88  ASP ASP A . n 
A 1 47  ALA 47  89  89  ALA ALA A . n 
A 1 48  VAL 48  90  90  VAL VAL A . n 
A 1 49  LYS 49  91  91  LYS LYS A . n 
A 1 50  LEU 50  92  92  LEU LEU A . n 
A 1 51  ASN 51  93  93  ASN ASN A . n 
A 1 52  LEU 52  94  94  LEU LEU A . n 
A 1 53  PRO 53  95  95  PRO PRO A . n 
A 1 54  ASP 54  96  96  ASP ASP A . n 
A 1 55  TYR 55  97  97  TYR TYR A . n 
A 1 56  TYR 56  98  98  TYR TYR A . n 
A 1 57  LYS 57  99  99  LYS LYS A . n 
A 1 58  ILE 58  100 100 ILE ILE A . n 
A 1 59  ILE 59  101 101 ILE ILE A . n 
A 1 60  LYS 60  102 102 LYS LYS A . n 
A 1 61  THR 61  103 103 THR THR A . n 
A 1 62  PRO 62  104 104 PRO PRO A . n 
A 1 63  MET 63  105 105 MET MET A . n 
A 1 64  ASP 64  106 106 ASP ASP A . n 
A 1 65  MET 65  107 107 MET MET A . n 
A 1 66  GLY 66  108 108 GLY GLY A . n 
A 1 67  THR 67  109 109 THR THR A . n 
A 1 68  ILE 68  110 110 ILE ILE A . n 
A 1 69  LYS 69  111 111 LYS LYS A . n 
A 1 70  LYS 70  112 112 LYS LYS A . n 
A 1 71  ARG 71  113 113 ARG ARG A . n 
A 1 72  LEU 72  114 114 LEU LEU A . n 
A 1 73  GLU 73  115 115 GLU GLU A . n 
A 1 74  ASN 74  116 116 ASN ASN A . n 
A 1 75  ASN 75  117 117 ASN ASN A . n 
A 1 76  TYR 76  118 118 TYR TYR A . n 
A 1 77  TYR 77  119 119 TYR TYR A . n 
A 1 78  TRP 78  120 120 TRP TRP A . n 
A 1 79  ASN 79  121 121 ASN ASN A . n 
A 1 80  ALA 80  122 122 ALA ALA A . n 
A 1 81  GLN 81  123 123 GLN GLN A . n 
A 1 82  GLU 82  124 124 GLU GLU A . n 
A 1 83  CYS 83  125 125 CYS CYS A . n 
A 1 84  ILE 84  126 126 ILE ILE A . n 
A 1 85  GLN 85  127 127 GLN GLN A . n 
A 1 86  ASP 86  128 128 ASP ASP A . n 
A 1 87  PHE 87  129 129 PHE PHE A . n 
A 1 88  ASN 88  130 130 ASN ASN A . n 
A 1 89  THR 89  131 131 THR THR A . n 
A 1 90  MET 90  132 132 MET MET A . n 
A 1 91  PHE 91  133 133 PHE PHE A . n 
A 1 92  THR 92  134 134 THR THR A . n 
A 1 93  ASN 93  135 135 ASN ASN A . n 
A 1 94  CYS 94  136 136 CYS CYS A . n 
A 1 95  TYR 95  137 137 TYR TYR A . n 
A 1 96  ILE 96  138 138 ILE ILE A . n 
A 1 97  TYR 97  139 139 TYR TYR A . n 
A 1 98  ASN 98  140 140 ASN ASN A . n 
A 1 99  LYS 99  141 141 LYS LYS A . n 
A 1 100 PRO 100 142 142 PRO PRO A . n 
A 1 101 GLY 101 143 143 GLY GLY A . n 
A 1 102 ASP 102 144 144 ASP ASP A . n 
A 1 103 ASP 103 145 145 ASP ASP A . n 
A 1 104 ILE 104 146 146 ILE ILE A . n 
A 1 105 VAL 105 147 147 VAL VAL A . n 
A 1 106 LEU 106 148 148 LEU LEU A . n 
A 1 107 MET 107 149 149 MET MET A . n 
A 1 108 ALA 108 150 150 ALA ALA A . n 
A 1 109 GLU 109 151 151 GLU GLU A . n 
A 1 110 ALA 110 152 152 ALA ALA A . n 
A 1 111 LEU 111 153 153 LEU LEU A . n 
A 1 112 GLU 112 154 154 GLU GLU A . n 
A 1 113 LYS 113 155 155 LYS LYS A . n 
A 1 114 LEU 114 156 156 LEU LEU A . n 
A 1 115 PHE 115 157 157 PHE PHE A . n 
A 1 116 LEU 116 158 158 LEU LEU A . n 
A 1 117 GLN 117 159 159 GLN GLN A . n 
A 1 118 LYS 118 160 160 LYS LYS A . n 
A 1 119 ILE 119 161 161 ILE ILE A . n 
A 1 120 ASN 120 162 162 ASN ASN A . n 
A 1 121 GLU 121 163 163 GLU GLU A . n 
A 1 122 LEU 122 164 164 LEU LEU A . n 
A 1 123 PRO 123 165 165 PRO PRO A . n 
A 1 124 THR 124 166 166 THR THR A . n 
A 1 125 GLU 125 167 167 GLU GLU A . n 
# 
loop_
_pdbx_nonpoly_scheme.asym_id 
_pdbx_nonpoly_scheme.entity_id 
_pdbx_nonpoly_scheme.mon_id 
_pdbx_nonpoly_scheme.ndb_seq_num 
_pdbx_nonpoly_scheme.pdb_seq_num 
_pdbx_nonpoly_scheme.auth_seq_num 
_pdbx_nonpoly_scheme.pdb_mon_id 
_pdbx_nonpoly_scheme.auth_mon_id 
_pdbx_nonpoly_scheme.pdb_strand_id 
_pdbx_nonpoly_scheme.pdb_ins_code 
B 2 1A7 1   201 1   1A7 DRG A . 
C 3 HOH 1   301 1   HOH HOH A . 
C 3 HOH 2   302 2   HOH HOH A . 
C 3 HOH 3   303 3   HOH HOH A . 
C 3 HOH 4   304 4   HOH HOH A . 
C 3 HOH 5   305 5   HOH HOH A . 
C 3 HOH 6   306 6   HOH HOH A . 
C 3 HOH 7   307 7   HOH HOH A . 
C 3 HOH 8   308 8   HOH HOH A . 
C 3 HOH 9   309 9   HOH HOH A . 
C 3 HOH 10  310 10  HOH HOH A . 
C 3 HOH 11  311 11  HOH HOH A . 
C 3 HOH 12  312 12  HOH HOH A . 
C 3 HOH 13  313 13  HOH HOH A . 
C 3 HOH 14  314 14  HOH HOH A . 
C 3 HOH 15  315 15  HOH HOH A . 
C 3 HOH 16  316 16  HOH HOH A . 
C 3 HOH 17  317 17  HOH HOH A . 
C 3 HOH 18  318 18  HOH HOH A . 
C 3 HOH 19  319 19  HOH HOH A . 
C 3 HOH 20  320 20  HOH HOH A . 
C 3 HOH 21  321 21  HOH HOH A . 
C 3 HOH 22  322 22  HOH HOH A . 
C 3 HOH 23  323 23  HOH HOH A . 
C 3 HOH 24  324 24  HOH HOH A . 
C 3 HOH 25  325 25  HOH HOH A . 
C 3 HOH 26  326 26  HOH HOH A . 
C 3 HOH 27  327 27  HOH HOH A . 
C 3 HOH 28  328 28  HOH HOH A . 
C 3 HOH 29  329 29  HOH HOH A . 
C 3 HOH 30  330 30  HOH HOH A . 
C 3 HOH 31  331 31  HOH HOH A . 
C 3 HOH 32  332 32  HOH HOH A . 
C 3 HOH 33  333 33  HOH HOH A . 
C 3 HOH 34  334 34  HOH HOH A . 
C 3 HOH 35  335 35  HOH HOH A . 
C 3 HOH 36  336 36  HOH HOH A . 
C 3 HOH 37  337 37  HOH HOH A . 
C 3 HOH 38  338 38  HOH HOH A . 
C 3 HOH 39  339 39  HOH HOH A . 
C 3 HOH 40  340 40  HOH HOH A . 
C 3 HOH 41  341 41  HOH HOH A . 
C 3 HOH 42  342 42  HOH HOH A . 
C 3 HOH 43  343 43  HOH HOH A . 
C 3 HOH 44  344 44  HOH HOH A . 
C 3 HOH 45  345 45  HOH HOH A . 
C 3 HOH 46  346 46  HOH HOH A . 
C 3 HOH 47  347 47  HOH HOH A . 
C 3 HOH 48  348 48  HOH HOH A . 
C 3 HOH 49  349 49  HOH HOH A . 
C 3 HOH 50  350 50  HOH HOH A . 
C 3 HOH 51  351 51  HOH HOH A . 
C 3 HOH 52  352 52  HOH HOH A . 
C 3 HOH 53  353 53  HOH HOH A . 
C 3 HOH 54  354 54  HOH HOH A . 
C 3 HOH 55  355 55  HOH HOH A . 
C 3 HOH 56  356 56  HOH HOH A . 
C 3 HOH 57  357 57  HOH HOH A . 
C 3 HOH 58  358 58  HOH HOH A . 
C 3 HOH 59  359 59  HOH HOH A . 
C 3 HOH 60  360 60  HOH HOH A . 
C 3 HOH 61  361 61  HOH HOH A . 
C 3 HOH 62  362 62  HOH HOH A . 
C 3 HOH 63  363 63  HOH HOH A . 
C 3 HOH 64  364 64  HOH HOH A . 
C 3 HOH 65  365 65  HOH HOH A . 
C 3 HOH 66  366 66  HOH HOH A . 
C 3 HOH 67  367 67  HOH HOH A . 
C 3 HOH 68  368 68  HOH HOH A . 
C 3 HOH 69  369 69  HOH HOH A . 
C 3 HOH 70  370 70  HOH HOH A . 
C 3 HOH 71  371 71  HOH HOH A . 
C 3 HOH 72  372 72  HOH HOH A . 
C 3 HOH 73  373 73  HOH HOH A . 
C 3 HOH 74  374 74  HOH HOH A . 
C 3 HOH 75  375 75  HOH HOH A . 
C 3 HOH 76  376 76  HOH HOH A . 
C 3 HOH 77  377 77  HOH HOH A . 
C 3 HOH 78  378 78  HOH HOH A . 
C 3 HOH 79  379 79  HOH HOH A . 
C 3 HOH 80  380 80  HOH HOH A . 
C 3 HOH 81  381 81  HOH HOH A . 
C 3 HOH 82  382 82  HOH HOH A . 
C 3 HOH 83  383 83  HOH HOH A . 
C 3 HOH 84  384 84  HOH HOH A . 
C 3 HOH 85  385 85  HOH HOH A . 
C 3 HOH 86  386 86  HOH HOH A . 
C 3 HOH 87  387 87  HOH HOH A . 
C 3 HOH 88  388 88  HOH HOH A . 
C 3 HOH 89  389 89  HOH HOH A . 
C 3 HOH 90  390 90  HOH HOH A . 
C 3 HOH 91  391 91  HOH HOH A . 
C 3 HOH 92  392 92  HOH HOH A . 
C 3 HOH 93  393 93  HOH HOH A . 
C 3 HOH 94  394 94  HOH HOH A . 
C 3 HOH 95  395 95  HOH HOH A . 
C 3 HOH 96  396 96  HOH HOH A . 
C 3 HOH 97  397 97  HOH HOH A . 
C 3 HOH 98  398 98  HOH HOH A . 
C 3 HOH 99  399 99  HOH HOH A . 
C 3 HOH 100 400 100 HOH HOH A . 
C 3 HOH 101 401 101 HOH HOH A . 
C 3 HOH 102 402 102 HOH HOH A . 
C 3 HOH 103 403 103 HOH HOH A . 
C 3 HOH 104 404 104 HOH HOH A . 
C 3 HOH 105 405 105 HOH HOH A . 
C 3 HOH 106 406 106 HOH HOH A . 
C 3 HOH 107 407 107 HOH HOH A . 
C 3 HOH 108 408 108 HOH HOH A . 
C 3 HOH 109 409 109 HOH HOH A . 
C 3 HOH 110 410 110 HOH HOH A . 
C 3 HOH 111 411 111 HOH HOH A . 
C 3 HOH 112 412 112 HOH HOH A . 
C 3 HOH 113 413 113 HOH HOH A . 
C 3 HOH 114 414 114 HOH HOH A . 
C 3 HOH 115 415 115 HOH HOH A . 
C 3 HOH 116 416 116 HOH HOH A . 
C 3 HOH 117 417 117 HOH HOH A . 
C 3 HOH 118 418 118 HOH HOH A . 
C 3 HOH 119 419 119 HOH HOH A . 
C 3 HOH 120 420 120 HOH HOH A . 
C 3 HOH 121 421 121 HOH HOH A . 
C 3 HOH 122 422 123 HOH HOH A . 
C 3 HOH 123 423 125 HOH HOH A . 
C 3 HOH 124 424 126 HOH HOH A . 
C 3 HOH 125 425 127 HOH HOH A . 
C 3 HOH 126 426 128 HOH HOH A . 
C 3 HOH 127 427 129 HOH HOH A . 
C 3 HOH 128 428 130 HOH HOH A . 
C 3 HOH 129 429 133 HOH HOH A . 
# 
loop_
_pdbx_unobs_or_zero_occ_atoms.id 
_pdbx_unobs_or_zero_occ_atoms.PDB_model_num 
_pdbx_unobs_or_zero_occ_atoms.polymer_flag 
_pdbx_unobs_or_zero_occ_atoms.occupancy_flag 
_pdbx_unobs_or_zero_occ_atoms.auth_asym_id 
_pdbx_unobs_or_zero_occ_atoms.auth_comp_id 
_pdbx_unobs_or_zero_occ_atoms.auth_seq_id 
_pdbx_unobs_or_zero_occ_atoms.PDB_ins_code 
_pdbx_unobs_or_zero_occ_atoms.auth_atom_id 
_pdbx_unobs_or_zero_occ_atoms.label_alt_id 
_pdbx_unobs_or_zero_occ_atoms.label_asym_id 
_pdbx_unobs_or_zero_occ_atoms.label_comp_id 
_pdbx_unobs_or_zero_occ_atoms.label_seq_id 
_pdbx_unobs_or_zero_occ_atoms.label_atom_id 
1 1 Y 1 A GLU 167 ? CD  ? A GLU 125 CD  
2 1 Y 1 A GLU 167 ? OE1 ? A GLU 125 OE1 
3 1 Y 1 A GLU 167 ? OE2 ? A GLU 125 OE2 
# 
loop_
_software.pdbx_ordinal 
_software.name 
_software.version 
_software.date 
_software.type 
_software.contact_author 
_software.contact_author_email 
_software.classification 
_software.location 
_software.language 
_software.citation_id 
1 XSCALE      .        ?                                 package 'Wolfgang Kabsch' ?                           'data scaling'    
http://www.mpimf-heidelberg.mpg.de/~kabsch/xds/html_doc/xscale_program.html ?   ? 
2 PHASER      2.3.0    'Sun Jun 26 20:05:17 2011 (svn )' program 'Randy J. Read'   cimr-phaser@lists.cam.ac.uk phasing           
http://www-structmed.cimr.cam.ac.uk/phaser/                                 ?   ? 
3 PHENIX      1.8_1069 ?                                 package 'Paul D. Adams'   PDAdams@lbl.gov             refinement        
http://www.phenix-online.org/                                               C++ ? 
4 PDB_EXTRACT 3.11     'April 22, 2011'                  package PDB               deposit@deposit.rcsb.org    'data extraction' 
http://sw-tools.pdb.org/apps/PDB_EXTRACT/                                   C++ ? 
5 Blu-Ice     .        ?                                 ?       ?                 ?                           'data collection' ? 
?   ? 
6 XDS         .        ?                                 ?       ?                 ?                           'data reduction'  ? 
?   ? 
# 
_cell.length_a           31.980 
_cell.length_b           47.150 
_cell.length_c           79.070 
_cell.angle_alpha        90.000 
_cell.angle_beta         90.000 
_cell.angle_gamma        90.000 
_cell.entry_id           4HXN 
_cell.pdbx_unique_axis   ? 
_cell.Z_PDB              4 
_cell.length_a_esd       ? 
_cell.length_b_esd       ? 
_cell.length_c_esd       ? 
_cell.angle_alpha_esd    ? 
_cell.angle_beta_esd     ? 
_cell.angle_gamma_esd    ? 
# 
_symmetry.space_group_name_H-M             'P 21 21 21' 
_symmetry.entry_id                         4HXN 
_symmetry.Int_Tables_number                19 
_symmetry.pdbx_full_space_group_name_H-M   ? 
_symmetry.cell_setting                     ? 
_symmetry.space_group_name_Hall            ? 
# 
_exptl.crystals_number   1 
_exptl.entry_id          4HXN 
_exptl.method            'X-RAY DIFFRACTION' 
# 
_exptl_crystal.id                    1 
_exptl_crystal.density_Matthews      2.00 
_exptl_crystal.density_meas          ? 
_exptl_crystal.density_percent_sol   38.58 
_exptl_crystal.description           ? 
_exptl_crystal.F_000                 ? 
_exptl_crystal.preparation           ? 
# 
_exptl_crystal_grow.crystal_id      1 
_exptl_crystal_grow.method          'VAPOR DIFFUSION, HANGING DROP' 
_exptl_crystal_grow.pH              ? 
_exptl_crystal_grow.temp            293 
_exptl_crystal_grow.pdbx_details    '3.6M Na formate, 10% glycerol, vapor diffusion, hanging drop, temperature 293K' 
_exptl_crystal_grow.temp_details    ? 
_exptl_crystal_grow.pdbx_pH_range   ? 
# 
_diffrn.id                     1 
_diffrn.ambient_temp           100 
_diffrn.ambient_temp_details   ? 
_diffrn.crystal_id             1 
# 
_diffrn_detector.diffrn_id              1 
_diffrn_detector.detector               CCD 
_diffrn_detector.type                   'ADSC QUANTUM 315r' 
_diffrn_detector.pdbx_collection_date   2012-03-13 
_diffrn_detector.details                ? 
# 
_diffrn_radiation.diffrn_id                        1 
_diffrn_radiation.pdbx_diffrn_protocol             'SINGLE WAVELENGTH' 
_diffrn_radiation.monochromator                    ? 
_diffrn_radiation.wavelength_id                    1 
_diffrn_radiation.pdbx_monochromatic_or_laue_m_l   M 
_diffrn_radiation.pdbx_scattering_type             x-ray 
# 
_diffrn_radiation_wavelength.id           1 
_diffrn_radiation_wavelength.wavelength   0.979 
_diffrn_radiation_wavelength.wt           1.0 
# 
_diffrn_source.diffrn_id                   1 
_diffrn_source.source                      SYNCHROTRON 
_diffrn_source.type                        'SSRF BEAMLINE BL17U' 
_diffrn_source.pdbx_wavelength_list        0.979 
_diffrn_source.pdbx_wavelength             ? 
_diffrn_source.pdbx_synchrotron_site       SSRF 
_diffrn_source.pdbx_synchrotron_beamline   BL17U 
# 
_reflns.entry_id                     4HXN 
_reflns.d_resolution_high            1.490 
_reflns.number_obs                   37588 
_reflns.pdbx_Rmerge_I_obs            0.107 
_reflns.pdbx_netI_over_sigmaI        8.560 
_reflns.percent_possible_obs         99.500 
_reflns.B_iso_Wilson_estimate        20.726 
_reflns.observed_criterion_sigma_I   -3.000 
_reflns.observed_criterion_sigma_F   ? 
_reflns.d_resolution_low             40.4970 
_reflns.number_all                   ? 
_reflns.pdbx_Rsym_value              ? 
_reflns.pdbx_redundancy              ? 
_reflns.R_free_details               ? 
_reflns.limit_h_max                  ? 
_reflns.limit_h_min                  ? 
_reflns.limit_k_max                  ? 
_reflns.limit_k_min                  ? 
_reflns.limit_l_max                  ? 
_reflns.limit_l_min                  ? 
_reflns.observed_criterion_F_max     ? 
_reflns.observed_criterion_F_min     ? 
_reflns.pdbx_chi_squared             ? 
_reflns.pdbx_scaling_rejects         ? 
_reflns.pdbx_ordinal                 1 
_reflns.pdbx_diffrn_id               1 
# 
loop_
_reflns_shell.d_res_high 
_reflns_shell.d_res_low 
_reflns_shell.number_measured_obs 
_reflns_shell.number_measured_all 
_reflns_shell.number_unique_obs 
_reflns_shell.Rmerge_I_obs 
_reflns_shell.meanI_over_sigI_obs 
_reflns_shell.pdbx_Rsym_value 
_reflns_shell.pdbx_chi_squared 
_reflns_shell.pdbx_redundancy 
_reflns_shell.percent_possible_obs 
_reflns_shell.number_unique_all 
_reflns_shell.percent_possible_all 
_reflns_shell.pdbx_ordinal 
_reflns_shell.pdbx_diffrn_id 
1.490 1.530 9596  ? 2842 0.256 4.120  ? ? ? ? ? 99.900  1  1 
1.530 1.570 10077 ? 2696 0.237 4.600  ? ? ? ? ? 99.900  2  1 
1.570 1.620 9929  ? 2659 0.210 5.230  ? ? ? ? ? 99.900  3  1 
1.620 1.670 9534  ? 2539 0.187 5.840  ? ? ? ? ? 99.900  4  1 
1.670 1.720 9393  ? 2500 0.168 6.400  ? ? ? ? ? 100.000 5  1 
1.720 1.780 9191  ? 2437 0.152 7.080  ? ? ? ? ? 99.900  6  1 
1.780 1.850 8716  ? 2313 0.140 7.680  ? ? ? ? ? 100.000 7  1 
1.850 1.920 8373  ? 2214 0.130 8.460  ? ? ? ? ? 99.900  8  1 
1.920 2.010 8097  ? 2144 0.120 9.420  ? ? ? ? ? 99.900  9  1 
2.010 2.110 7767  ? 2053 0.112 10.270 ? ? ? ? ? 99.700  10 1 
2.110 2.220 7372  ? 1941 0.107 10.980 ? ? ? ? ? 100.000 11 1 
2.220 2.360 7000  ? 1844 0.104 11.320 ? ? ? ? ? 99.800  12 1 
2.360 2.520 6525  ? 1715 0.103 11.660 ? ? ? ? ? 99.800  13 1 
2.520 2.720 6181  ? 1633 0.103 11.870 ? ? ? ? ? 99.900  14 1 
2.720 2.980 5577  ? 1474 0.099 12.310 ? ? ? ? ? 99.800  15 1 
2.980 3.330 5029  ? 1337 0.099 12.430 ? ? ? ? ? 99.600  16 1 
3.330 3.850 4361  ? 1179 0.099 12.850 ? ? ? ? ? 99.500  17 1 
3.850 4.710 3602  ? 968  0.097 13.000 ? ? ? ? ? 96.300  18 1 
4.710 6.660 2828  ? 757  0.095 12.930 ? ? ? ? ? 98.300  19 1 
6.660 ?     1174  ? 343  0.102 12.130 ? ? ? ? ? 82.100  20 1 
# 
_refine.entry_id                                 4HXN 
_refine.ls_d_res_high                            1.4900 
_refine.ls_d_res_low                             40.4970 
_refine.pdbx_ls_sigma_F                          1.480 
_refine.pdbx_data_cutoff_high_absF               ? 
_refine.pdbx_data_cutoff_low_absF                ? 
_refine.ls_percent_reflns_obs                    99.5100 
_refine.ls_number_reflns_obs                     37585 
_refine.ls_number_reflns_all                     ? 
_refine.pdbx_ls_cross_valid_method               ? 
_refine.pdbx_R_Free_selection_details            ? 
_refine.details                                  ? 
_refine.ls_R_factor_all                          ? 
_refine.ls_R_factor_obs                          0.1772 
_refine.ls_R_factor_R_work                       0.1762 
_refine.ls_wR_factor_R_work                      ? 
_refine.ls_R_factor_R_free                       0.2131 
_refine.ls_wR_factor_R_free                      ? 
_refine.ls_percent_reflns_R_free                 2.9900 
_refine.ls_number_reflns_R_free                  1125 
_refine.ls_R_factor_R_free_error                 ? 
_refine.B_iso_mean                               15.3306 
_refine.solvent_model_param_bsol                 ? 
_refine.solvent_model_param_ksol                 ? 
_refine.pdbx_isotropic_thermal_model             ? 
_refine.aniso_B[1][1]                            ? 
_refine.aniso_B[2][2]                            ? 
_refine.aniso_B[3][3]                            ? 
_refine.aniso_B[1][2]                            ? 
_refine.aniso_B[1][3]                            ? 
_refine.aniso_B[2][3]                            ? 
_refine.correlation_coeff_Fo_to_Fc               ? 
_refine.correlation_coeff_Fo_to_Fc_free          ? 
_refine.overall_SU_R_Cruickshank_DPI             ? 
_refine.overall_SU_R_free                        ? 
_refine.pdbx_overall_ESU_R                       ? 
_refine.pdbx_overall_ESU_R_Free                  ? 
_refine.overall_SU_ML                            0.1300 
_refine.overall_SU_B                             ? 
_refine.solvent_model_details                    'FLAT BULK SOLVENT MODEL' 
_refine.pdbx_solvent_vdw_probe_radii             1.1100 
_refine.pdbx_solvent_ion_probe_radii             ? 
_refine.pdbx_solvent_shrinkage_radii             0.9000 
_refine.ls_number_parameters                     ? 
_refine.ls_number_restraints                     ? 
_refine.pdbx_starting_model                      ? 
_refine.pdbx_method_to_determine_struct          'MOLECULAR REPLACEMENT' 
_refine.pdbx_stereochemistry_target_values       ML 
_refine.pdbx_stereochem_target_val_spec_case     ? 
_refine.overall_FOM_work_R_set                   0.8703 
_refine.B_iso_max                                46.210 
_refine.B_iso_min                                5.950 
_refine.pdbx_overall_phase_error                 19.9000 
_refine.occupancy_max                            1.000 
_refine.occupancy_min                            0.500 
_refine.pdbx_ls_sigma_I                          ? 
_refine.ls_redundancy_reflns_obs                 ? 
_refine.ls_R_factor_R_free_error_details         ? 
_refine.pdbx_data_cutoff_high_rms_absF           ? 
_refine.overall_FOM_free_R_set                   ? 
_refine.pdbx_diffrn_id                           1 
_refine.pdbx_refine_id                           'X-RAY DIFFRACTION' 
_refine.pdbx_TLS_residual_ADP_flag               ? 
_refine.pdbx_overall_SU_R_free_Cruickshank_DPI   ? 
_refine.pdbx_overall_SU_R_Blow_DPI               ? 
_refine.pdbx_overall_SU_R_free_Blow_DPI          ? 
# 
_refine_hist.pdbx_refine_id                   'X-RAY DIFFRACTION' 
_refine_hist.cycle_id                         LAST 
_refine_hist.pdbx_number_atoms_protein        1043 
_refine_hist.pdbx_number_atoms_nucleic_acid   0 
_refine_hist.pdbx_number_atoms_ligand         13 
_refine_hist.number_atoms_solvent             129 
_refine_hist.number_atoms_total               1185 
_refine_hist.d_res_high                       1.4900 
_refine_hist.d_res_low                        40.4970 
# 
loop_
_refine_ls_restr.type 
_refine_ls_restr.number 
_refine_ls_restr.dev_ideal 
_refine_ls_restr.dev_ideal_target 
_refine_ls_restr.weight 
_refine_ls_restr.pdbx_restraint_function 
_refine_ls_restr.pdbx_refine_id 
f_bond_d           1092 0.006  ? ? ? 'X-RAY DIFFRACTION' 
f_angle_d          1488 1.109  ? ? ? 'X-RAY DIFFRACTION' 
f_chiral_restr     158  0.075  ? ? ? 'X-RAY DIFFRACTION' 
f_plane_restr      191  0.005  ? ? ? 'X-RAY DIFFRACTION' 
f_dihedral_angle_d 422  14.340 ? ? ? 'X-RAY DIFFRACTION' 
# 
loop_
_refine_ls_shell.d_res_high 
_refine_ls_shell.d_res_low 
_refine_ls_shell.pdbx_total_number_of_bins_used 
_refine_ls_shell.percent_reflns_obs 
_refine_ls_shell.number_reflns_R_work 
_refine_ls_shell.R_factor_all 
_refine_ls_shell.R_factor_R_work 
_refine_ls_shell.R_factor_R_free 
_refine_ls_shell.percent_reflns_R_free 
_refine_ls_shell.number_reflns_R_free 
_refine_ls_shell.R_factor_R_free_error 
_refine_ls_shell.number_reflns_all 
_refine_ls_shell.number_reflns_obs 
_refine_ls_shell.redundancy_reflns_obs 
_refine_ls_shell.pdbx_refine_id 
1.4899 1.5577  8 100.0000 4581 . 0.1820 0.2310 . 141 . 4722 . . 'X-RAY DIFFRACTION' 
1.5577 1.6399  8 100.0000 4564 . 0.1702 0.2288 . 144 . 4708 . . 'X-RAY DIFFRACTION' 
1.6399 1.7426  8 100.0000 4584 . 0.1666 0.2149 . 145 . 4729 . . 'X-RAY DIFFRACTION' 
1.7426 1.8771  8 100.0000 4590 . 0.1785 0.2768 . 139 . 4729 . . 'X-RAY DIFFRACTION' 
1.8771 2.0660  8 100.0000 4529 . 0.1679 0.2012 . 137 . 4666 . . 'X-RAY DIFFRACTION' 
2.0660 2.3650  8 100.0000 4600 . 0.1704 0.2057 . 141 . 4741 . . 'X-RAY DIFFRACTION' 
2.3650 2.9795  8 100.0000 4565 . 0.1897 0.2010 . 140 . 4705 . . 'X-RAY DIFFRACTION' 
2.9795 40.5116 8 97.0000  4447 . 0.1750 0.2078 . 138 . 4585 . . 'X-RAY DIFFRACTION' 
# 
_struct.entry_id                  4HXN 
_struct.title                     'Brd4 Bromodomain 1 complex with 4-(2-FLUOROPHENYL)-1,3-THIAZOL-2(3H)-ONE inhibitor' 
_struct.pdbx_model_details        ? 
_struct.pdbx_CASP_flag            ? 
_struct.pdbx_model_type_details   ? 
# 
_struct_keywords.entry_id        4HXN 
_struct_keywords.text            'BRD4, Bromodomain, four alpha helices, PROTEIN BINDING-INHIBITOR complex' 
_struct_keywords.pdbx_keywords   'PROTEIN BINDING/INHIBITOR' 
# 
loop_
_struct_asym.id 
_struct_asym.pdbx_blank_PDB_chainid_flag 
_struct_asym.pdbx_modified 
_struct_asym.entity_id 
_struct_asym.details 
A N N 1 ? 
B N N 2 ? 
C N N 3 ? 
# 
_struct_ref.id                         1 
_struct_ref.db_name                    UNP 
_struct_ref.db_code                    BRD4_HUMAN 
_struct_ref.pdbx_db_accession          O60885 
_struct_ref.entity_id                  1 
_struct_ref.pdbx_seq_one_letter_code   
;NPPPPETSNPNKPKRQTNQLQYLLRVVLKTLWKHQFAWPFQQPVDAVKLNLPDYYKIIKTPMDMGTIKKRLENNYYWNAQ
ECIQDFNTMFTNCYIYNKPGDDIVLMAEALEKLFLQKINELPTE
;
_struct_ref.pdbx_align_begin           44 
_struct_ref.pdbx_db_isoform            ? 
# 
_struct_ref_seq.align_id                      1 
_struct_ref_seq.ref_id                        1 
_struct_ref_seq.pdbx_PDB_id_code              4HXN 
_struct_ref_seq.pdbx_strand_id                A 
_struct_ref_seq.seq_align_beg                 2 
_struct_ref_seq.pdbx_seq_align_beg_ins_code   ? 
_struct_ref_seq.seq_align_end                 125 
_struct_ref_seq.pdbx_seq_align_end_ins_code   ? 
_struct_ref_seq.pdbx_db_accession             O60885 
_struct_ref_seq.db_align_beg                  44 
_struct_ref_seq.pdbx_db_align_beg_ins_code    ? 
_struct_ref_seq.db_align_end                  167 
_struct_ref_seq.pdbx_db_align_end_ins_code    ? 
_struct_ref_seq.pdbx_auth_seq_align_beg       44 
_struct_ref_seq.pdbx_auth_seq_align_end       167 
# 
_struct_ref_seq_dif.align_id                     1 
_struct_ref_seq_dif.pdbx_pdb_id_code             4HXN 
_struct_ref_seq_dif.mon_id                       MET 
_struct_ref_seq_dif.pdbx_pdb_strand_id           A 
_struct_ref_seq_dif.seq_num                      1 
_struct_ref_seq_dif.pdbx_pdb_ins_code            ? 
_struct_ref_seq_dif.pdbx_seq_db_name             UNP 
_struct_ref_seq_dif.pdbx_seq_db_accession_code   O60885 
_struct_ref_seq_dif.db_mon_id                    ? 
_struct_ref_seq_dif.pdbx_seq_db_seq_num          ? 
_struct_ref_seq_dif.details                      'expression tag' 
_struct_ref_seq_dif.pdbx_auth_seq_num            43 
_struct_ref_seq_dif.pdbx_ordinal                 1 
# 
_pdbx_struct_assembly.id                   1 
_pdbx_struct_assembly.details              author_and_software_defined_assembly 
_pdbx_struct_assembly.method_details       PISA 
_pdbx_struct_assembly.oligomeric_details   monomeric 
_pdbx_struct_assembly.oligomeric_count     1 
# 
_pdbx_struct_assembly_gen.assembly_id       1 
_pdbx_struct_assembly_gen.oper_expression   1 
_pdbx_struct_assembly_gen.asym_id_list      A,B,C 
# 
_pdbx_struct_oper_list.id                   1 
_pdbx_struct_oper_list.type                 'identity operation' 
_pdbx_struct_oper_list.name                 1_555 
_pdbx_struct_oper_list.symmetry_operation   x,y,z 
_pdbx_struct_oper_list.matrix[1][1]         1.0000000000 
_pdbx_struct_oper_list.matrix[1][2]         0.0000000000 
_pdbx_struct_oper_list.matrix[1][3]         0.0000000000 
_pdbx_struct_oper_list.vector[1]            0.0000000000 
_pdbx_struct_oper_list.matrix[2][1]         0.0000000000 
_pdbx_struct_oper_list.matrix[2][2]         1.0000000000 
_pdbx_struct_oper_list.matrix[2][3]         0.0000000000 
_pdbx_struct_oper_list.vector[2]            0.0000000000 
_pdbx_struct_oper_list.matrix[3][1]         0.0000000000 
_pdbx_struct_oper_list.matrix[3][2]         0.0000000000 
_pdbx_struct_oper_list.matrix[3][3]         1.0000000000 
_pdbx_struct_oper_list.vector[3]            0.0000000000 
# 
_struct_biol.id        1 
_struct_biol.details   ? 
# 
loop_
_struct_conf.conf_type_id 
_struct_conf.id 
_struct_conf.pdbx_PDB_helix_id 
_struct_conf.beg_label_comp_id 
_struct_conf.beg_label_asym_id 
_struct_conf.beg_label_seq_id 
_struct_conf.pdbx_beg_PDB_ins_code 
_struct_conf.end_label_comp_id 
_struct_conf.end_label_asym_id 
_struct_conf.end_label_seq_id 
_struct_conf.pdbx_end_PDB_ins_code 
_struct_conf.beg_auth_comp_id 
_struct_conf.beg_auth_asym_id 
_struct_conf.beg_auth_seq_id 
_struct_conf.end_auth_comp_id 
_struct_conf.end_auth_asym_id 
_struct_conf.end_auth_seq_id 
_struct_conf.pdbx_PDB_helix_class 
_struct_conf.details 
_struct_conf.pdbx_PDB_helix_length 
HELX_P HELX_P1 1 THR A 18  ? VAL A 27  ? THR A 60  VAL A 69  1 ? 10 
HELX_P HELX_P2 2 VAL A 27  ? TRP A 33  ? VAL A 69  TRP A 75  1 ? 7  
HELX_P HELX_P3 3 ALA A 38  ? GLN A 42  ? ALA A 80  GLN A 84  5 ? 5  
HELX_P HELX_P4 4 ASP A 54  ? ILE A 59  ? ASP A 96  ILE A 101 1 ? 6  
HELX_P HELX_P5 5 ASP A 64  ? ASN A 74  ? ASP A 106 ASN A 116 1 ? 11 
HELX_P HELX_P6 6 ASN A 79  ? ASN A 98  ? ASN A 121 ASN A 140 1 ? 20 
HELX_P HELX_P7 7 ASP A 102 ? ASN A 120 ? ASP A 144 ASN A 162 1 ? 19 
# 
_struct_conf_type.id          HELX_P 
_struct_conf_type.criteria    ? 
_struct_conf_type.reference   ? 
# 
_struct_site.id                   AC1 
_struct_site.pdbx_evidence_code   Software 
_struct_site.pdbx_auth_asym_id    A 
_struct_site.pdbx_auth_comp_id    1A7 
_struct_site.pdbx_auth_seq_id     201 
_struct_site.pdbx_auth_ins_code   ? 
_struct_site.pdbx_num_residues    6 
_struct_site.details              'BINDING SITE FOR RESIDUE 1A7 A 201' 
# 
loop_
_struct_site_gen.id 
_struct_site_gen.site_id 
_struct_site_gen.pdbx_num_res 
_struct_site_gen.label_comp_id 
_struct_site_gen.label_asym_id 
_struct_site_gen.label_seq_id 
_struct_site_gen.pdbx_auth_ins_code 
_struct_site_gen.auth_comp_id 
_struct_site_gen.auth_asym_id 
_struct_site_gen.auth_seq_id 
_struct_site_gen.label_atom_id 
_struct_site_gen.label_alt_id 
_struct_site_gen.symmetry 
_struct_site_gen.details 
1 AC1 6 PRO A 40  ? PRO A 82  . ? 1_555 ? 
2 AC1 6 LEU A 50  ? LEU A 92  . ? 1_555 ? 
3 AC1 6 ASN A 98  ? ASN A 140 . ? 1_555 ? 
4 AC1 6 ILE A 104 ? ILE A 146 . ? 1_555 ? 
5 AC1 6 HOH C .   ? HOH A 308 . ? 1_555 ? 
6 AC1 6 HOH C .   ? HOH A 317 . ? 1_555 ? 
# 
loop_
_pdbx_validate_torsion.id 
_pdbx_validate_torsion.PDB_model_num 
_pdbx_validate_torsion.auth_comp_id 
_pdbx_validate_torsion.auth_asym_id 
_pdbx_validate_torsion.auth_seq_id 
_pdbx_validate_torsion.PDB_ins_code 
_pdbx_validate_torsion.label_alt_id 
_pdbx_validate_torsion.phi 
_pdbx_validate_torsion.psi 
1 1 ASN A 52  ? ? -161.34 106.32  
2 1 ASN A 140 ? ? -111.92 -147.32 
# 
_pdbx_phasing_MR.entry_id                     4HXN 
_pdbx_phasing_MR.method_rotation              ? 
_pdbx_phasing_MR.method_translation           ? 
_pdbx_phasing_MR.model_details                'Phaser MODE: MR_AUTO' 
_pdbx_phasing_MR.R_factor                     ? 
_pdbx_phasing_MR.R_rigid_body                 ? 
_pdbx_phasing_MR.correlation_coeff_Fo_to_Fc   ? 
_pdbx_phasing_MR.correlation_coeff_Io_to_Ic   ? 
_pdbx_phasing_MR.d_res_high_rotation          2.500 
_pdbx_phasing_MR.d_res_low_rotation           40.500 
_pdbx_phasing_MR.d_res_high_translation       2.500 
_pdbx_phasing_MR.d_res_low_translation        40.500 
_pdbx_phasing_MR.packing                      ? 
_pdbx_phasing_MR.reflns_percent_rotation      ? 
_pdbx_phasing_MR.reflns_percent_translation   ? 
_pdbx_phasing_MR.sigma_F_rotation             ? 
_pdbx_phasing_MR.sigma_F_translation          ? 
_pdbx_phasing_MR.sigma_I_rotation             ? 
_pdbx_phasing_MR.sigma_I_translation          ? 
# 
_phasing.method   MR 
# 
loop_
_chem_comp_atom.comp_id 
_chem_comp_atom.atom_id 
_chem_comp_atom.type_symbol 
_chem_comp_atom.pdbx_aromatic_flag 
_chem_comp_atom.pdbx_stereo_config 
_chem_comp_atom.pdbx_ordinal 
1A7 FAB  F N N 1   
1A7 CAJ  C Y N 2   
1A7 CAE  C Y N 3   
1A7 CAC  C Y N 4   
1A7 CAD  C Y N 5   
1A7 CAF  C Y N 6   
1A7 CAL  C Y N 7   
1A7 CAK  C N N 8   
1A7 CAG  C N N 9   
1A7 SAI  S N N 10  
1A7 CAM  C N N 11  
1A7 OAA  O N N 12  
1A7 NAH  N N N 13  
1A7 H1   H N N 14  
1A7 H2   H N N 15  
1A7 H3   H N N 16  
1A7 H4   H N N 17  
1A7 H5   H N N 18  
1A7 H6   H N N 19  
ALA N    N N N 20  
ALA CA   C N S 21  
ALA C    C N N 22  
ALA O    O N N 23  
ALA CB   C N N 24  
ALA OXT  O N N 25  
ALA H    H N N 26  
ALA H2   H N N 27  
ALA HA   H N N 28  
ALA HB1  H N N 29  
ALA HB2  H N N 30  
ALA HB3  H N N 31  
ALA HXT  H N N 32  
ARG N    N N N 33  
ARG CA   C N S 34  
ARG C    C N N 35  
ARG O    O N N 36  
ARG CB   C N N 37  
ARG CG   C N N 38  
ARG CD   C N N 39  
ARG NE   N N N 40  
ARG CZ   C N N 41  
ARG NH1  N N N 42  
ARG NH2  N N N 43  
ARG OXT  O N N 44  
ARG H    H N N 45  
ARG H2   H N N 46  
ARG HA   H N N 47  
ARG HB2  H N N 48  
ARG HB3  H N N 49  
ARG HG2  H N N 50  
ARG HG3  H N N 51  
ARG HD2  H N N 52  
ARG HD3  H N N 53  
ARG HE   H N N 54  
ARG HH11 H N N 55  
ARG HH12 H N N 56  
ARG HH21 H N N 57  
ARG HH22 H N N 58  
ARG HXT  H N N 59  
ASN N    N N N 60  
ASN CA   C N S 61  
ASN C    C N N 62  
ASN O    O N N 63  
ASN CB   C N N 64  
ASN CG   C N N 65  
ASN OD1  O N N 66  
ASN ND2  N N N 67  
ASN OXT  O N N 68  
ASN H    H N N 69  
ASN H2   H N N 70  
ASN HA   H N N 71  
ASN HB2  H N N 72  
ASN HB3  H N N 73  
ASN HD21 H N N 74  
ASN HD22 H N N 75  
ASN HXT  H N N 76  
ASP N    N N N 77  
ASP CA   C N S 78  
ASP C    C N N 79  
ASP O    O N N 80  
ASP CB   C N N 81  
ASP CG   C N N 82  
ASP OD1  O N N 83  
ASP OD2  O N N 84  
ASP OXT  O N N 85  
ASP H    H N N 86  
ASP H2   H N N 87  
ASP HA   H N N 88  
ASP HB2  H N N 89  
ASP HB3  H N N 90  
ASP HD2  H N N 91  
ASP HXT  H N N 92  
CYS N    N N N 93  
CYS CA   C N R 94  
CYS C    C N N 95  
CYS O    O N N 96  
CYS CB   C N N 97  
CYS SG   S N N 98  
CYS OXT  O N N 99  
CYS H    H N N 100 
CYS H2   H N N 101 
CYS HA   H N N 102 
CYS HB2  H N N 103 
CYS HB3  H N N 104 
CYS HG   H N N 105 
CYS HXT  H N N 106 
GLN N    N N N 107 
GLN CA   C N S 108 
GLN C    C N N 109 
GLN O    O N N 110 
GLN CB   C N N 111 
GLN CG   C N N 112 
GLN CD   C N N 113 
GLN OE1  O N N 114 
GLN NE2  N N N 115 
GLN OXT  O N N 116 
GLN H    H N N 117 
GLN H2   H N N 118 
GLN HA   H N N 119 
GLN HB2  H N N 120 
GLN HB3  H N N 121 
GLN HG2  H N N 122 
GLN HG3  H N N 123 
GLN HE21 H N N 124 
GLN HE22 H N N 125 
GLN HXT  H N N 126 
GLU N    N N N 127 
GLU CA   C N S 128 
GLU C    C N N 129 
GLU O    O N N 130 
GLU CB   C N N 131 
GLU CG   C N N 132 
GLU CD   C N N 133 
GLU OE1  O N N 134 
GLU OE2  O N N 135 
GLU OXT  O N N 136 
GLU H    H N N 137 
GLU H2   H N N 138 
GLU HA   H N N 139 
GLU HB2  H N N 140 
GLU HB3  H N N 141 
GLU HG2  H N N 142 
GLU HG3  H N N 143 
GLU HE2  H N N 144 
GLU HXT  H N N 145 
GLY N    N N N 146 
GLY CA   C N N 147 
GLY C    C N N 148 
GLY O    O N N 149 
GLY OXT  O N N 150 
GLY H    H N N 151 
GLY H2   H N N 152 
GLY HA2  H N N 153 
GLY HA3  H N N 154 
GLY HXT  H N N 155 
HIS N    N N N 156 
HIS CA   C N S 157 
HIS C    C N N 158 
HIS O    O N N 159 
HIS CB   C N N 160 
HIS CG   C Y N 161 
HIS ND1  N Y N 162 
HIS CD2  C Y N 163 
HIS CE1  C Y N 164 
HIS NE2  N Y N 165 
HIS OXT  O N N 166 
HIS H    H N N 167 
HIS H2   H N N 168 
HIS HA   H N N 169 
HIS HB2  H N N 170 
HIS HB3  H N N 171 
HIS HD1  H N N 172 
HIS HD2  H N N 173 
HIS HE1  H N N 174 
HIS HE2  H N N 175 
HIS HXT  H N N 176 
HOH O    O N N 177 
HOH H1   H N N 178 
HOH H2   H N N 179 
ILE N    N N N 180 
ILE CA   C N S 181 
ILE C    C N N 182 
ILE O    O N N 183 
ILE CB   C N S 184 
ILE CG1  C N N 185 
ILE CG2  C N N 186 
ILE CD1  C N N 187 
ILE OXT  O N N 188 
ILE H    H N N 189 
ILE H2   H N N 190 
ILE HA   H N N 191 
ILE HB   H N N 192 
ILE HG12 H N N 193 
ILE HG13 H N N 194 
ILE HG21 H N N 195 
ILE HG22 H N N 196 
ILE HG23 H N N 197 
ILE HD11 H N N 198 
ILE HD12 H N N 199 
ILE HD13 H N N 200 
ILE HXT  H N N 201 
LEU N    N N N 202 
LEU CA   C N S 203 
LEU C    C N N 204 
LEU O    O N N 205 
LEU CB   C N N 206 
LEU CG   C N N 207 
LEU CD1  C N N 208 
LEU CD2  C N N 209 
LEU OXT  O N N 210 
LEU H    H N N 211 
LEU H2   H N N 212 
LEU HA   H N N 213 
LEU HB2  H N N 214 
LEU HB3  H N N 215 
LEU HG   H N N 216 
LEU HD11 H N N 217 
LEU HD12 H N N 218 
LEU HD13 H N N 219 
LEU HD21 H N N 220 
LEU HD22 H N N 221 
LEU HD23 H N N 222 
LEU HXT  H N N 223 
LYS N    N N N 224 
LYS CA   C N S 225 
LYS C    C N N 226 
LYS O    O N N 227 
LYS CB   C N N 228 
LYS CG   C N N 229 
LYS CD   C N N 230 
LYS CE   C N N 231 
LYS NZ   N N N 232 
LYS OXT  O N N 233 
LYS H    H N N 234 
LYS H2   H N N 235 
LYS HA   H N N 236 
LYS HB2  H N N 237 
LYS HB3  H N N 238 
LYS HG2  H N N 239 
LYS HG3  H N N 240 
LYS HD2  H N N 241 
LYS HD3  H N N 242 
LYS HE2  H N N 243 
LYS HE3  H N N 244 
LYS HZ1  H N N 245 
LYS HZ2  H N N 246 
LYS HZ3  H N N 247 
LYS HXT  H N N 248 
MET N    N N N 249 
MET CA   C N S 250 
MET C    C N N 251 
MET O    O N N 252 
MET CB   C N N 253 
MET CG   C N N 254 
MET SD   S N N 255 
MET CE   C N N 256 
MET OXT  O N N 257 
MET H    H N N 258 
MET H2   H N N 259 
MET HA   H N N 260 
MET HB2  H N N 261 
MET HB3  H N N 262 
MET HG2  H N N 263 
MET HG3  H N N 264 
MET HE1  H N N 265 
MET HE2  H N N 266 
MET HE3  H N N 267 
MET HXT  H N N 268 
PHE N    N N N 269 
PHE CA   C N S 270 
PHE C    C N N 271 
PHE O    O N N 272 
PHE CB   C N N 273 
PHE CG   C Y N 274 
PHE CD1  C Y N 275 
PHE CD2  C Y N 276 
PHE CE1  C Y N 277 
PHE CE2  C Y N 278 
PHE CZ   C Y N 279 
PHE OXT  O N N 280 
PHE H    H N N 281 
PHE H2   H N N 282 
PHE HA   H N N 283 
PHE HB2  H N N 284 
PHE HB3  H N N 285 
PHE HD1  H N N 286 
PHE HD2  H N N 287 
PHE HE1  H N N 288 
PHE HE2  H N N 289 
PHE HZ   H N N 290 
PHE HXT  H N N 291 
PRO N    N N N 292 
PRO CA   C N S 293 
PRO C    C N N 294 
PRO O    O N N 295 
PRO CB   C N N 296 
PRO CG   C N N 297 
PRO CD   C N N 298 
PRO OXT  O N N 299 
PRO H    H N N 300 
PRO HA   H N N 301 
PRO HB2  H N N 302 
PRO HB3  H N N 303 
PRO HG2  H N N 304 
PRO HG3  H N N 305 
PRO HD2  H N N 306 
PRO HD3  H N N 307 
PRO HXT  H N N 308 
SER N    N N N 309 
SER CA   C N S 310 
SER C    C N N 311 
SER O    O N N 312 
SER CB   C N N 313 
SER OG   O N N 314 
SER OXT  O N N 315 
SER H    H N N 316 
SER H2   H N N 317 
SER HA   H N N 318 
SER HB2  H N N 319 
SER HB3  H N N 320 
SER HG   H N N 321 
SER HXT  H N N 322 
THR N    N N N 323 
THR CA   C N S 324 
THR C    C N N 325 
THR O    O N N 326 
THR CB   C N R 327 
THR OG1  O N N 328 
THR CG2  C N N 329 
THR OXT  O N N 330 
THR H    H N N 331 
THR H2   H N N 332 
THR HA   H N N 333 
THR HB   H N N 334 
THR HG1  H N N 335 
THR HG21 H N N 336 
THR HG22 H N N 337 
THR HG23 H N N 338 
THR HXT  H N N 339 
TRP N    N N N 340 
TRP CA   C N S 341 
TRP C    C N N 342 
TRP O    O N N 343 
TRP CB   C N N 344 
TRP CG   C Y N 345 
TRP CD1  C Y N 346 
TRP CD2  C Y N 347 
TRP NE1  N Y N 348 
TRP CE2  C Y N 349 
TRP CE3  C Y N 350 
TRP CZ2  C Y N 351 
TRP CZ3  C Y N 352 
TRP CH2  C Y N 353 
TRP OXT  O N N 354 
TRP H    H N N 355 
TRP H2   H N N 356 
TRP HA   H N N 357 
TRP HB2  H N N 358 
TRP HB3  H N N 359 
TRP HD1  H N N 360 
TRP HE1  H N N 361 
TRP HE3  H N N 362 
TRP HZ2  H N N 363 
TRP HZ3  H N N 364 
TRP HH2  H N N 365 
TRP HXT  H N N 366 
TYR N    N N N 367 
TYR CA   C N S 368 
TYR C    C N N 369 
TYR O    O N N 370 
TYR CB   C N N 371 
TYR CG   C Y N 372 
TYR CD1  C Y N 373 
TYR CD2  C Y N 374 
TYR CE1  C Y N 375 
TYR CE2  C Y N 376 
TYR CZ   C Y N 377 
TYR OH   O N N 378 
TYR OXT  O N N 379 
TYR H    H N N 380 
TYR H2   H N N 381 
TYR HA   H N N 382 
TYR HB2  H N N 383 
TYR HB3  H N N 384 
TYR HD1  H N N 385 
TYR HD2  H N N 386 
TYR HE1  H N N 387 
TYR HE2  H N N 388 
TYR HH   H N N 389 
TYR HXT  H N N 390 
VAL N    N N N 391 
VAL CA   C N S 392 
VAL C    C N N 393 
VAL O    O N N 394 
VAL CB   C N N 395 
VAL CG1  C N N 396 
VAL CG2  C N N 397 
VAL OXT  O N N 398 
VAL H    H N N 399 
VAL H2   H N N 400 
VAL HA   H N N 401 
VAL HB   H N N 402 
VAL HG11 H N N 403 
VAL HG12 H N N 404 
VAL HG13 H N N 405 
VAL HG21 H N N 406 
VAL HG22 H N N 407 
VAL HG23 H N N 408 
VAL HXT  H N N 409 
# 
loop_
_chem_comp_bond.comp_id 
_chem_comp_bond.atom_id_1 
_chem_comp_bond.atom_id_2 
_chem_comp_bond.value_order 
_chem_comp_bond.pdbx_aromatic_flag 
_chem_comp_bond.pdbx_stereo_config 
_chem_comp_bond.pdbx_ordinal 
1A7 CAD CAC  doub Y N 1   
1A7 CAD CAF  sing Y N 2   
1A7 CAC CAE  sing Y N 3   
1A7 CAF CAL  doub Y N 4   
1A7 CAE CAJ  doub Y N 5   
1A7 CAL CAJ  sing Y N 6   
1A7 CAL CAK  sing N N 7   
1A7 CAJ FAB  sing N N 8   
1A7 NAH CAK  sing N N 9   
1A7 NAH CAM  sing N N 10  
1A7 CAK CAG  doub N N 11  
1A7 OAA CAM  doub N N 12  
1A7 CAM SAI  sing N N 13  
1A7 CAG SAI  sing N N 14  
1A7 CAE H1   sing N N 15  
1A7 CAC H2   sing N N 16  
1A7 CAD H3   sing N N 17  
1A7 CAF H4   sing N N 18  
1A7 CAG H5   sing N N 19  
1A7 NAH H6   sing N N 20  
ALA N   CA   sing N N 21  
ALA N   H    sing N N 22  
ALA N   H2   sing N N 23  
ALA CA  C    sing N N 24  
ALA CA  CB   sing N N 25  
ALA CA  HA   sing N N 26  
ALA C   O    doub N N 27  
ALA C   OXT  sing N N 28  
ALA CB  HB1  sing N N 29  
ALA CB  HB2  sing N N 30  
ALA CB  HB3  sing N N 31  
ALA OXT HXT  sing N N 32  
ARG N   CA   sing N N 33  
ARG N   H    sing N N 34  
ARG N   H2   sing N N 35  
ARG CA  C    sing N N 36  
ARG CA  CB   sing N N 37  
ARG CA  HA   sing N N 38  
ARG C   O    doub N N 39  
ARG C   OXT  sing N N 40  
ARG CB  CG   sing N N 41  
ARG CB  HB2  sing N N 42  
ARG CB  HB3  sing N N 43  
ARG CG  CD   sing N N 44  
ARG CG  HG2  sing N N 45  
ARG CG  HG3  sing N N 46  
ARG CD  NE   sing N N 47  
ARG CD  HD2  sing N N 48  
ARG CD  HD3  sing N N 49  
ARG NE  CZ   sing N N 50  
ARG NE  HE   sing N N 51  
ARG CZ  NH1  sing N N 52  
ARG CZ  NH2  doub N N 53  
ARG NH1 HH11 sing N N 54  
ARG NH1 HH12 sing N N 55  
ARG NH2 HH21 sing N N 56  
ARG NH2 HH22 sing N N 57  
ARG OXT HXT  sing N N 58  
ASN N   CA   sing N N 59  
ASN N   H    sing N N 60  
ASN N   H2   sing N N 61  
ASN CA  C    sing N N 62  
ASN CA  CB   sing N N 63  
ASN CA  HA   sing N N 64  
ASN C   O    doub N N 65  
ASN C   OXT  sing N N 66  
ASN CB  CG   sing N N 67  
ASN CB  HB2  sing N N 68  
ASN CB  HB3  sing N N 69  
ASN CG  OD1  doub N N 70  
ASN CG  ND2  sing N N 71  
ASN ND2 HD21 sing N N 72  
ASN ND2 HD22 sing N N 73  
ASN OXT HXT  sing N N 74  
ASP N   CA   sing N N 75  
ASP N   H    sing N N 76  
ASP N   H2   sing N N 77  
ASP CA  C    sing N N 78  
ASP CA  CB   sing N N 79  
ASP CA  HA   sing N N 80  
ASP C   O    doub N N 81  
ASP C   OXT  sing N N 82  
ASP CB  CG   sing N N 83  
ASP CB  HB2  sing N N 84  
ASP CB  HB3  sing N N 85  
ASP CG  OD1  doub N N 86  
ASP CG  OD2  sing N N 87  
ASP OD2 HD2  sing N N 88  
ASP OXT HXT  sing N N 89  
CYS N   CA   sing N N 90  
CYS N   H    sing N N 91  
CYS N   H2   sing N N 92  
CYS CA  C    sing N N 93  
CYS CA  CB   sing N N 94  
CYS CA  HA   sing N N 95  
CYS C   O    doub N N 96  
CYS C   OXT  sing N N 97  
CYS CB  SG   sing N N 98  
CYS CB  HB2  sing N N 99  
CYS CB  HB3  sing N N 100 
CYS SG  HG   sing N N 101 
CYS OXT HXT  sing N N 102 
GLN N   CA   sing N N 103 
GLN N   H    sing N N 104 
GLN N   H2   sing N N 105 
GLN CA  C    sing N N 106 
GLN CA  CB   sing N N 107 
GLN CA  HA   sing N N 108 
GLN C   O    doub N N 109 
GLN C   OXT  sing N N 110 
GLN CB  CG   sing N N 111 
GLN CB  HB2  sing N N 112 
GLN CB  HB3  sing N N 113 
GLN CG  CD   sing N N 114 
GLN CG  HG2  sing N N 115 
GLN CG  HG3  sing N N 116 
GLN CD  OE1  doub N N 117 
GLN CD  NE2  sing N N 118 
GLN NE2 HE21 sing N N 119 
GLN NE2 HE22 sing N N 120 
GLN OXT HXT  sing N N 121 
GLU N   CA   sing N N 122 
GLU N   H    sing N N 123 
GLU N   H2   sing N N 124 
GLU CA  C    sing N N 125 
GLU CA  CB   sing N N 126 
GLU CA  HA   sing N N 127 
GLU C   O    doub N N 128 
GLU C   OXT  sing N N 129 
GLU CB  CG   sing N N 130 
GLU CB  HB2  sing N N 131 
GLU CB  HB3  sing N N 132 
GLU CG  CD   sing N N 133 
GLU CG  HG2  sing N N 134 
GLU CG  HG3  sing N N 135 
GLU CD  OE1  doub N N 136 
GLU CD  OE2  sing N N 137 
GLU OE2 HE2  sing N N 138 
GLU OXT HXT  sing N N 139 
GLY N   CA   sing N N 140 
GLY N   H    sing N N 141 
GLY N   H2   sing N N 142 
GLY CA  C    sing N N 143 
GLY CA  HA2  sing N N 144 
GLY CA  HA3  sing N N 145 
GLY C   O    doub N N 146 
GLY C   OXT  sing N N 147 
GLY OXT HXT  sing N N 148 
HIS N   CA   sing N N 149 
HIS N   H    sing N N 150 
HIS N   H2   sing N N 151 
HIS CA  C    sing N N 152 
HIS CA  CB   sing N N 153 
HIS CA  HA   sing N N 154 
HIS C   O    doub N N 155 
HIS C   OXT  sing N N 156 
HIS CB  CG   sing N N 157 
HIS CB  HB2  sing N N 158 
HIS CB  HB3  sing N N 159 
HIS CG  ND1  sing Y N 160 
HIS CG  CD2  doub Y N 161 
HIS ND1 CE1  doub Y N 162 
HIS ND1 HD1  sing N N 163 
HIS CD2 NE2  sing Y N 164 
HIS CD2 HD2  sing N N 165 
HIS CE1 NE2  sing Y N 166 
HIS CE1 HE1  sing N N 167 
HIS NE2 HE2  sing N N 168 
HIS OXT HXT  sing N N 169 
HOH O   H1   sing N N 170 
HOH O   H2   sing N N 171 
ILE N   CA   sing N N 172 
ILE N   H    sing N N 173 
ILE N   H2   sing N N 174 
ILE CA  C    sing N N 175 
ILE CA  CB   sing N N 176 
ILE CA  HA   sing N N 177 
ILE C   O    doub N N 178 
ILE C   OXT  sing N N 179 
ILE CB  CG1  sing N N 180 
ILE CB  CG2  sing N N 181 
ILE CB  HB   sing N N 182 
ILE CG1 CD1  sing N N 183 
ILE CG1 HG12 sing N N 184 
ILE CG1 HG13 sing N N 185 
ILE CG2 HG21 sing N N 186 
ILE CG2 HG22 sing N N 187 
ILE CG2 HG23 sing N N 188 
ILE CD1 HD11 sing N N 189 
ILE CD1 HD12 sing N N 190 
ILE CD1 HD13 sing N N 191 
ILE OXT HXT  sing N N 192 
LEU N   CA   sing N N 193 
LEU N   H    sing N N 194 
LEU N   H2   sing N N 195 
LEU CA  C    sing N N 196 
LEU CA  CB   sing N N 197 
LEU CA  HA   sing N N 198 
LEU C   O    doub N N 199 
LEU C   OXT  sing N N 200 
LEU CB  CG   sing N N 201 
LEU CB  HB2  sing N N 202 
LEU CB  HB3  sing N N 203 
LEU CG  CD1  sing N N 204 
LEU CG  CD2  sing N N 205 
LEU CG  HG   sing N N 206 
LEU CD1 HD11 sing N N 207 
LEU CD1 HD12 sing N N 208 
LEU CD1 HD13 sing N N 209 
LEU CD2 HD21 sing N N 210 
LEU CD2 HD22 sing N N 211 
LEU CD2 HD23 sing N N 212 
LEU OXT HXT  sing N N 213 
LYS N   CA   sing N N 214 
LYS N   H    sing N N 215 
LYS N   H2   sing N N 216 
LYS CA  C    sing N N 217 
LYS CA  CB   sing N N 218 
LYS CA  HA   sing N N 219 
LYS C   O    doub N N 220 
LYS C   OXT  sing N N 221 
LYS CB  CG   sing N N 222 
LYS CB  HB2  sing N N 223 
LYS CB  HB3  sing N N 224 
LYS CG  CD   sing N N 225 
LYS CG  HG2  sing N N 226 
LYS CG  HG3  sing N N 227 
LYS CD  CE   sing N N 228 
LYS CD  HD2  sing N N 229 
LYS CD  HD3  sing N N 230 
LYS CE  NZ   sing N N 231 
LYS CE  HE2  sing N N 232 
LYS CE  HE3  sing N N 233 
LYS NZ  HZ1  sing N N 234 
LYS NZ  HZ2  sing N N 235 
LYS NZ  HZ3  sing N N 236 
LYS OXT HXT  sing N N 237 
MET N   CA   sing N N 238 
MET N   H    sing N N 239 
MET N   H2   sing N N 240 
MET CA  C    sing N N 241 
MET CA  CB   sing N N 242 
MET CA  HA   sing N N 243 
MET C   O    doub N N 244 
MET C   OXT  sing N N 245 
MET CB  CG   sing N N 246 
MET CB  HB2  sing N N 247 
MET CB  HB3  sing N N 248 
MET CG  SD   sing N N 249 
MET CG  HG2  sing N N 250 
MET CG  HG3  sing N N 251 
MET SD  CE   sing N N 252 
MET CE  HE1  sing N N 253 
MET CE  HE2  sing N N 254 
MET CE  HE3  sing N N 255 
MET OXT HXT  sing N N 256 
PHE N   CA   sing N N 257 
PHE N   H    sing N N 258 
PHE N   H2   sing N N 259 
PHE CA  C    sing N N 260 
PHE CA  CB   sing N N 261 
PHE CA  HA   sing N N 262 
PHE C   O    doub N N 263 
PHE C   OXT  sing N N 264 
PHE CB  CG   sing N N 265 
PHE CB  HB2  sing N N 266 
PHE CB  HB3  sing N N 267 
PHE CG  CD1  doub Y N 268 
PHE CG  CD2  sing Y N 269 
PHE CD1 CE1  sing Y N 270 
PHE CD1 HD1  sing N N 271 
PHE CD2 CE2  doub Y N 272 
PHE CD2 HD2  sing N N 273 
PHE CE1 CZ   doub Y N 274 
PHE CE1 HE1  sing N N 275 
PHE CE2 CZ   sing Y N 276 
PHE CE2 HE2  sing N N 277 
PHE CZ  HZ   sing N N 278 
PHE OXT HXT  sing N N 279 
PRO N   CA   sing N N 280 
PRO N   CD   sing N N 281 
PRO N   H    sing N N 282 
PRO CA  C    sing N N 283 
PRO CA  CB   sing N N 284 
PRO CA  HA   sing N N 285 
PRO C   O    doub N N 286 
PRO C   OXT  sing N N 287 
PRO CB  CG   sing N N 288 
PRO CB  HB2  sing N N 289 
PRO CB  HB3  sing N N 290 
PRO CG  CD   sing N N 291 
PRO CG  HG2  sing N N 292 
PRO CG  HG3  sing N N 293 
PRO CD  HD2  sing N N 294 
PRO CD  HD3  sing N N 295 
PRO OXT HXT  sing N N 296 
SER N   CA   sing N N 297 
SER N   H    sing N N 298 
SER N   H2   sing N N 299 
SER CA  C    sing N N 300 
SER CA  CB   sing N N 301 
SER CA  HA   sing N N 302 
SER C   O    doub N N 303 
SER C   OXT  sing N N 304 
SER CB  OG   sing N N 305 
SER CB  HB2  sing N N 306 
SER CB  HB3  sing N N 307 
SER OG  HG   sing N N 308 
SER OXT HXT  sing N N 309 
THR N   CA   sing N N 310 
THR N   H    sing N N 311 
THR N   H2   sing N N 312 
THR CA  C    sing N N 313 
THR CA  CB   sing N N 314 
THR CA  HA   sing N N 315 
THR C   O    doub N N 316 
THR C   OXT  sing N N 317 
THR CB  OG1  sing N N 318 
THR CB  CG2  sing N N 319 
THR CB  HB   sing N N 320 
THR OG1 HG1  sing N N 321 
THR CG2 HG21 sing N N 322 
THR CG2 HG22 sing N N 323 
THR CG2 HG23 sing N N 324 
THR OXT HXT  sing N N 325 
TRP N   CA   sing N N 326 
TRP N   H    sing N N 327 
TRP N   H2   sing N N 328 
TRP CA  C    sing N N 329 
TRP CA  CB   sing N N 330 
TRP CA  HA   sing N N 331 
TRP C   O    doub N N 332 
TRP C   OXT  sing N N 333 
TRP CB  CG   sing N N 334 
TRP CB  HB2  sing N N 335 
TRP CB  HB3  sing N N 336 
TRP CG  CD1  doub Y N 337 
TRP CG  CD2  sing Y N 338 
TRP CD1 NE1  sing Y N 339 
TRP CD1 HD1  sing N N 340 
TRP CD2 CE2  doub Y N 341 
TRP CD2 CE3  sing Y N 342 
TRP NE1 CE2  sing Y N 343 
TRP NE1 HE1  sing N N 344 
TRP CE2 CZ2  sing Y N 345 
TRP CE3 CZ3  doub Y N 346 
TRP CE3 HE3  sing N N 347 
TRP CZ2 CH2  doub Y N 348 
TRP CZ2 HZ2  sing N N 349 
TRP CZ3 CH2  sing Y N 350 
TRP CZ3 HZ3  sing N N 351 
TRP CH2 HH2  sing N N 352 
TRP OXT HXT  sing N N 353 
TYR N   CA   sing N N 354 
TYR N   H    sing N N 355 
TYR N   H2   sing N N 356 
TYR CA  C    sing N N 357 
TYR CA  CB   sing N N 358 
TYR CA  HA   sing N N 359 
TYR C   O    doub N N 360 
TYR C   OXT  sing N N 361 
TYR CB  CG   sing N N 362 
TYR CB  HB2  sing N N 363 
TYR CB  HB3  sing N N 364 
TYR CG  CD1  doub Y N 365 
TYR CG  CD2  sing Y N 366 
TYR CD1 CE1  sing Y N 367 
TYR CD1 HD1  sing N N 368 
TYR CD2 CE2  doub Y N 369 
TYR CD2 HD2  sing N N 370 
TYR CE1 CZ   doub Y N 371 
TYR CE1 HE1  sing N N 372 
TYR CE2 CZ   sing Y N 373 
TYR CE2 HE2  sing N N 374 
TYR CZ  OH   sing N N 375 
TYR OH  HH   sing N N 376 
TYR OXT HXT  sing N N 377 
VAL N   CA   sing N N 378 
VAL N   H    sing N N 379 
VAL N   H2   sing N N 380 
VAL CA  C    sing N N 381 
VAL CA  CB   sing N N 382 
VAL CA  HA   sing N N 383 
VAL C   O    doub N N 384 
VAL C   OXT  sing N N 385 
VAL CB  CG1  sing N N 386 
VAL CB  CG2  sing N N 387 
VAL CB  HB   sing N N 388 
VAL CG1 HG11 sing N N 389 
VAL CG1 HG12 sing N N 390 
VAL CG1 HG13 sing N N 391 
VAL CG2 HG21 sing N N 392 
VAL CG2 HG22 sing N N 393 
VAL CG2 HG23 sing N N 394 
VAL OXT HXT  sing N N 395 
# 
_atom_sites.entry_id                    4HXN 
_atom_sites.fract_transf_matrix[1][1]   -0.01359214 
_atom_sites.fract_transf_matrix[1][2]   0.01673917 
_atom_sites.fract_transf_matrix[1][3]   -0.02264657 
_atom_sites.fract_transf_matrix[2][1]   -0.00947122 
_atom_sites.fract_transf_matrix[2][2]   -0.01752833 
_atom_sites.fract_transf_matrix[2][3]   -0.00727154 
_atom_sites.fract_transf_matrix[3][1]   -0.00989090 
_atom_sites.fract_transf_matrix[3][2]   0.00220548 
_atom_sites.fract_transf_matrix[3][3]   0.00756655 
_atom_sites.fract_transf_vector[1]      -0.301014 
_atom_sites.fract_transf_vector[2]      -0.070937 
_atom_sites.fract_transf_vector[3]      0.110120 
# 
loop_
_atom_type.symbol 
C 
F 
N 
O 
S 
# 
loop_
_atom_site.group_PDB 
_atom_site.id 
_atom_site.type_symbol 
_atom_site.label_atom_id 
_atom_site.label_alt_id 
_atom_site.label_comp_id 
_atom_site.label_asym_id 
_atom_site.label_entity_id 
_atom_site.label_seq_id 
_atom_site.pdbx_PDB_ins_code 
_atom_site.Cartn_x 
_atom_site.Cartn_y 
_atom_site.Cartn_z 
_atom_site.occupancy 
_atom_site.B_iso_or_equiv 
_atom_site.pdbx_formal_charge 
_atom_site.auth_seq_id 
_atom_site.auth_comp_id 
_atom_site.auth_asym_id 
_atom_site.auth_atom_id 
_atom_site.pdbx_PDB_model_num 
ATOM   1    N N   . MET A 1 1   ? -7.344  -19.250 -4.217  1.00 22.77 ? 43  MET A N   1 
ATOM   2    C CA  . MET A 1 1   ? -8.532  -18.690 -3.570  1.00 26.85 ? 43  MET A CA  1 
ATOM   3    C C   . MET A 1 1   ? -8.222  -17.401 -2.816  1.00 21.78 ? 43  MET A C   1 
ATOM   4    O O   . MET A 1 1   ? -7.164  -17.263 -2.174  1.00 21.10 ? 43  MET A O   1 
ATOM   5    C CB  . MET A 1 1   ? -9.192  -19.713 -2.643  1.00 24.95 ? 43  MET A CB  1 
ATOM   6    C CG  . MET A 1 1   ? -10.276 -19.161 -1.724  1.00 23.03 ? 43  MET A CG  1 
ATOM   7    S SD  . MET A 1 1   ? -11.945 -19.398 -2.359  1.00 46.21 ? 43  MET A SD  1 
ATOM   8    C CE  . MET A 1 1   ? -12.399 -20.930 -1.549  1.00 27.54 ? 43  MET A CE  1 
ATOM   9    N N   . ASN A 1 2   ? -9.155  -16.460 -2.905  1.00 21.34 ? 44  ASN A N   1 
ATOM   10   C CA  . ASN A 1 2   ? -8.960  -15.127 -2.355  1.00 20.25 ? 44  ASN A CA  1 
ATOM   11   C C   . ASN A 1 2   ? -9.675  -14.944 -1.028  1.00 18.16 ? 44  ASN A C   1 
ATOM   12   O O   . ASN A 1 2   ? -10.838 -15.322 -0.878  1.00 18.30 ? 44  ASN A O   1 
ATOM   13   C CB  . ASN A 1 2   ? -9.448  -14.065 -3.342  1.00 17.60 ? 44  ASN A CB  1 
ATOM   14   C CG  . ASN A 1 2   ? -8.631  -14.030 -4.620  1.00 15.73 ? 44  ASN A CG  1 
ATOM   15   O OD1 . ASN A 1 2   ? -7.404  -14.132 -4.595  1.00 16.25 ? 44  ASN A OD1 1 
ATOM   16   N ND2 . ASN A 1 2   ? -9.311  -13.872 -5.747  1.00 19.33 ? 44  ASN A ND2 1 
ATOM   17   N N   . PRO A 1 3   ? -8.981  -14.349 -0.055  1.00 15.72 ? 45  PRO A N   1 
ATOM   18   C CA  . PRO A 1 3   ? -9.632  -13.960 1.192   1.00 14.72 ? 45  PRO A CA  1 
ATOM   19   C C   . PRO A 1 3   ? -10.358 -12.640 0.954   1.00 15.05 ? 45  PRO A C   1 
ATOM   20   O O   . PRO A 1 3   ? -10.166 -12.029 -0.104  1.00 15.64 ? 45  PRO A O   1 
ATOM   21   C CB  . PRO A 1 3   ? -8.447  -13.757 2.132   1.00 16.40 ? 45  PRO A CB  1 
ATOM   22   C CG  . PRO A 1 3   ? -7.376  -13.251 1.230   1.00 18.03 ? 45  PRO A CG  1 
ATOM   23   C CD  . PRO A 1 3   ? -7.556  -13.976 -0.071  1.00 15.98 ? 45  PRO A CD  1 
ATOM   24   N N   . PRO A 1 4   ? -11.190 -12.205 1.907   1.00 15.68 ? 46  PRO A N   1 
ATOM   25   C CA  . PRO A 1 4   ? -11.787 -10.882 1.735   1.00 15.99 ? 46  PRO A CA  1 
ATOM   26   C C   . PRO A 1 4   ? -10.674 -9.849  1.732   1.00 15.49 ? 46  PRO A C   1 
ATOM   27   O O   . PRO A 1 4   ? -9.673  -10.054 2.415   1.00 15.70 ? 46  PRO A O   1 
ATOM   28   C CB  . PRO A 1 4   ? -12.640 -10.713 2.997   1.00 18.97 ? 46  PRO A CB  1 
ATOM   29   C CG  . PRO A 1 4   ? -12.799 -12.079 3.563   1.00 21.58 ? 46  PRO A CG  1 
ATOM   30   C CD  . PRO A 1 4   ? -11.585 -12.843 3.173   1.00 20.74 ? 46  PRO A CD  1 
ATOM   31   N N   . PRO A 1 5   ? -10.838 -8.764  0.968   1.00 16.99 ? 47  PRO A N   1 
ATOM   32   C CA  . PRO A 1 5   ? -9.826  -7.708  0.971   1.00 13.83 ? 47  PRO A CA  1 
ATOM   33   C C   . PRO A 1 5   ? -9.780  -7.012  2.330   1.00 14.37 ? 47  PRO A C   1 
ATOM   34   O O   . PRO A 1 5   ? -10.734 -7.099  3.107   1.00 16.25 ? 47  PRO A O   1 
ATOM   35   C CB  . PRO A 1 5   ? -10.322 -6.748  -0.113  1.00 17.23 ? 47  PRO A CB  1 
ATOM   36   C CG  . PRO A 1 5   ? -11.786 -6.995  -0.200  1.00 19.25 ? 47  PRO A CG  1 
ATOM   37   C CD  . PRO A 1 5   ? -11.969 -8.449  0.082   1.00 19.09 ? 47  PRO A CD  1 
ATOM   38   N N   . PRO A 1 6   ? -8.665  -6.332  2.630   1.00 13.05 ? 48  PRO A N   1 
ATOM   39   C CA  . PRO A 1 6   ? -8.591  -5.620  3.908   1.00 12.71 ? 48  PRO A CA  1 
ATOM   40   C C   . PRO A 1 6   ? -9.702  -4.577  4.019   1.00 12.31 ? 48  PRO A C   1 
ATOM   41   O O   . PRO A 1 6   ? -10.133 -4.015  3.003   1.00 11.92 ? 48  PRO A O   1 
ATOM   42   C CB  . PRO A 1 6   ? -7.217  -4.938  3.844   1.00 13.31 ? 48  PRO A CB  1 
ATOM   43   C CG  . PRO A 1 6   ? -6.435  -5.776  2.846   1.00 13.84 ? 48  PRO A CG  1 
ATOM   44   C CD  . PRO A 1 6   ? -7.441  -6.160  1.826   1.00 14.30 ? 48  PRO A CD  1 
ATOM   45   N N   . GLU A 1 7   ? -10.166 -4.324  5.241   1.00 12.56 ? 49  GLU A N   1 
ATOM   46   C CA  . GLU A 1 7   ? -11.230 -3.353  5.452   1.00 13.63 ? 49  GLU A CA  1 
ATOM   47   C C   . GLU A 1 7   ? -10.781 -1.960  5.033   1.00 11.05 ? 49  GLU A C   1 
ATOM   48   O O   . GLU A 1 7   ? -9.598  -1.623  5.119   1.00 11.78 ? 49  GLU A O   1 
ATOM   49   C CB  . GLU A 1 7   ? -11.660 -3.345  6.921   1.00 12.96 ? 49  GLU A CB  1 
ATOM   50   C CG  . GLU A 1 7   ? -10.606 -2.800  7.878   1.00 11.39 ? 49  GLU A CG  1 
ATOM   51   C CD  . GLU A 1 7   ? -11.010 -2.925  9.342   1.00 13.12 ? 49  GLU A CD  1 
ATOM   52   O OE1 . GLU A 1 7   ? -10.379 -2.262  10.200  1.00 13.33 ? 49  GLU A OE1 1 
ATOM   53   O OE2 . GLU A 1 7   ? -11.953 -3.697  9.629   1.00 15.06 ? 49  GLU A OE2 1 
ATOM   54   N N   . THR A 1 8   ? -11.724 -1.152  4.567   1.00 13.06 ? 50  THR A N   1 
ATOM   55   C CA  . THR A 1 8   ? -11.432 0.237   4.243   1.00 13.16 ? 50  THR A CA  1 
ATOM   56   C C   . THR A 1 8   ? -12.266 1.171   5.109   1.00 13.12 ? 50  THR A C   1 
ATOM   57   O O   . THR A 1 8   ? -12.196 2.386   4.975   1.00 13.97 ? 50  THR A O   1 
ATOM   58   C CB  . THR A 1 8   ? -11.646 0.535   2.748   1.00 12.86 ? 50  THR A CB  1 
ATOM   59   O OG1 . THR A 1 8   ? -12.962 0.127   2.365   1.00 15.69 ? 50  THR A OG1 1 
ATOM   60   C CG2 . THR A 1 8   ? -10.634 -0.234  1.914   1.00 14.53 ? 50  THR A CG2 1 
ATOM   61   N N   . SER A 1 9   ? -13.067 0.573   5.985   1.00 12.59 ? 51  SER A N   1 
ATOM   62   C CA  . SER A 1 9   ? -13.819 1.308   6.996   1.00 11.66 ? 51  SER A CA  1 
ATOM   63   C C   . SER A 1 9   ? -13.981 0.403   8.206   1.00 11.32 ? 51  SER A C   1 
ATOM   64   O O   . SER A 1 9   ? -13.930 -0.822  8.086   1.00 13.87 ? 51  SER A O   1 
ATOM   65   C CB  . SER A 1 9   ? -15.191 1.720   6.463   1.00 15.55 ? 51  SER A CB  1 
ATOM   66   O OG  . SER A 1 9   ? -15.975 0.585   6.160   1.00 17.72 ? 51  SER A OG  1 
ATOM   67   N N   . ASN A 1 10  ? -14.181 1.006   9.372   1.00 11.02 ? 52  ASN A N   1 
ATOM   68   C CA  . ASN A 1 10  ? -14.397 0.259   10.599  1.00 11.92 ? 52  ASN A CA  1 
ATOM   69   C C   . ASN A 1 10  ? -15.035 1.221   11.582  1.00 11.01 ? 52  ASN A C   1 
ATOM   70   O O   . ASN A 1 10  ? -14.370 2.110   12.084  1.00 10.67 ? 52  ASN A O   1 
ATOM   71   C CB  . ASN A 1 10  ? -13.073 -0.275  11.153  1.00 11.71 ? 52  ASN A CB  1 
ATOM   72   C CG  . ASN A 1 10  ? -13.258 -1.161  12.371  1.00 17.69 ? 52  ASN A CG  1 
ATOM   73   O OD1 . ASN A 1 10  ? -14.152 -0.938  13.195  1.00 16.46 ? 52  ASN A OD1 1 
ATOM   74   N ND2 . ASN A 1 10  ? -12.400 -2.165  12.504  1.00 21.52 ? 52  ASN A ND2 1 
ATOM   75   N N   . PRO A 1 11  ? -16.339 1.060   11.839  1.00 9.95  ? 53  PRO A N   1 
ATOM   76   C CA  . PRO A 1 11  ? -17.082 2.017   12.667  1.00 10.96 ? 53  PRO A CA  1 
ATOM   77   C C   . PRO A 1 11  ? -16.611 2.113   14.106  1.00 13.38 ? 53  PRO A C   1 
ATOM   78   O O   . PRO A 1 11  ? -16.869 3.141   14.727  1.00 15.42 ? 53  PRO A O   1 
ATOM   79   C CB  . PRO A 1 11  ? -18.513 1.474   12.628  1.00 13.77 ? 53  PRO A CB  1 
ATOM   80   C CG  . PRO A 1 11  ? -18.583 0.713   11.369  1.00 14.15 ? 53  PRO A CG  1 
ATOM   81   C CD  . PRO A 1 11  ? -17.237 0.065   11.232  1.00 12.01 ? 53  PRO A CD  1 
ATOM   82   N N   . ASN A 1 12  ? -15.947 1.099   14.646  1.00 12.59 ? 54  ASN A N   1 
ATOM   83   C CA  . ASN A 1 12  ? -15.468 1.262   16.015  1.00 18.45 ? 54  ASN A CA  1 
ATOM   84   C C   . ASN A 1 12  ? -14.038 1.797   16.110  1.00 16.66 ? 54  ASN A C   1 
ATOM   85   O O   . ASN A 1 12  ? -13.550 2.074   17.203  1.00 22.70 ? 54  ASN A O   1 
ATOM   86   C CB  . ASN A 1 12  ? -15.684 0.010   16.864  1.00 26.42 ? 54  ASN A CB  1 
ATOM   87   C CG  . ASN A 1 12  ? -17.121 -0.108  17.386  1.00 23.29 ? 54  ASN A CG  1 
ATOM   88   O OD1 . ASN A 1 12  ? -17.778 0.894   17.723  1.00 20.94 ? 54  ASN A OD1 1 
ATOM   89   N ND2 . ASN A 1 12  ? -17.610 -1.334  17.463  1.00 22.23 ? 54  ASN A ND2 1 
ATOM   90   N N   . LYS A 1 13  ? -13.394 1.986   14.964  1.00 12.22 ? 55  LYS A N   1 
ATOM   91   C CA  . LYS A 1 13  ? -12.078 2.618   14.905  1.00 12.70 ? 55  LYS A CA  1 
ATOM   92   C C   . LYS A 1 13  ? -12.242 4.126   14.727  1.00 11.10 ? 55  LYS A C   1 
ATOM   93   O O   . LYS A 1 13  ? -12.985 4.575   13.854  1.00 13.65 ? 55  LYS A O   1 
ATOM   94   C CB  . LYS A 1 13  ? -11.290 2.038   13.734  1.00 11.07 ? 55  LYS A CB  1 
ATOM   95   C CG  . LYS A 1 13  ? -9.823  2.437   13.682  1.00 12.49 ? 55  LYS A CG  1 
ATOM   96   C CD  . LYS A 1 13  ? -9.174  1.826   12.440  1.00 14.32 ? 55  LYS A CD  1 
ATOM   97   C CE  . LYS A 1 13  ? -7.668  2.004   12.433  1.00 13.88 ? 55  LYS A CE  1 
ATOM   98   N NZ  . LYS A 1 13  ? -7.263  3.419   12.217  1.00 14.36 ? 55  LYS A NZ  1 
ATOM   99   N N   . PRO A 1 14  ? -11.558 4.929   15.560  1.00 11.71 ? 56  PRO A N   1 
ATOM   100  C CA  . PRO A 1 14  ? -11.724 6.376   15.407  1.00 10.34 ? 56  PRO A CA  1 
ATOM   101  C C   . PRO A 1 14  ? -11.035 6.898   14.139  1.00 11.69 ? 56  PRO A C   1 
ATOM   102  O O   . PRO A 1 14  ? -10.018 6.341   13.699  1.00 13.91 ? 56  PRO A O   1 
ATOM   103  C CB  . PRO A 1 14  ? -11.081 6.940   16.682  1.00 12.02 ? 56  PRO A CB  1 
ATOM   104  C CG  . PRO A 1 14  ? -10.086 5.916   17.089  1.00 14.60 ? 56  PRO A CG  1 
ATOM   105  C CD  . PRO A 1 14  ? -10.670 4.579   16.683  1.00 13.04 ? 56  PRO A CD  1 
ATOM   106  N N   . LYS A 1 15  ? -11.623 7.931   13.543  1.00 12.47 ? 57  LYS A N   1 
ATOM   107  C CA  . LYS A 1 15  ? -11.089 8.556   12.339  1.00 12.39 ? 57  LYS A CA  1 
ATOM   108  C C   . LYS A 1 15  ? -10.291 9.799   12.681  1.00 13.14 ? 57  LYS A C   1 
ATOM   109  O O   . LYS A 1 15  ? -10.457 10.386  13.755  1.00 12.39 ? 57  LYS A O   1 
ATOM   110  C CB  . LYS A 1 15  ? -12.222 8.996   11.420  1.00 11.49 ? 57  LYS A CB  1 
ATOM   111  C CG  . LYS A 1 15  ? -13.066 7.893   10.855  1.00 13.35 ? 57  LYS A CG  1 
ATOM   112  C CD  . LYS A 1 15  ? -13.950 8.469   9.768   1.00 14.05 ? 57  LYS A CD  1 
ATOM   113  C CE  . LYS A 1 15  ? -14.688 7.390   9.014   1.00 16.98 ? 57  LYS A CE  1 
ATOM   114  N NZ  . LYS A 1 15  ? -15.436 8.012   7.895   1.00 14.77 ? 57  LYS A NZ  1 
ATOM   115  N N   . ARG A 1 16  ? -9.437  10.224  11.758  1.00 11.85 ? 58  ARG A N   1 
ATOM   116  C CA  . ARG A 1 16  ? -8.789  11.518  11.918  1.00 11.88 ? 58  ARG A CA  1 
ATOM   117  C C   . ARG A 1 16  ? -8.322  12.078  10.587  1.00 14.37 ? 58  ARG A C   1 
ATOM   118  O O   . ARG A 1 16  ? -8.043  11.332  9.645   1.00 13.66 ? 58  ARG A O   1 
ATOM   119  C CB  . ARG A 1 16  ? -7.624  11.437  12.902  1.00 14.85 ? 58  ARG A CB  1 
ATOM   120  C CG  . ARG A 1 16  ? -7.295  12.784  13.543  1.00 17.43 ? 58  ARG A CG  1 
ATOM   121  C CD  . ARG A 1 16  ? -6.523  12.634  14.839  1.00 20.90 ? 58  ARG A CD  1 
ATOM   122  N NE  . ARG A 1 16  ? -5.179  12.143  14.578  1.00 21.36 ? 58  ARG A NE  1 
ATOM   123  C CZ  . ARG A 1 16  ? -4.087  12.535  15.227  1.00 16.25 ? 58  ARG A CZ  1 
ATOM   124  N NH1 . ARG A 1 16  ? -4.157  13.431  16.204  1.00 21.77 ? 58  ARG A NH1 1 
ATOM   125  N NH2 . ARG A 1 16  ? -2.915  12.024  14.891  1.00 16.91 ? 58  ARG A NH2 1 
ATOM   126  N N   . GLN A 1 17  ? -8.269  13.398  10.510  1.00 14.25 ? 59  GLN A N   1 
ATOM   127  C CA  . GLN A 1 17  ? -7.653  14.068  9.385   1.00 16.62 ? 59  GLN A CA  1 
ATOM   128  C C   . GLN A 1 17  ? -6.524  14.946  9.893   1.00 16.95 ? 59  GLN A C   1 
ATOM   129  O O   . GLN A 1 17  ? -6.676  15.666  10.883  1.00 17.11 ? 59  GLN A O   1 
ATOM   130  C CB  . GLN A 1 17  ? -8.675  14.899  8.611   1.00 21.20 ? 59  GLN A CB  1 
ATOM   131  C CG  . GLN A 1 17  ? -8.096  15.580  7.369   1.00 25.66 ? 59  GLN A CG  1 
ATOM   132  C CD  . GLN A 1 17  ? -7.659  14.595  6.290   1.00 26.85 ? 59  GLN A CD  1 
ATOM   133  O OE1 . GLN A 1 17  ? -6.694  13.841  6.460   1.00 21.18 ? 59  GLN A OE1 1 
ATOM   134  N NE2 . GLN A 1 17  ? -8.366  14.610  5.162   1.00 30.65 ? 59  GLN A NE2 1 
ATOM   135  N N   . THR A 1 18  ? -5.372  14.853  9.239   1.00 14.42 ? 60  THR A N   1 
ATOM   136  C CA  . THR A 1 18  ? -4.224  15.675  9.587   1.00 12.56 ? 60  THR A CA  1 
ATOM   137  C C   . THR A 1 18  ? -3.626  16.204  8.296   1.00 13.41 ? 60  THR A C   1 
ATOM   138  O O   . THR A 1 18  ? -3.911  15.668  7.215   1.00 14.43 ? 60  THR A O   1 
ATOM   139  C CB  . THR A 1 18  ? -3.152  14.884  10.373  1.00 12.96 ? 60  THR A CB  1 
ATOM   140  O OG1 . THR A 1 18  ? -2.536  13.912  9.514   1.00 14.16 ? 60  THR A OG1 1 
ATOM   141  C CG2 . THR A 1 18  ? -3.747  14.179  11.589  1.00 16.27 ? 60  THR A CG2 1 
ATOM   142  N N   . ASN A 1 19  ? -2.812  17.252  8.398   1.00 15.62 ? 61  ASN A N   1 
ATOM   143  C CA  . ASN A 1 19  ? -2.120  17.783  7.233   1.00 15.55 ? 61  ASN A CA  1 
ATOM   144  C C   . ASN A 1 19  ? -1.253  16.712  6.586   1.00 14.36 ? 61  ASN A C   1 
ATOM   145  O O   . ASN A 1 19  ? -1.165  16.629  5.360   1.00 15.95 ? 61  ASN A O   1 
ATOM   146  C CB  . ASN A 1 19  ? -1.256  18.991  7.611   1.00 17.51 ? 61  ASN A CB  1 
ATOM   147  C CG  . ASN A 1 19  ? -2.078  20.179  8.068   1.00 22.09 ? 61  ASN A CG  1 
ATOM   148  O OD1 . ASN A 1 19  ? -3.256  20.299  7.740   1.00 25.92 ? 61  ASN A OD1 1 
ATOM   149  N ND2 . ASN A 1 19  ? -1.448  21.075  8.823   1.00 28.39 ? 61  ASN A ND2 1 
ATOM   150  N N   . GLN A 1 20  ? -0.630  15.880  7.413   1.00 13.21 ? 62  GLN A N   1 
ATOM   151  C CA  . GLN A 1 20  ? 0.234   14.820  6.897   1.00 12.15 ? 62  GLN A CA  1 
ATOM   152  C C   . GLN A 1 20  ? -0.558  13.748  6.154   1.00 12.27 ? 62  GLN A C   1 
ATOM   153  O O   . GLN A 1 20  ? -0.127  13.279  5.106   1.00 11.47 ? 62  GLN A O   1 
ATOM   154  C CB  . GLN A 1 20  ? 1.093   14.211  8.008   1.00 12.19 ? 62  GLN A CB  1 
ATOM   155  C CG  . GLN A 1 20  ? 2.084   15.206  8.626   1.00 14.54 ? 62  GLN A CG  1 
ATOM   156  C CD  . GLN A 1 20  ? 3.101   14.547  9.539   1.00 21.55 ? 62  GLN A CD  1 
ATOM   157  O OE1 . GLN A 1 20  ? 3.008   13.355  9.834   1.00 26.02 ? 62  GLN A OE1 1 
ATOM   158  N NE2 . GLN A 1 20  ? 4.088   15.322  9.983   1.00 22.85 ? 62  GLN A NE2 1 
ATOM   159  N N   . LEU A 1 21  ? -1.723  13.374  6.675   1.00 11.57 ? 63  LEU A N   1 
ATOM   160  C CA  . LEU A 1 21  ? -2.565  12.400  5.976   1.00 11.01 ? 63  LEU A CA  1 
ATOM   161  C C   . LEU A 1 21  ? -3.108  12.964  4.665   1.00 12.99 ? 63  LEU A C   1 
ATOM   162  O O   . LEU A 1 21  ? -3.197  12.244  3.671   1.00 13.74 ? 63  LEU A O   1 
ATOM   163  C CB  . LEU A 1 21  ? -3.700  11.896  6.878   1.00 12.46 ? 63  LEU A CB  1 
ATOM   164  C CG  . LEU A 1 21  ? -3.285  10.879  7.944   1.00 11.31 ? 63  LEU A CG  1 
ATOM   165  C CD1 . LEU A 1 21  ? -4.351  10.767  9.031   1.00 13.30 ? 63  LEU A CD1 1 
ATOM   166  C CD2 . LEU A 1 21  ? -3.014  9.515   7.326   1.00 12.99 ? 63  LEU A CD2 1 
ATOM   167  N N   . GLN A 1 22  ? -3.454  14.251  4.653   1.00 12.53 ? 64  GLN A N   1 
ATOM   168  C CA  . GLN A 1 22  ? -3.911  14.889  3.423   1.00 14.31 ? 64  GLN A CA  1 
ATOM   169  C C   . GLN A 1 22  ? -2.820  14.828  2.351   1.00 12.04 ? 64  GLN A C   1 
ATOM   170  O O   . GLN A 1 22  ? -3.093  14.530  1.187   1.00 13.53 ? 64  GLN A O   1 
ATOM   171  C CB  . GLN A 1 22  ? -4.313  16.340  3.686   1.00 16.05 ? 64  GLN A CB  1 
ATOM   172  C CG  . GLN A 1 22  ? -5.586  16.483  4.488   1.00 22.71 ? 64  GLN A CG  1 
ATOM   173  C CD  . GLN A 1 22  ? -5.956  17.934  4.737   1.00 25.56 ? 64  GLN A CD  1 
ATOM   174  O OE1 . GLN A 1 22  ? -5.236  18.665  5.422   1.00 30.24 ? 64  GLN A OE1 1 
ATOM   175  N NE2 . GLN A 1 22  ? -7.082  18.359  4.178   1.00 35.19 ? 64  GLN A NE2 1 
ATOM   176  N N   . TYR A 1 23  ? -1.587  15.097  2.770   1.00 11.79 ? 65  TYR A N   1 
ATOM   177  C CA  . TYR A 1 23  ? -0.421  15.050  1.900   1.00 11.72 ? 65  TYR A CA  1 
ATOM   178  C C   . TYR A 1 23  ? -0.175  13.635  1.374   1.00 11.01 ? 65  TYR A C   1 
ATOM   179  O O   . TYR A 1 23  ? 0.161   13.437  0.200   1.00 11.37 ? 65  TYR A O   1 
ATOM   180  C CB  . TYR A 1 23  ? 0.796   15.542  2.690   1.00 10.78 ? 65  TYR A CB  1 
ATOM   181  C CG  . TYR A 1 23  ? 2.096   15.594  1.936   1.00 11.21 ? 65  TYR A CG  1 
ATOM   182  C CD1 . TYR A 1 23  ? 2.408   16.679  1.126   1.00 15.60 ? 65  TYR A CD1 1 
ATOM   183  C CD2 . TYR A 1 23  ? 3.031   14.577  2.065   1.00 13.44 ? 65  TYR A CD2 1 
ATOM   184  C CE1 . TYR A 1 23  ? 3.609   16.742  0.453   1.00 16.11 ? 65  TYR A CE1 1 
ATOM   185  C CE2 . TYR A 1 23  ? 4.239   14.626  1.390   1.00 11.73 ? 65  TYR A CE2 1 
ATOM   186  C CZ  . TYR A 1 23  ? 4.520   15.715  0.582   1.00 15.19 ? 65  TYR A CZ  1 
ATOM   187  O OH  . TYR A 1 23  ? 5.717   15.786  -0.099  1.00 19.82 ? 65  TYR A OH  1 
ATOM   188  N N   . LEU A 1 24  ? -0.326  12.649  2.247   1.00 10.54 ? 66  LEU A N   1 
ATOM   189  C CA  . LEU A 1 24  ? -0.120  11.260  1.834   1.00 9.78  ? 66  LEU A CA  1 
ATOM   190  C C   . LEU A 1 24  ? -1.066  10.858  0.706   1.00 11.41 ? 66  LEU A C   1 
ATOM   191  O O   . LEU A 1 24  ? -0.697  10.077  -0.171  1.00 12.23 ? 66  LEU A O   1 
ATOM   192  C CB  . LEU A 1 24  ? -0.264  10.306  3.019   1.00 10.81 ? 66  LEU A CB  1 
ATOM   193  C CG  . LEU A 1 24  ? 0.968   10.173  3.914   1.00 12.05 ? 66  LEU A CG  1 
ATOM   194  C CD1 . LEU A 1 24  ? 0.632   9.454   5.202   1.00 14.17 ? 66  LEU A CD1 1 
ATOM   195  C CD2 . LEU A 1 24  ? 2.083   9.436   3.179   1.00 17.96 ? 66  LEU A CD2 1 
ATOM   196  N N   . LEU A 1 25  ? -2.282  11.393  0.716   1.00 11.36 ? 67  LEU A N   1 
ATOM   197  C CA  . LEU A 1 25  ? -3.224  11.121  -0.359  1.00 11.48 ? 67  LEU A CA  1 
ATOM   198  C C   . LEU A 1 25  ? -2.932  11.973  -1.591  1.00 12.63 ? 67  LEU A C   1 
ATOM   199  O O   . LEU A 1 25  ? -2.699  11.437  -2.682  1.00 14.24 ? 67  LEU A O   1 
ATOM   200  C CB  . LEU A 1 25  ? -4.665  11.338  0.117   1.00 13.75 ? 67  LEU A CB  1 
ATOM   201  C CG  . LEU A 1 25  ? -5.734  11.141  -0.957  1.00 12.88 ? 67  LEU A CG  1 
ATOM   202  C CD1 . LEU A 1 25  ? -5.645  9.739   -1.545  1.00 13.57 ? 67  LEU A CD1 1 
ATOM   203  C CD2 . LEU A 1 25  ? -7.114  11.398  -0.354  1.00 13.18 ? 67  LEU A CD2 1 
ATOM   204  N N   . ARG A 1 26  ? -2.915  13.293  -1.407  1.00 13.86 ? 68  ARG A N   1 
ATOM   205  C CA  . ARG A 1 26  ? -2.832  14.213  -2.536  1.00 16.14 ? 68  ARG A CA  1 
ATOM   206  C C   . ARG A 1 26  ? -1.505  14.129  -3.273  1.00 14.69 ? 68  ARG A C   1 
ATOM   207  O O   . ARG A 1 26  ? -1.471  14.159  -4.506  1.00 17.57 ? 68  ARG A O   1 
ATOM   208  C CB  . ARG A 1 26  ? -3.076  15.651  -2.086  1.00 15.78 ? 68  ARG A CB  1 
ATOM   209  C CG  . ARG A 1 26  ? -3.049  16.649  -3.240  1.00 21.65 ? 68  ARG A CG  1 
ATOM   210  C CD  . ARG A 1 26  ? -3.109  18.083  -2.750  1.00 27.03 ? 68  ARG A CD  1 
ATOM   211  N NE  . ARG A 1 26  ? -1.909  18.473  -2.016  1.00 28.22 ? 68  ARG A NE  1 
ATOM   212  C CZ  . ARG A 1 26  ? -0.834  19.023  -2.573  1.00 28.23 ? 68  ARG A CZ  1 
ATOM   213  N NH1 . ARG A 1 26  ? 0.208   19.345  -1.820  1.00 26.95 ? 68  ARG A NH1 1 
ATOM   214  N NH2 . ARG A 1 26  ? -0.793  19.243  -3.882  1.00 31.88 ? 68  ARG A NH2 1 
ATOM   215  N N   . VAL A 1 27  ? -0.415  14.025  -2.521  1.00 13.64 ? 69  VAL A N   1 
ATOM   216  C CA  . VAL A 1 27  ? 0.912   14.003  -3.119  1.00 13.31 ? 69  VAL A CA  1 
ATOM   217  C C   . VAL A 1 27  ? 1.523   12.604  -3.223  1.00 14.10 ? 69  VAL A C   1 
ATOM   218  O O   . VAL A 1 27  ? 1.879   12.154  -4.315  1.00 15.84 ? 69  VAL A O   1 
ATOM   219  C CB  . VAL A 1 27  ? 1.890   14.931  -2.361  1.00 12.23 ? 69  VAL A CB  1 
ATOM   220  C CG1 . VAL A 1 27  ? 3.269   14.856  -2.982  1.00 16.44 ? 69  VAL A CG1 1 
ATOM   221  C CG2 . VAL A 1 27  ? 1.370   16.359  -2.365  1.00 16.38 ? 69  VAL A CG2 1 
ATOM   222  N N   . VAL A 1 28  ? 1.643   11.902  -2.100  1.00 12.22 ? 70  VAL A N   1 
ATOM   223  C CA  . VAL A 1 28  ? 2.405   10.656  -2.099  1.00 11.10 ? 70  VAL A CA  1 
ATOM   224  C C   . VAL A 1 28  ? 1.701   9.531   -2.867  1.00 10.74 ? 70  VAL A C   1 
ATOM   225  O O   . VAL A 1 28  ? 2.251   9.003   -3.832  1.00 11.66 ? 70  VAL A O   1 
ATOM   226  C CB  . VAL A 1 28  ? 2.757   10.204  -0.676  1.00 9.77  ? 70  VAL A CB  1 
ATOM   227  C CG1 . VAL A 1 28  ? 3.583   8.923   -0.718  1.00 11.88 ? 70  VAL A CG1 1 
ATOM   228  C CG2 . VAL A 1 28  ? 3.508   11.318  0.067   1.00 13.07 ? 70  VAL A CG2 1 
ATOM   229  N N   . LEU A 1 29  ? 0.486   9.181   -2.459  1.00 10.31 ? 71  LEU A N   1 
ATOM   230  C CA  . LEU A 1 29  ? -0.250  8.109   -3.138  1.00 10.83 ? 71  LEU A CA  1 
ATOM   231  C C   . LEU A 1 29  ? -0.538  8.460   -4.599  1.00 10.98 ? 71  LEU A C   1 
ATOM   232  O O   . LEU A 1 29  ? -0.282  7.659   -5.500  1.00 11.63 ? 71  LEU A O   1 
ATOM   233  C CB  . LEU A 1 29  ? -1.554  7.799   -2.390  1.00 11.48 ? 71  LEU A CB  1 
ATOM   234  C CG  . LEU A 1 29  ? -2.415  6.604   -2.832  1.00 17.82 ? 71  LEU A CG  1 
ATOM   235  C CD1 . LEU A 1 29  ? -3.331  6.936   -4.012  1.00 13.98 ? 71  LEU A CD1 1 
ATOM   236  C CD2 . LEU A 1 29  ? -1.559  5.395   -3.127  1.00 20.94 ? 71  LEU A CD2 1 
ATOM   237  N N   . LYS A 1 30  ? -1.073  9.655   -4.833  1.00 12.74 ? 72  LYS A N   1 
ATOM   238  C CA  . LYS A 1 30  ? -1.508  10.023  -6.178  1.00 13.52 ? 72  LYS A CA  1 
ATOM   239  C C   . LYS A 1 30  ? -0.353  10.143  -7.169  1.00 12.64 ? 72  LYS A C   1 
ATOM   240  O O   . LYS A 1 30  ? -0.540  9.930   -8.365  1.00 15.43 ? 72  LYS A O   1 
ATOM   241  C CB  . LYS A 1 30  ? -2.336  11.307  -6.163  1.00 15.78 ? 72  LYS A CB  1 
ATOM   242  C CG  . LYS A 1 30  ? -3.835  11.081  -6.260  1.00 25.67 ? 72  LYS A CG  1 
ATOM   243  C CD  . LYS A 1 30  ? -4.357  10.286  -5.093  1.00 24.29 ? 72  LYS A CD  1 
ATOM   244  C CE  . LYS A 1 30  ? -5.883  10.326  -5.044  1.00 25.42 ? 72  LYS A CE  1 
ATOM   245  N NZ  . LYS A 1 30  ? -6.411  11.715  -4.999  1.00 27.71 ? 72  LYS A NZ  1 
ATOM   246  N N   . THR A 1 31  ? 0.836   10.476  -6.679  1.00 11.71 ? 73  THR A N   1 
ATOM   247  C CA  . THR A 1 31  ? 2.012   10.526  -7.544  1.00 10.36 ? 73  THR A CA  1 
ATOM   248  C C   . THR A 1 31  ? 2.544   9.114   -7.828  1.00 11.76 ? 73  THR A C   1 
ATOM   249  O O   . THR A 1 31  ? 2.787   8.753   -8.984  1.00 12.46 ? 73  THR A O   1 
ATOM   250  C CB  . THR A 1 31  ? 3.122   11.431  -6.969  1.00 14.07 ? 73  THR A CB  1 
ATOM   251  O OG1 . THR A 1 31  ? 2.580   12.731  -6.688  1.00 15.22 ? 73  THR A OG1 1 
ATOM   252  C CG2 . THR A 1 31  ? 4.256   11.572  -7.960  1.00 15.82 ? 73  THR A CG2 1 
ATOM   253  N N   . LEU A 1 32  ? 2.704   8.303   -6.784  1.00 11.00 ? 74  LEU A N   1 
ATOM   254  C CA  . LEU A 1 32  ? 3.130   6.913   -6.969  1.00 11.23 ? 74  LEU A CA  1 
ATOM   255  C C   . LEU A 1 32  ? 2.197   6.163   -7.914  1.00 9.68  ? 74  LEU A C   1 
ATOM   256  O O   . LEU A 1 32  ? 2.643   5.338   -8.717  1.00 11.59 ? 74  LEU A O   1 
ATOM   257  C CB  . LEU A 1 32  ? 3.191   6.175   -5.632  1.00 13.34 ? 74  LEU A CB  1 
ATOM   258  C CG  . LEU A 1 32  ? 4.391   6.439   -4.726  1.00 18.91 ? 74  LEU A CG  1 
ATOM   259  C CD1 . LEU A 1 32  ? 4.105   5.871   -3.338  1.00 19.84 ? 74  LEU A CD1 1 
ATOM   260  C CD2 . LEU A 1 32  ? 5.656   5.840   -5.315  1.00 23.51 ? 74  LEU A CD2 1 
ATOM   261  N N   . TRP A 1 33  ? 0.906   6.467   -7.827  1.00 9.53  ? 75  TRP A N   1 
ATOM   262  C CA  . TRP A 1 33  ? -0.099  5.788   -8.642  1.00 11.11 ? 75  TRP A CA  1 
ATOM   263  C C   . TRP A 1 33  ? 0.190   5.925   -10.132 1.00 13.08 ? 75  TRP A C   1 
ATOM   264  O O   . TRP A 1 33  ? -0.158  5.051   -10.923 1.00 12.96 ? 75  TRP A O   1 
ATOM   265  C CB  . TRP A 1 33  ? -1.475  6.369   -8.333  1.00 11.54 ? 75  TRP A CB  1 
ATOM   266  C CG  . TRP A 1 33  ? -2.628  5.584   -8.856  1.00 13.29 ? 75  TRP A CG  1 
ATOM   267  C CD1 . TRP A 1 33  ? -3.196  5.683   -10.096 1.00 15.18 ? 75  TRP A CD1 1 
ATOM   268  C CD2 . TRP A 1 33  ? -3.390  4.609   -8.139  1.00 11.92 ? 75  TRP A CD2 1 
ATOM   269  N NE1 . TRP A 1 33  ? -4.265  4.816   -10.196 1.00 14.70 ? 75  TRP A NE1 1 
ATOM   270  C CE2 . TRP A 1 33  ? -4.394  4.137   -9.012  1.00 13.13 ? 75  TRP A CE2 1 
ATOM   271  C CE3 . TRP A 1 33  ? -3.303  4.064   -6.855  1.00 11.14 ? 75  TRP A CE3 1 
ATOM   272  C CZ2 . TRP A 1 33  ? -5.320  3.170   -8.630  1.00 14.44 ? 75  TRP A CZ2 1 
ATOM   273  C CZ3 . TRP A 1 33  ? -4.229  3.104   -6.477  1.00 13.32 ? 75  TRP A CZ3 1 
ATOM   274  C CH2 . TRP A 1 33  ? -5.216  2.665   -7.363  1.00 13.39 ? 75  TRP A CH2 1 
ATOM   275  N N   . LYS A 1 34  ? 0.838   7.022   -10.509 1.00 11.46 ? 76  LYS A N   1 
ATOM   276  C CA  . LYS A 1 34  ? 1.070   7.323   -11.918 1.00 14.62 ? 76  LYS A CA  1 
ATOM   277  C C   . LYS A 1 34  ? 2.360   6.740   -12.474 1.00 12.62 ? 76  LYS A C   1 
ATOM   278  O O   . LYS A 1 34  ? 2.583   6.775   -13.688 1.00 14.05 ? 76  LYS A O   1 
ATOM   279  C CB  . LYS A 1 34  ? 1.036   8.834   -12.144 1.00 13.21 ? 76  LYS A CB  1 
ATOM   280  C CG  . LYS A 1 34  ? -0.314  9.456   -11.815 1.00 15.36 ? 76  LYS A CG  1 
ATOM   281  C CD  . LYS A 1 34  ? -0.262  10.975  -11.889 1.00 19.13 ? 76  LYS A CD  1 
ATOM   282  C CE  . LYS A 1 34  ? -1.591  11.597  -11.492 1.00 20.67 ? 76  LYS A CE  1 
ATOM   283  N NZ  . LYS A 1 34  ? -2.712  11.125  -12.352 1.00 26.03 ? 76  LYS A NZ  1 
ATOM   284  N N   . HIS A 1 35  ? 3.202   6.199   -11.597 1.00 11.26 ? 77  HIS A N   1 
ATOM   285  C CA  . HIS A 1 35  ? 4.470   5.600   -12.002 1.00 10.96 ? 77  HIS A CA  1 
ATOM   286  C C   . HIS A 1 35  ? 4.227   4.374   -12.886 1.00 12.20 ? 77  HIS A C   1 
ATOM   287  O O   . HIS A 1 35  ? 3.229   3.671   -12.721 1.00 12.98 ? 77  HIS A O   1 
ATOM   288  C CB  . HIS A 1 35  ? 5.268   5.208   -10.753 1.00 13.91 ? 77  HIS A CB  1 
ATOM   289  C CG  . HIS A 1 35  ? 6.704   4.881   -11.018 1.00 14.23 ? 77  HIS A CG  1 
ATOM   290  N ND1 . HIS A 1 35  ? 7.112   3.681   -11.561 1.00 12.58 ? 77  HIS A ND1 1 
ATOM   291  C CD2 . HIS A 1 35  ? 7.831   5.597   -10.798 1.00 14.67 ? 77  HIS A CD2 1 
ATOM   292  C CE1 . HIS A 1 35  ? 8.430   3.675   -11.667 1.00 12.28 ? 77  HIS A CE1 1 
ATOM   293  N NE2 . HIS A 1 35  ? 8.890   4.826   -11.208 1.00 14.79 ? 77  HIS A NE2 1 
ATOM   294  N N   . GLN A 1 36  ? 5.147   4.114   -13.811 1.00 14.27 ? 78  GLN A N   1 
ATOM   295  C CA  . GLN A 1 36  ? 4.993   3.005   -14.753 1.00 12.94 ? 78  GLN A CA  1 
ATOM   296  C C   . GLN A 1 36  ? 5.005   1.636   -14.080 1.00 15.46 ? 78  GLN A C   1 
ATOM   297  O O   . GLN A 1 36  ? 4.578   0.645   -14.679 1.00 15.15 ? 78  GLN A O   1 
ATOM   298  C CB  . GLN A 1 36  ? 6.071   3.060   -15.846 1.00 18.31 ? 78  GLN A CB  1 
ATOM   299  C CG  . GLN A 1 36  ? 7.487   2.851   -15.339 1.00 20.10 ? 78  GLN A CG  1 
ATOM   300  C CD  . GLN A 1 36  ? 8.467   2.558   -16.462 1.00 25.08 ? 78  GLN A CD  1 
ATOM   301  O OE1 . GLN A 1 36  ? 8.073   2.122   -17.543 1.00 28.85 ? 78  GLN A OE1 1 
ATOM   302  N NE2 . GLN A 1 36  ? 9.750   2.798   -16.210 1.00 28.29 ? 78  GLN A NE2 1 
ATOM   303  N N   . PHE A 1 37  ? 5.484   1.574   -12.841 1.00 11.80 ? 79  PHE A N   1 
ATOM   304  C CA  . PHE A 1 37  ? 5.574   0.306   -12.121 1.00 12.26 ? 79  PHE A CA  1 
ATOM   305  C C   . PHE A 1 37  ? 4.486   0.166   -11.059 1.00 10.65 ? 79  PHE A C   1 
ATOM   306  O O   . PHE A 1 37  ? 4.534   -0.770  -10.261 1.00 12.09 ? 79  PHE A O   1 
ATOM   307  C CB  . PHE A 1 37  ? 6.941   0.150   -11.441 1.00 12.08 ? 79  PHE A CB  1 
ATOM   308  C CG  . PHE A 1 37  ? 8.093   -0.019  -12.394 1.00 13.97 ? 79  PHE A CG  1 
ATOM   309  C CD1 . PHE A 1 37  ? 7.883   -0.411  -13.708 1.00 13.51 ? 79  PHE A CD1 1 
ATOM   310  C CD2 . PHE A 1 37  ? 9.391   0.197   -11.962 1.00 13.84 ? 79  PHE A CD2 1 
ATOM   311  C CE1 . PHE A 1 37  ? 8.949   -0.567  -14.578 1.00 15.10 ? 79  PHE A CE1 1 
ATOM   312  C CE2 . PHE A 1 37  ? 10.469  0.031   -12.831 1.00 13.98 ? 79  PHE A CE2 1 
ATOM   313  C CZ  . PHE A 1 37  ? 10.241  -0.349  -14.140 1.00 14.56 ? 79  PHE A CZ  1 
ATOM   314  N N   . ALA A 1 38  ? 3.518   1.081   -11.047 1.00 9.99  ? 80  ALA A N   1 
ATOM   315  C CA  . ALA A 1 38  ? 2.466   1.073   -10.023 1.00 9.85  ? 80  ALA A CA  1 
ATOM   316  C C   . ALA A 1 38  ? 1.392   0.006   -10.227 1.00 10.46 ? 80  ALA A C   1 
ATOM   317  O O   . ALA A 1 38  ? 0.790   -0.450  -9.252  1.00 10.89 ? 80  ALA A O   1 
ATOM   318  C CB  . ALA A 1 38  ? 1.799   2.435   -9.913  1.00 11.58 ? 80  ALA A CB  1 
ATOM   319  N N   . TRP A 1 39  ? 1.138   -0.372  -11.483 1.00 10.05 ? 81  TRP A N   1 
ATOM   320  C CA  . TRP A 1 39  ? -0.018  -1.216  -11.803 1.00 11.04 ? 81  TRP A CA  1 
ATOM   321  C C   . TRP A 1 39  ? -0.186  -2.535  -11.009 1.00 10.65 ? 81  TRP A C   1 
ATOM   322  O O   . TRP A 1 39  ? -1.319  -2.903  -10.691 1.00 10.58 ? 81  TRP A O   1 
ATOM   323  C CB  . TRP A 1 39  ? -0.144  -1.444  -13.324 1.00 12.74 ? 81  TRP A CB  1 
ATOM   324  C CG  . TRP A 1 39  ? 1.000   -2.201  -13.917 1.00 13.49 ? 81  TRP A CG  1 
ATOM   325  C CD1 . TRP A 1 39  ? 2.108   -1.680  -14.516 1.00 11.88 ? 81  TRP A CD1 1 
ATOM   326  C CD2 . TRP A 1 39  ? 1.153   -3.623  -13.958 1.00 10.62 ? 81  TRP A CD2 1 
ATOM   327  N NE1 . TRP A 1 39  ? 2.951   -2.691  -14.927 1.00 11.64 ? 81  TRP A NE1 1 
ATOM   328  C CE2 . TRP A 1 39  ? 2.382   -3.895  -14.596 1.00 11.24 ? 81  TRP A CE2 1 
ATOM   329  C CE3 . TRP A 1 39  ? 0.370   -4.695  -13.512 1.00 14.70 ? 81  TRP A CE3 1 
ATOM   330  C CZ2 . TRP A 1 39  ? 2.844   -5.192  -14.798 1.00 14.29 ? 81  TRP A CZ2 1 
ATOM   331  C CZ3 . TRP A 1 39  ? 0.828   -5.982  -13.720 1.00 14.73 ? 81  TRP A CZ3 1 
ATOM   332  C CH2 . TRP A 1 39  ? 2.052   -6.221  -14.354 1.00 11.88 ? 81  TRP A CH2 1 
ATOM   333  N N   . PRO A 1 40  ? 0.913   -3.244  -10.664 1.00 8.86  ? 82  PRO A N   1 
ATOM   334  C CA  . PRO A 1 40  ? 0.651   -4.480  -9.915  1.00 10.63 ? 82  PRO A CA  1 
ATOM   335  C C   . PRO A 1 40  ? 0.111   -4.224  -8.508  1.00 10.43 ? 82  PRO A C   1 
ATOM   336  O O   . PRO A 1 40  ? -0.397  -5.145  -7.865  1.00 10.72 ? 82  PRO A O   1 
ATOM   337  C CB  . PRO A 1 40  ? 2.038   -5.128  -9.804  1.00 10.33 ? 82  PRO A CB  1 
ATOM   338  C CG  . PRO A 1 40  ? 2.868   -4.482  -10.888 1.00 11.76 ? 82  PRO A CG  1 
ATOM   339  C CD  . PRO A 1 40  ? 2.352   -3.081  -10.957 1.00 9.84  ? 82  PRO A CD  1 
ATOM   340  N N   . PHE A 1 41  ? 0.218   -2.982  -8.050  1.00 9.60  ? 83  PHE A N   1 
ATOM   341  C CA  . PHE A 1 41  ? -0.027  -2.647  -6.655  1.00 9.01  ? 83  PHE A CA  1 
ATOM   342  C C   . PHE A 1 41  ? -1.264  -1.777  -6.485  1.00 9.71  ? 83  PHE A C   1 
ATOM   343  O O   . PHE A 1 41  ? -1.507  -1.255  -5.397  1.00 11.17 ? 83  PHE A O   1 
ATOM   344  C CB  . PHE A 1 41  ? 1.207   -1.945  -6.066  1.00 9.04  ? 83  PHE A CB  1 
ATOM   345  C CG  . PHE A 1 41  ? 2.484   -2.707  -6.293  1.00 10.46 ? 83  PHE A CG  1 
ATOM   346  C CD1 . PHE A 1 41  ? 2.789   -3.809  -5.507  1.00 11.28 ? 83  PHE A CD1 1 
ATOM   347  C CD2 . PHE A 1 41  ? 3.356   -2.356  -7.320  1.00 10.88 ? 83  PHE A CD2 1 
ATOM   348  C CE1 . PHE A 1 41  ? 3.946   -4.547  -5.725  1.00 11.82 ? 83  PHE A CE1 1 
ATOM   349  C CE2 . PHE A 1 41  ? 4.523   -3.085  -7.543  1.00 11.82 ? 83  PHE A CE2 1 
ATOM   350  C CZ  . PHE A 1 41  ? 4.822   -4.177  -6.744  1.00 11.24 ? 83  PHE A CZ  1 
ATOM   351  N N   . GLN A 1 42  ? -2.043  -1.623  -7.552  1.00 8.54  ? 84  GLN A N   1 
ATOM   352  C CA  . GLN A 1 42  ? -3.216  -0.738  -7.522  1.00 10.35 ? 84  GLN A CA  1 
ATOM   353  C C   . GLN A 1 42  ? -4.500  -1.385  -7.011  1.00 10.69 ? 84  GLN A C   1 
ATOM   354  O O   . GLN A 1 42  ? -5.525  -0.713  -6.880  1.00 12.45 ? 84  GLN A O   1 
ATOM   355  C CB  . GLN A 1 42  ? -3.457  -0.119  -8.900  1.00 11.16 ? 84  GLN A CB  1 
ATOM   356  C CG  . GLN A 1 42  ? -2.453  0.969   -9.239  1.00 10.08 ? 84  GLN A CG  1 
ATOM   357  C CD  . GLN A 1 42  ? -2.549  1.439   -10.670 1.00 13.29 ? 84  GLN A CD  1 
ATOM   358  O OE1 . GLN A 1 42  ? -3.151  0.782   -11.521 1.00 15.65 ? 84  GLN A OE1 1 
ATOM   359  N NE2 . GLN A 1 42  ? -1.929  2.585   -10.955 1.00 14.95 ? 84  GLN A NE2 1 
ATOM   360  N N   . GLN A 1 43  ? -4.429  -2.680  -6.720  1.00 9.79  ? 85  GLN A N   1 
ATOM   361  C CA  . GLN A 1 43  ? -5.582  -3.438  -6.236  1.00 10.84 ? 85  GLN A CA  1 
ATOM   362  C C   . GLN A 1 43  ? -5.080  -4.648  -5.459  1.00 11.98 ? 85  GLN A C   1 
ATOM   363  O O   . GLN A 1 43  ? -3.918  -5.032  -5.591  1.00 11.14 ? 85  GLN A O   1 
ATOM   364  C CB  . GLN A 1 43  ? -6.463  -3.899  -7.409  1.00 12.17 ? 85  GLN A CB  1 
ATOM   365  C CG  . GLN A 1 43  ? -5.738  -4.740  -8.440  1.00 12.39 ? 85  GLN A CG  1 
ATOM   366  C CD  . GLN A 1 43  ? -4.871  -3.908  -9.363  1.00 11.69 ? 85  GLN A CD  1 
ATOM   367  O OE1 . GLN A 1 43  ? -5.304  -2.869  -9.861  1.00 15.72 ? 85  GLN A OE1 1 
ATOM   368  N NE2 . GLN A 1 43  ? -3.644  -4.352  -9.580  1.00 11.76 ? 85  GLN A NE2 1 
ATOM   369  N N   . PRO A 1 44  ? -5.946  -5.260  -4.637  1.00 12.44 ? 86  PRO A N   1 
ATOM   370  C CA  . PRO A 1 44  ? -5.492  -6.461  -3.935  1.00 11.13 ? 86  PRO A CA  1 
ATOM   371  C C   . PRO A 1 44  ? -5.046  -7.538  -4.919  1.00 11.95 ? 86  PRO A C   1 
ATOM   372  O O   . PRO A 1 44  ? -5.610  -7.655  -6.007  1.00 14.60 ? 86  PRO A O   1 
ATOM   373  C CB  . PRO A 1 44  ? -6.753  -6.928  -3.201  1.00 12.43 ? 86  PRO A CB  1 
ATOM   374  C CG  . PRO A 1 44  ? -7.524  -5.679  -2.958  1.00 14.03 ? 86  PRO A CG  1 
ATOM   375  C CD  . PRO A 1 44  ? -7.268  -4.806  -4.167  1.00 13.72 ? 86  PRO A CD  1 
ATOM   376  N N   . VAL A 1 45  ? -4.036  -8.311  -4.537  1.00 10.54 ? 87  VAL A N   1 
ATOM   377  C CA  . VAL A 1 45  ? -3.617  -9.455  -5.340  1.00 12.13 ? 87  VAL A CA  1 
ATOM   378  C C   . VAL A 1 45  ? -4.785  -10.423 -5.532  1.00 14.32 ? 87  VAL A C   1 
ATOM   379  O O   . VAL A 1 45  ? -5.378  -10.895 -4.563  1.00 14.15 ? 87  VAL A O   1 
ATOM   380  C CB  . VAL A 1 45  ? -2.419  -10.184 -4.701  1.00 11.40 ? 87  VAL A CB  1 
ATOM   381  C CG1 . VAL A 1 45  ? -2.151  -11.504 -5.430  1.00 16.65 ? 87  VAL A CG1 1 
ATOM   382  C CG2 . VAL A 1 45  ? -1.181  -9.287  -4.720  1.00 13.75 ? 87  VAL A CG2 1 
ATOM   383  N N   . ASP A 1 46  ? -5.129  -10.690 -6.787  1.00 15.18 ? 88  ASP A N   1 
ATOM   384  C CA  . ASP A 1 46  ? -6.179  -11.651 -7.120  1.00 16.09 ? 88  ASP A CA  1 
ATOM   385  C C   . ASP A 1 46  ? -5.507  -12.971 -7.483  1.00 14.15 ? 88  ASP A C   1 
ATOM   386  O O   . ASP A 1 46  ? -4.960  -13.132 -8.582  1.00 14.50 ? 88  ASP A O   1 
ATOM   387  C CB  . ASP A 1 46  ? -7.034  -11.124 -8.278  1.00 15.73 ? 88  ASP A CB  1 
ATOM   388  C CG  . ASP A 1 46  ? -8.262  -11.979 -8.551  1.00 19.06 ? 88  ASP A CG  1 
ATOM   389  O OD1 . ASP A 1 46  ? -8.219  -13.197 -8.299  1.00 16.68 ? 88  ASP A OD1 1 
ATOM   390  O OD2 . ASP A 1 46  ? -9.277  -11.425 -9.025  1.00 21.26 ? 88  ASP A OD2 1 
ATOM   391  N N   . ALA A 1 47  ? -5.543  -13.910 -6.545  1.00 12.61 ? 89  ALA A N   1 
ATOM   392  C CA  . ALA A 1 47  ? -4.828  -15.171 -6.691  1.00 16.07 ? 89  ALA A CA  1 
ATOM   393  C C   . ALA A 1 47  ? -5.434  -16.055 -7.769  1.00 15.63 ? 89  ALA A C   1 
ATOM   394  O O   . ALA A 1 47  ? -4.737  -16.868 -8.364  1.00 16.57 ? 89  ALA A O   1 
ATOM   395  C CB  . ALA A 1 47  ? -4.780  -15.912 -5.357  1.00 14.93 ? 89  ALA A CB  1 
ATOM   396  N N   . VAL A 1 48  ? -6.734  -15.907 -8.004  1.00 16.41 ? 90  VAL A N   1 
ATOM   397  C CA  . VAL A 1 48  ? -7.395  -16.675 -9.053  1.00 15.74 ? 90  VAL A CA  1 
ATOM   398  C C   . VAL A 1 48  ? -7.041  -16.125 -10.434 1.00 16.32 ? 90  VAL A C   1 
ATOM   399  O O   . VAL A 1 48  ? -6.658  -16.881 -11.332 1.00 16.83 ? 90  VAL A O   1 
ATOM   400  C CB  . VAL A 1 48  ? -8.921  -16.687 -8.874  1.00 18.98 ? 90  VAL A CB  1 
ATOM   401  C CG1 . VAL A 1 48  ? -9.574  -17.540 -9.952  1.00 20.01 ? 90  VAL A CG1 1 
ATOM   402  C CG2 . VAL A 1 48  ? -9.284  -17.205 -7.491  1.00 19.72 ? 90  VAL A CG2 1 
ATOM   403  N N   . LYS A 1 49  ? -7.155  -14.807 -10.600 1.00 14.63 ? 91  LYS A N   1 
ATOM   404  C CA  . LYS A 1 49  ? -6.850  -14.184 -11.880 1.00 14.78 ? 91  LYS A CA  1 
ATOM   405  C C   . LYS A 1 49  ? -5.378  -14.337 -12.251 1.00 15.49 ? 91  LYS A C   1 
ATOM   406  O O   . LYS A 1 49  ? -5.051  -14.737 -13.366 1.00 17.73 ? 91  LYS A O   1 
ATOM   407  C CB  . LYS A 1 49  ? -7.233  -12.703 -11.893 1.00 16.52 ? 91  LYS A CB  1 
ATOM   408  C CG  . LYS A 1 49  ? -6.969  -12.072 -13.258 1.00 22.10 ? 91  LYS A CG  1 
ATOM   409  C CD  . LYS A 1 49  ? -7.421  -10.631 -13.358 1.00 27.26 ? 91  LYS A CD  1 
ATOM   410  C CE  . LYS A 1 49  ? -7.067  -10.056 -14.731 1.00 26.60 ? 91  LYS A CE  1 
ATOM   411  N NZ  . LYS A 1 49  ? -7.637  -10.875 -15.851 1.00 24.24 ? 91  LYS A NZ  1 
ATOM   412  N N   . LEU A 1 50  ? -4.495  -14.038 -11.306 1.00 14.24 ? 92  LEU A N   1 
ATOM   413  C CA  . LEU A 1 50  ? -3.062  -14.018 -11.594 1.00 13.27 ? 92  LEU A CA  1 
ATOM   414  C C   . LEU A 1 50  ? -2.411  -15.394 -11.492 1.00 18.12 ? 92  LEU A C   1 
ATOM   415  O O   . LEU A 1 50  ? -1.206  -15.527 -11.713 1.00 16.54 ? 92  LEU A O   1 
ATOM   416  C CB  . LEU A 1 50  ? -2.338  -13.043 -10.662 1.00 14.96 ? 92  LEU A CB  1 
ATOM   417  C CG  . LEU A 1 50  ? -2.803  -11.587 -10.717 1.00 16.56 ? 92  LEU A CG  1 
ATOM   418  C CD1 . LEU A 1 50  ? -2.100  -10.774 -9.651  1.00 15.55 ? 92  LEU A CD1 1 
ATOM   419  C CD2 . LEU A 1 50  ? -2.555  -11.004 -12.100 1.00 20.41 ? 92  LEU A CD2 1 
ATOM   420  N N   . ASN A 1 51  ? -3.206  -16.402 -11.143 1.00 16.54 ? 93  ASN A N   1 
ATOM   421  C CA  . ASN A 1 51  ? -2.720  -17.775 -11.026 1.00 16.53 ? 93  ASN A CA  1 
ATOM   422  C C   . ASN A 1 51  ? -1.585  -17.888 -10.012 1.00 17.33 ? 93  ASN A C   1 
ATOM   423  O O   . ASN A 1 51  ? -0.518  -18.440 -10.292 1.00 18.50 ? 93  ASN A O   1 
ATOM   424  C CB  . ASN A 1 51  ? -2.308  -18.309 -12.395 1.00 18.96 ? 93  ASN A CB  1 
ATOM   425  C CG  . ASN A 1 51  ? -3.386  -18.096 -13.440 1.00 15.76 ? 93  ASN A CG  1 
ATOM   426  O OD1 . ASN A 1 51  ? -4.574  -18.205 -13.150 1.00 18.07 ? 93  ASN A OD1 1 
ATOM   427  N ND2 . ASN A 1 51  ? -2.972  -17.773 -14.659 1.00 21.58 ? 93  ASN A ND2 1 
ATOM   428  N N   . LEU A 1 52  ? -1.846  -17.343 -8.829  1.00 16.36 ? 94  LEU A N   1 
ATOM   429  C CA  . LEU A 1 52  ? -0.909  -17.366 -7.713  1.00 16.71 ? 94  LEU A CA  1 
ATOM   430  C C   . LEU A 1 52  ? -1.586  -18.064 -6.534  1.00 14.95 ? 94  LEU A C   1 
ATOM   431  O O   . LEU A 1 52  ? -1.878  -17.430 -5.516  1.00 14.32 ? 94  LEU A O   1 
ATOM   432  C CB  . LEU A 1 52  ? -0.528  -15.931 -7.323  1.00 14.87 ? 94  LEU A CB  1 
ATOM   433  C CG  . LEU A 1 52  ? 0.070   -15.039 -8.414  1.00 14.82 ? 94  LEU A CG  1 
ATOM   434  C CD1 . LEU A 1 52  ? 0.266   -13.595 -7.921  1.00 16.51 ? 94  LEU A CD1 1 
ATOM   435  C CD2 . LEU A 1 52  ? 1.382   -15.617 -8.920  1.00 19.56 ? 94  LEU A CD2 1 
ATOM   436  N N   . PRO A 1 53  ? -1.851  -19.376 -6.661  1.00 14.41 ? 95  PRO A N   1 
ATOM   437  C CA  . PRO A 1 53  ? -2.691  -20.038 -5.656  1.00 13.91 ? 95  PRO A CA  1 
ATOM   438  C C   . PRO A 1 53  ? -2.027  -20.137 -4.290  1.00 15.86 ? 95  PRO A C   1 
ATOM   439  O O   . PRO A 1 53  ? -2.715  -20.409 -3.310  1.00 17.59 ? 95  PRO A O   1 
ATOM   440  C CB  . PRO A 1 53  ? -2.911  -21.441 -6.249  1.00 14.64 ? 95  PRO A CB  1 
ATOM   441  C CG  . PRO A 1 53  ? -1.747  -21.652 -7.121  1.00 15.39 ? 95  PRO A CG  1 
ATOM   442  C CD  . PRO A 1 53  ? -1.393  -20.314 -7.700  1.00 19.00 ? 95  PRO A CD  1 
ATOM   443  N N   . ASP A 1 54  ? -0.721  -19.912 -4.221  1.00 13.88 ? 96  ASP A N   1 
ATOM   444  C CA  . ASP A 1 54  ? -0.025  -19.936 -2.938  1.00 13.79 ? 96  ASP A CA  1 
ATOM   445  C C   . ASP A 1 54  ? 0.181   -18.549 -2.337  1.00 14.93 ? 96  ASP A C   1 
ATOM   446  O O   . ASP A 1 54  ? 0.796   -18.437 -1.276  1.00 14.43 ? 96  ASP A O   1 
ATOM   447  C CB  . ASP A 1 54  ? 1.323   -20.657 -3.046  1.00 15.52 ? 96  ASP A CB  1 
ATOM   448  C CG  . ASP A 1 54  ? 2.223   -20.083 -4.136  1.00 17.31 ? 96  ASP A CG  1 
ATOM   449  O OD1 . ASP A 1 54  ? 1.804   -19.168 -4.877  1.00 17.15 ? 96  ASP A OD1 1 
ATOM   450  O OD2 . ASP A 1 54  ? 3.363   -20.576 -4.269  1.00 24.48 ? 96  ASP A OD2 1 
ATOM   451  N N   . TYR A 1 55  ? -0.327  -17.505 -2.991  1.00 13.42 ? 97  TYR A N   1 
ATOM   452  C CA  . TYR A 1 55  ? -0.058  -16.142 -2.511  1.00 11.47 ? 97  TYR A CA  1 
ATOM   453  C C   . TYR A 1 55  ? -0.492  -15.951 -1.065  1.00 11.54 ? 97  TYR A C   1 
ATOM   454  O O   . TYR A 1 55  ? 0.296   -15.500 -0.230  1.00 10.08 ? 97  TYR A O   1 
ATOM   455  C CB  . TYR A 1 55  ? -0.712  -15.067 -3.389  1.00 11.32 ? 97  TYR A CB  1 
ATOM   456  C CG  . TYR A 1 55  ? -0.276  -13.681 -2.965  1.00 9.44  ? 97  TYR A CG  1 
ATOM   457  C CD1 . TYR A 1 55  ? 0.929   -13.155 -3.411  1.00 12.14 ? 97  TYR A CD1 1 
ATOM   458  C CD2 . TYR A 1 55  ? -1.039  -12.931 -2.074  1.00 11.01 ? 97  TYR A CD2 1 
ATOM   459  C CE1 . TYR A 1 55  ? 1.355   -11.900 -3.007  1.00 11.54 ? 97  TYR A CE1 1 
ATOM   460  C CE2 . TYR A 1 55  ? -0.615  -11.668 -1.657  1.00 12.16 ? 97  TYR A CE2 1 
ATOM   461  C CZ  . TYR A 1 55  ? 0.583   -11.168 -2.136  1.00 11.08 ? 97  TYR A CZ  1 
ATOM   462  O OH  . TYR A 1 55  ? 1.024   -9.926  -1.734  1.00 11.33 ? 97  TYR A OH  1 
ATOM   463  N N   . TYR A 1 56  ? -1.738  -16.308 -0.768  1.00 10.67 ? 98  TYR A N   1 
ATOM   464  C CA  . TYR A 1 56  ? -2.272  -16.085 0.569   1.00 11.06 ? 98  TYR A CA  1 
ATOM   465  C C   . TYR A 1 56  ? -1.950  -17.221 1.544   1.00 12.03 ? 98  TYR A C   1 
ATOM   466  O O   . TYR A 1 56  ? -2.254  -17.132 2.732   1.00 12.16 ? 98  TYR A O   1 
ATOM   467  C CB  . TYR A 1 56  ? -3.764  -15.767 0.505   1.00 11.12 ? 98  TYR A CB  1 
ATOM   468  C CG  . TYR A 1 56  ? -4.057  -14.450 -0.191  1.00 11.54 ? 98  TYR A CG  1 
ATOM   469  C CD1 . TYR A 1 56  ? -3.825  -13.241 0.453   1.00 13.02 ? 98  TYR A CD1 1 
ATOM   470  C CD2 . TYR A 1 56  ? -4.553  -14.416 -1.491  1.00 11.69 ? 98  TYR A CD2 1 
ATOM   471  C CE1 . TYR A 1 56  ? -4.095  -12.032 -0.167  1.00 13.13 ? 98  TYR A CE1 1 
ATOM   472  C CE2 . TYR A 1 56  ? -4.832  -13.204 -2.128  1.00 12.81 ? 98  TYR A CE2 1 
ATOM   473  C CZ  . TYR A 1 56  ? -4.587  -12.013 -1.455  1.00 13.95 ? 98  TYR A CZ  1 
ATOM   474  O OH  . TYR A 1 56  ? -4.849  -10.792 -2.046  1.00 12.50 ? 98  TYR A OH  1 
ATOM   475  N N   . LYS A 1 57  ? -1.303  -18.268 1.042   1.00 13.09 ? 99  LYS A N   1 
ATOM   476  C CA  . LYS A 1 57  ? -0.695  -19.260 1.923   1.00 12.15 ? 99  LYS A CA  1 
ATOM   477  C C   . LYS A 1 57  ? 0.556   -18.674 2.559   1.00 13.94 ? 99  LYS A C   1 
ATOM   478  O O   . LYS A 1 57  ? 0.966   -19.074 3.648   1.00 15.61 ? 99  LYS A O   1 
ATOM   479  C CB  . LYS A 1 57  ? -0.360  -20.545 1.165   1.00 11.58 ? 99  LYS A CB  1 
ATOM   480  C CG  . LYS A 1 57  ? -1.583  -21.209 0.561   1.00 14.77 ? 99  LYS A CG  1 
ATOM   481  C CD  . LYS A 1 57  ? -1.300  -22.642 0.153   1.00 16.61 ? 99  LYS A CD  1 
ATOM   482  C CE  . LYS A 1 57  ? -2.484  -23.254 -0.604  1.00 18.47 ? 99  LYS A CE  1 
ATOM   483  N NZ  . LYS A 1 57  ? -3.769  -23.185 0.156   1.00 17.85 ? 99  LYS A NZ  1 
ATOM   484  N N   . ILE A 1 58  ? 1.151   -17.707 1.865   1.00 13.75 ? 100 ILE A N   1 
ATOM   485  C CA  . ILE A 1 58  ? 2.399   -17.084 2.289   1.00 13.93 ? 100 ILE A CA  1 
ATOM   486  C C   . ILE A 1 58  ? 2.192   -15.707 2.931   1.00 12.35 ? 100 ILE A C   1 
ATOM   487  O O   . ILE A 1 58  ? 2.800   -15.393 3.954   1.00 15.17 ? 100 ILE A O   1 
ATOM   488  C CB  . ILE A 1 58  ? 3.378   -16.970 1.096   1.00 12.35 ? 100 ILE A CB  1 
ATOM   489  C CG1 . ILE A 1 58  ? 3.758   -18.370 0.600   1.00 16.92 ? 100 ILE A CG1 1 
ATOM   490  C CG2 . ILE A 1 58  ? 4.619   -16.157 1.479   1.00 13.40 ? 100 ILE A CG2 1 
ATOM   491  C CD1 . ILE A 1 58  ? 4.465   -18.381 -0.725  1.00 19.49 ? 100 ILE A CD1 1 
ATOM   492  N N   . ILE A 1 59  ? 1.332   -14.894 2.325   1.00 10.58 ? 101 ILE A N   1 
ATOM   493  C CA  . ILE A 1 59  ? 1.135   -13.509 2.749   1.00 11.14 ? 101 ILE A CA  1 
ATOM   494  C C   . ILE A 1 59  ? -0.103  -13.409 3.635   1.00 11.59 ? 101 ILE A C   1 
ATOM   495  O O   . ILE A 1 59  ? -1.232  -13.607 3.175   1.00 11.16 ? 101 ILE A O   1 
ATOM   496  C CB  . ILE A 1 59  ? 1.021   -12.567 1.520   1.00 10.99 ? 101 ILE A CB  1 
ATOM   497  C CG1 . ILE A 1 59  ? 2.337   -12.567 0.729   1.00 11.64 ? 101 ILE A CG1 1 
ATOM   498  C CG2 . ILE A 1 59  ? 0.636   -11.152 1.952   1.00 11.11 ? 101 ILE A CG2 1 
ATOM   499  C CD1 . ILE A 1 59  ? 3.549   -12.101 1.541   1.00 10.53 ? 101 ILE A CD1 1 
ATOM   500  N N   . LYS A 1 60  ? 0.111   -13.107 4.915   1.00 10.43 ? 102 LYS A N   1 
ATOM   501  C CA  . LYS A 1 60  ? -0.987  -13.119 5.877   1.00 13.17 ? 102 LYS A CA  1 
ATOM   502  C C   . LYS A 1 60  ? -1.490  -11.729 6.232   1.00 13.55 ? 102 LYS A C   1 
ATOM   503  O O   . LYS A 1 60  ? -2.544  -11.597 6.842   1.00 13.29 ? 102 LYS A O   1 
ATOM   504  C CB  . LYS A 1 60  ? -0.607  -13.883 7.146   1.00 13.16 ? 102 LYS A CB  1 
ATOM   505  C CG  . LYS A 1 60  ? -0.156  -15.313 6.911   1.00 11.53 ? 102 LYS A CG  1 
ATOM   506  C CD  . LYS A 1 60  ? -1.197  -16.121 6.142   1.00 13.93 ? 102 LYS A CD  1 
ATOM   507  C CE  . LYS A 1 60  ? -0.766  -17.576 6.017   1.00 12.93 ? 102 LYS A CE  1 
ATOM   508  N NZ  . LYS A 1 60  ? -1.743  -18.405 5.254   1.00 12.55 ? 102 LYS A NZ  1 
ATOM   509  N N   . THR A 1 61  ? -0.748  -10.692 5.864   1.00 13.46 ? 103 THR A N   1 
ATOM   510  C CA  . THR A 1 61  ? -1.287  -9.337  5.993   1.00 12.16 ? 103 THR A CA  1 
ATOM   511  C C   . THR A 1 61  ? -1.147  -8.585  4.672   1.00 12.83 ? 103 THR A C   1 
ATOM   512  O O   . THR A 1 61  ? -0.243  -7.768  4.487   1.00 10.80 ? 103 THR A O   1 
ATOM   513  C CB  . THR A 1 61  ? -0.743  -8.558  7.228   1.00 20.32 ? 103 THR A CB  1 
ATOM   514  O OG1 . THR A 1 61  ? -0.350  -7.236  6.846   1.00 32.40 ? 103 THR A OG1 1 
ATOM   515  C CG2 . THR A 1 61  ? 0.416   -9.289  7.873   1.00 22.04 ? 103 THR A CG2 1 
ATOM   516  N N   . PRO A 1 62  ? -2.055  -8.877  3.734   1.00 10.83 ? 104 PRO A N   1 
ATOM   517  C CA  . PRO A 1 62  ? -2.001  -8.276  2.403   1.00 11.48 ? 104 PRO A CA  1 
ATOM   518  C C   . PRO A 1 62  ? -2.290  -6.787  2.462   1.00 10.47 ? 104 PRO A C   1 
ATOM   519  O O   . PRO A 1 62  ? -2.991  -6.296  3.352   1.00 10.39 ? 104 PRO A O   1 
ATOM   520  C CB  . PRO A 1 62  ? -3.091  -9.029  1.619   1.00 14.15 ? 104 PRO A CB  1 
ATOM   521  C CG  . PRO A 1 62  ? -3.965  -9.620  2.631   1.00 15.37 ? 104 PRO A CG  1 
ATOM   522  C CD  . PRO A 1 62  ? -3.136  -9.871  3.850   1.00 13.36 ? 104 PRO A CD  1 
ATOM   523  N N   . MET A 1 63  ? -1.688  -6.053  1.537   1.00 8.52  ? 105 MET A N   1 
ATOM   524  C CA  . MET A 1 63  ? -1.928  -4.620  1.447   1.00 9.86  ? 105 MET A CA  1 
ATOM   525  C C   . MET A 1 63  ? -1.606  -4.159  0.038   1.00 9.79  ? 105 MET A C   1 
ATOM   526  O O   . MET A 1 63  ? -0.718  -4.707  -0.618  1.00 11.32 ? 105 MET A O   1 
ATOM   527  C CB  . MET A 1 63  ? -1.084  -3.854  2.469   1.00 9.95  ? 105 MET A CB  1 
ATOM   528  C CG  . MET A 1 63  ? -1.443  -2.361  2.595   1.00 9.83  ? 105 MET A CG  1 
ATOM   529  S SD  . MET A 1 63  ? -3.208  -1.991  2.817   1.00 10.64 ? 105 MET A SD  1 
ATOM   530  C CE  . MET A 1 63  ? -3.606  -2.937  4.287   1.00 13.28 ? 105 MET A CE  1 
ATOM   531  N N   . ASP A 1 64  ? -2.351  -3.167  -0.432  1.00 9.78  ? 106 ASP A N   1 
ATOM   532  C CA  . ASP A 1 64  ? -2.161  -2.637  -1.772  1.00 9.96  ? 106 ASP A CA  1 
ATOM   533  C C   . ASP A 1 64  ? -2.536  -1.156  -1.788  1.00 10.41 ? 106 ASP A C   1 
ATOM   534  O O   . ASP A 1 64  ? -3.188  -0.667  -0.851  1.00 8.84  ? 106 ASP A O   1 
ATOM   535  C CB  . ASP A 1 64  ? -3.052  -3.408  -2.737  1.00 11.92 ? 106 ASP A CB  1 
ATOM   536  C CG  . ASP A 1 64  ? -4.514  -3.195  -2.439  1.00 10.57 ? 106 ASP A CG  1 
ATOM   537  O OD1 . ASP A 1 64  ? -5.037  -3.858  -1.515  1.00 12.07 ? 106 ASP A OD1 1 
ATOM   538  O OD2 . ASP A 1 64  ? -5.132  -2.337  -3.102  1.00 10.77 ? 106 ASP A OD2 1 
ATOM   539  N N   . MET A 1 65  ? -2.144  -0.439  -2.844  1.00 9.13  ? 107 MET A N   1 
ATOM   540  C CA  . MET A 1 65  ? -2.435  0.993   -2.925  1.00 10.00 ? 107 MET A CA  1 
ATOM   541  C C   . MET A 1 65  ? -3.908  1.338   -3.137  1.00 9.64  ? 107 MET A C   1 
ATOM   542  O O   . MET A 1 65  ? -4.331  2.444   -2.775  1.00 10.13 ? 107 MET A O   1 
ATOM   543  C CB  . MET A 1 65  ? -1.573  1.683   -3.981  1.00 11.46 ? 107 MET A CB  1 
ATOM   544  C CG  . MET A 1 65  ? -0.100  1.698   -3.635  1.00 11.86 ? 107 MET A CG  1 
ATOM   545  S SD  . MET A 1 65  ? 0.817   2.976   -4.515  1.00 13.95 ? 107 MET A SD  1 
ATOM   546  C CE  . MET A 1 65  ? 0.658   2.374   -6.179  1.00 11.87 ? 107 MET A CE  1 
ATOM   547  N N   . GLY A 1 66  ? -4.685  0.422   -3.720  1.00 9.73  ? 108 GLY A N   1 
ATOM   548  C CA  . GLY A 1 66  ? -6.114  0.651   -3.850  1.00 10.56 ? 108 GLY A CA  1 
ATOM   549  C C   . GLY A 1 66  ? -6.749  0.741   -2.480  1.00 11.46 ? 108 GLY A C   1 
ATOM   550  O O   . GLY A 1 66  ? -7.516  1.659   -2.191  1.00 12.12 ? 108 GLY A O   1 
ATOM   551  N N   . THR A 1 67  ? -6.398  -0.213  -1.626  1.00 9.74  ? 109 THR A N   1 
ATOM   552  C CA  . THR A 1 67  ? -6.866  -0.233  -0.244  1.00 9.91  ? 109 THR A CA  1 
ATOM   553  C C   . THR A 1 67  ? -6.416  1.010   0.530   1.00 10.72 ? 109 THR A C   1 
ATOM   554  O O   . THR A 1 67  ? -7.204  1.651   1.237   1.00 10.56 ? 109 THR A O   1 
ATOM   555  C CB  . THR A 1 67  ? -6.357  -1.499  0.455   1.00 10.96 ? 109 THR A CB  1 
ATOM   556  O OG1 . THR A 1 67  ? -6.925  -2.645  -0.198  1.00 11.41 ? 109 THR A OG1 1 
ATOM   557  C CG2 . THR A 1 67  ? -6.753  -1.503  1.919   1.00 11.33 ? 109 THR A CG2 1 
ATOM   558  N N   . ILE A 1 68  ? -5.137  1.352   0.388   1.00 9.33  ? 110 ILE A N   1 
ATOM   559  C CA  . ILE A 1 68  ? -4.600  2.538   1.044   1.00 9.19  ? 110 ILE A CA  1 
ATOM   560  C C   . ILE A 1 68  ? -5.347  3.798   0.602   1.00 10.30 ? 110 ILE A C   1 
ATOM   561  O O   . ILE A 1 68  ? -5.703  4.641   1.433   1.00 9.18  ? 110 ILE A O   1 
ATOM   562  C CB  . ILE A 1 68  ? -3.094  2.687   0.782   1.00 8.49  ? 110 ILE A CB  1 
ATOM   563  C CG1 . ILE A 1 68  ? -2.338  1.555   1.473   1.00 8.65  ? 110 ILE A CG1 1 
ATOM   564  C CG2 . ILE A 1 68  ? -2.593  4.032   1.316   1.00 9.34  ? 110 ILE A CG2 1 
ATOM   565  C CD1 . ILE A 1 68  ? -0.882  1.427   1.050   1.00 10.56 ? 110 ILE A CD1 1 
ATOM   566  N N   . LYS A 1 69  ? -5.585  3.913   -0.701  1.00 9.49  ? 111 LYS A N   1 
ATOM   567  C CA  . LYS A 1 69  ? -6.289  5.066   -1.254  1.00 10.16 ? 111 LYS A CA  1 
ATOM   568  C C   . LYS A 1 69  ? -7.685  5.186   -0.641  1.00 10.60 ? 111 LYS A C   1 
ATOM   569  O O   . LYS A 1 69  ? -8.091  6.269   -0.226  1.00 11.59 ? 111 LYS A O   1 
ATOM   570  C CB  . LYS A 1 69  ? -6.370  4.966   -2.784  1.00 13.33 ? 111 LYS A CB  1 
ATOM   571  C CG  . LYS A 1 69  ? -6.967  6.197   -3.462  1.00 15.38 ? 111 LYS A CG  1 
ATOM   572  C CD  . LYS A 1 69  ? -6.933  6.053   -4.979  1.00 19.12 ? 111 LYS A CD  1 
ATOM   573  C CE  . LYS A 1 69  ? -7.696  7.174   -5.664  1.00 24.68 ? 111 LYS A CE  1 
ATOM   574  N NZ  . LYS A 1 69  ? -9.170  7.022   -5.501  1.00 33.88 ? 111 LYS A NZ  1 
ATOM   575  N N   . LYS A 1 70  ? -8.403  4.072   -0.566  1.00 10.58 ? 112 LYS A N   1 
ATOM   576  C CA  . LYS A 1 70  ? -9.745  4.083   -0.005  1.00 11.95 ? 112 LYS A CA  1 
ATOM   577  C C   . LYS A 1 70  ? -9.703  4.430   1.479   1.00 12.10 ? 112 LYS A C   1 
ATOM   578  O O   . LYS A 1 70  ? -10.551 5.174   1.969   1.00 13.36 ? 112 LYS A O   1 
ATOM   579  C CB  . LYS A 1 70  ? -10.438 2.739   -0.227  1.00 12.36 ? 112 LYS A CB  1 
ATOM   580  C CG  . LYS A 1 70  ? -10.838 2.495   -1.670  1.00 18.92 ? 112 LYS A CG  1 
ATOM   581  C CD  . LYS A 1 70  ? -11.357 1.082   -1.876  1.00 20.50 ? 112 LYS A CD  1 
ATOM   582  C CE  . LYS A 1 70  ? -11.587 0.783   -3.353  1.00 32.39 ? 112 LYS A CE  1 
ATOM   583  N NZ  . LYS A 1 70  ? -11.982 -0.637  -3.579  1.00 38.15 ? 112 LYS A NZ  1 
ATOM   584  N N   . ARG A 1 71  ? -8.711  3.905   2.192   1.00 9.49  ? 113 ARG A N   1 
ATOM   585  C CA  . ARG A 1 71  ? -8.542  4.237   3.605   1.00 10.81 ? 113 ARG A CA  1 
ATOM   586  C C   . ARG A 1 71  ? -8.306  5.730   3.805   1.00 11.52 ? 113 ARG A C   1 
ATOM   587  O O   . ARG A 1 71  ? -8.884  6.341   4.704   1.00 11.56 ? 113 ARG A O   1 
ATOM   588  C CB  . ARG A 1 71  ? -7.401  3.424   4.228   1.00 10.32 ? 113 ARG A CB  1 
ATOM   589  C CG  . ARG A 1 71  ? -7.761  1.968   4.441   1.00 9.90  ? 113 ARG A CG  1 
ATOM   590  C CD  . ARG A 1 71  ? -6.612  1.145   5.020   1.00 9.49  ? 113 ARG A CD  1 
ATOM   591  N NE  . ARG A 1 71  ? -7.107  -0.187  5.364   1.00 9.30  ? 113 ARG A NE  1 
ATOM   592  C CZ  . ARG A 1 71  ? -6.478  -1.063  6.142   1.00 8.83  ? 113 ARG A CZ  1 
ATOM   593  N NH1 . ARG A 1 71  ? -5.295  -0.787  6.663   1.00 9.61  ? 113 ARG A NH1 1 
ATOM   594  N NH2 . ARG A 1 71  ? -7.046  -2.237  6.394   1.00 11.48 ? 113 ARG A NH2 1 
ATOM   595  N N   . LEU A 1 72  ? -7.460  6.330   2.971   1.00 9.57  ? 114 LEU A N   1 
ATOM   596  C CA  . LEU A 1 72  ? -7.206  7.765   3.079   1.00 10.55 ? 114 LEU A CA  1 
ATOM   597  C C   . LEU A 1 72  ? -8.465  8.562   2.755   1.00 13.64 ? 114 LEU A C   1 
ATOM   598  O O   . LEU A 1 72  ? -8.805  9.510   3.459   1.00 13.71 ? 114 LEU A O   1 
ATOM   599  C CB  . LEU A 1 72  ? -6.039  8.194   2.182   1.00 12.04 ? 114 LEU A CB  1 
ATOM   600  C CG  . LEU A 1 72  ? -4.649  7.748   2.643   1.00 11.78 ? 114 LEU A CG  1 
ATOM   601  C CD1 . LEU A 1 72  ? -3.676  7.800   1.476   1.00 10.20 ? 114 LEU A CD1 1 
ATOM   602  C CD2 . LEU A 1 72  ? -4.127  8.595   3.812   1.00 13.37 ? 114 LEU A CD2 1 
ATOM   603  N N   . GLU A 1 73  ? -9.167  8.157   1.703   1.00 13.62 ? 115 GLU A N   1 
ATOM   604  C CA  . GLU A 1 73  ? -10.396 8.836   1.298   1.00 14.80 ? 115 GLU A CA  1 
ATOM   605  C C   . GLU A 1 73  ? -11.458 8.789   2.386   1.00 17.02 ? 115 GLU A C   1 
ATOM   606  O O   . GLU A 1 73  ? -12.251 9.720   2.540   1.00 17.54 ? 115 GLU A O   1 
ATOM   607  C CB  . GLU A 1 73  ? -10.934 8.230   0.003   1.00 14.58 ? 115 GLU A CB  1 
ATOM   608  C CG  . GLU A 1 73  ? -10.066 8.576   -1.190  1.00 16.03 ? 115 GLU A CG  1 
ATOM   609  C CD  . GLU A 1 73  ? -10.461 7.853   -2.460  1.00 20.57 ? 115 GLU A CD  1 
ATOM   610  O OE1 . GLU A 1 73  ? -11.139 6.808   -2.375  1.00 20.45 ? 115 GLU A OE1 1 
ATOM   611  O OE2 . GLU A 1 73  ? -10.080 8.338   -3.546  1.00 24.19 ? 115 GLU A OE2 1 
ATOM   612  N N   . ASN A 1 74  ? -11.461 7.710   3.154   1.00 13.03 ? 116 ASN A N   1 
ATOM   613  C CA  . ASN A 1 74  ? -12.466 7.553   4.192   1.00 16.64 ? 116 ASN A CA  1 
ATOM   614  C C   . ASN A 1 74  ? -12.028 8.046   5.581   1.00 16.82 ? 116 ASN A C   1 
ATOM   615  O O   . ASN A 1 74  ? -12.773 7.929   6.555   1.00 15.61 ? 116 ASN A O   1 
ATOM   616  C CB  . ASN A 1 74  ? -12.944 6.104   4.206   1.00 18.92 ? 116 ASN A CB  1 
ATOM   617  C CG  . ASN A 1 74  ? -13.721 5.746   2.946   1.00 24.27 ? 116 ASN A CG  1 
ATOM   618  O OD1 . ASN A 1 74  ? -14.855 6.203   2.752   1.00 31.71 ? 116 ASN A OD1 1 
ATOM   619  N ND2 . ASN A 1 74  ? -13.113 4.942   2.075   1.00 30.48 ? 116 ASN A ND2 1 
ATOM   620  N N   . ASN A 1 75  ? -10.836 8.637   5.650   1.00 12.99 ? 117 ASN A N   1 
ATOM   621  C CA  . ASN A 1 75  ? -10.246 9.100   6.909   1.00 12.07 ? 117 ASN A CA  1 
ATOM   622  C C   . ASN A 1 75  ? -10.128 7.981   7.940   1.00 12.69 ? 117 ASN A C   1 
ATOM   623  O O   . ASN A 1 75  ? -10.318 8.182   9.137   1.00 12.80 ? 117 ASN A O   1 
ATOM   624  C CB  . ASN A 1 75  ? -10.999 10.313  7.479   1.00 15.55 ? 117 ASN A CB  1 
ATOM   625  C CG  . ASN A 1 75  ? -10.988 11.497  6.531   1.00 18.72 ? 117 ASN A CG  1 
ATOM   626  O OD1 . ASN A 1 75  ? -9.930  11.934  6.075   1.00 19.82 ? 117 ASN A OD1 1 
ATOM   627  N ND2 . ASN A 1 75  ? -12.169 12.008  6.212   1.00 24.49 ? 117 ASN A ND2 1 
ATOM   628  N N   . TYR A 1 76  ? -9.786  6.800   7.445   1.00 10.14 ? 118 TYR A N   1 
ATOM   629  C CA  . TYR A 1 76  ? -9.676  5.592   8.252   1.00 10.25 ? 118 TYR A CA  1 
ATOM   630  C C   . TYR A 1 76  ? -8.519  5.619   9.251   1.00 10.23 ? 118 TYR A C   1 
ATOM   631  O O   . TYR A 1 76  ? -8.590  4.998   10.314  1.00 11.34 ? 118 TYR A O   1 
ATOM   632  C CB  . TYR A 1 76  ? -9.509  4.406   7.297   1.00 10.74 ? 118 TYR A CB  1 
ATOM   633  C CG  . TYR A 1 76  ? -9.203  3.064   7.929   1.00 10.24 ? 118 TYR A CG  1 
ATOM   634  C CD1 . TYR A 1 76  ? -10.228 2.201   8.301   1.00 11.13 ? 118 TYR A CD1 1 
ATOM   635  C CD2 . TYR A 1 76  ? -7.887  2.639   8.105   1.00 9.82  ? 118 TYR A CD2 1 
ATOM   636  C CE1 . TYR A 1 76  ? -9.953  0.970   8.858   1.00 10.73 ? 118 TYR A CE1 1 
ATOM   637  C CE2 . TYR A 1 76  ? -7.603  1.405   8.660   1.00 9.33  ? 118 TYR A CE2 1 
ATOM   638  C CZ  . TYR A 1 76  ? -8.641  0.572   9.033   1.00 10.66 ? 118 TYR A CZ  1 
ATOM   639  O OH  . TYR A 1 76  ? -8.376  -0.663  9.584   1.00 12.54 ? 118 TYR A OH  1 
ATOM   640  N N   . TYR A 1 77  ? -7.438  6.311   8.896   1.00 10.15 ? 119 TYR A N   1 
ATOM   641  C CA  . TYR A 1 77  ? -6.231  6.308   9.707   1.00 9.07  ? 119 TYR A CA  1 
ATOM   642  C C   . TYR A 1 77  ? -6.270  7.326   10.843  1.00 10.48 ? 119 TYR A C   1 
ATOM   643  O O   . TYR A 1 77  ? -6.865  8.400   10.707  1.00 12.60 ? 119 TYR A O   1 
ATOM   644  C CB  . TYR A 1 77  ? -5.024  6.638   8.840   1.00 11.25 ? 119 TYR A CB  1 
ATOM   645  C CG  . TYR A 1 77  ? -4.713  5.635   7.753   1.00 8.42  ? 119 TYR A CG  1 
ATOM   646  C CD1 . TYR A 1 77  ? -4.274  4.359   8.063   1.00 9.16  ? 119 TYR A CD1 1 
ATOM   647  C CD2 . TYR A 1 77  ? -4.822  5.984   6.408   1.00 9.61  ? 119 TYR A CD2 1 
ATOM   648  C CE1 . TYR A 1 77  ? -3.962  3.435   7.059   1.00 9.13  ? 119 TYR A CE1 1 
ATOM   649  C CE2 . TYR A 1 77  ? -4.511  5.079   5.405   1.00 9.91  ? 119 TYR A CE2 1 
ATOM   650  C CZ  . TYR A 1 77  ? -4.081  3.811   5.737   1.00 8.53  ? 119 TYR A CZ  1 
ATOM   651  O OH  . TYR A 1 77  ? -3.758  2.918   4.740   1.00 10.47 ? 119 TYR A OH  1 
ATOM   652  N N   . TRP A 1 78  ? -5.588  7.008   11.938  1.00 9.90  ? 120 TRP A N   1 
ATOM   653  C CA  . TRP A 1 78  ? -5.401  7.986   13.010  1.00 10.77 ? 120 TRP A CA  1 
ATOM   654  C C   . TRP A 1 78  ? -4.269  8.956   12.685  1.00 11.01 ? 120 TRP A C   1 
ATOM   655  O O   . TRP A 1 78  ? -4.351  10.150  12.995  1.00 11.79 ? 120 TRP A O   1 
ATOM   656  C CB  . TRP A 1 78  ? -5.092  7.295   14.338  1.00 10.95 ? 120 TRP A CB  1 
ATOM   657  C CG  . TRP A 1 78  ? -5.039  8.252   15.499  1.00 11.49 ? 120 TRP A CG  1 
ATOM   658  C CD1 . TRP A 1 78  ? -3.920  8.706   16.152  1.00 14.36 ? 120 TRP A CD1 1 
ATOM   659  C CD2 . TRP A 1 78  ? -6.156  8.886   16.128  1.00 13.27 ? 120 TRP A CD2 1 
ATOM   660  N NE1 . TRP A 1 78  ? -4.283  9.571   17.158  1.00 14.03 ? 120 TRP A NE1 1 
ATOM   661  C CE2 . TRP A 1 78  ? -5.648  9.701   17.164  1.00 11.98 ? 120 TRP A CE2 1 
ATOM   662  C CE3 . TRP A 1 78  ? -7.538  8.835   15.928  1.00 13.24 ? 120 TRP A CE3 1 
ATOM   663  C CZ2 . TRP A 1 78  ? -6.477  10.460  17.990  1.00 15.10 ? 120 TRP A CZ2 1 
ATOM   664  C CZ3 . TRP A 1 78  ? -8.361  9.597   16.750  1.00 13.17 ? 120 TRP A CZ3 1 
ATOM   665  C CH2 . TRP A 1 78  ? -7.825  10.399  17.764  1.00 13.54 ? 120 TRP A CH2 1 
ATOM   666  N N   . ASN A 1 79  ? -3.193  8.455   12.088  1.00 10.45 ? 121 ASN A N   1 
ATOM   667  C CA  . ASN A 1 79  ? -2.071  9.327   11.766  1.00 11.01 ? 121 ASN A CA  1 
ATOM   668  C C   . ASN A 1 79  ? -1.277  8.847   10.555  1.00 10.24 ? 121 ASN A C   1 
ATOM   669  O O   . ASN A 1 79  ? -1.497  7.743   10.046  1.00 11.22 ? 121 ASN A O   1 
ATOM   670  C CB  . ASN A 1 79  ? -1.161  9.561   12.988  1.00 10.67 ? 121 ASN A CB  1 
ATOM   671  C CG  . ASN A 1 79  ? -0.523  8.290   13.526  1.00 11.23 ? 121 ASN A CG  1 
ATOM   672  O OD1 . ASN A 1 79  ? -0.339  7.305   12.809  1.00 11.97 ? 121 ASN A OD1 1 
ATOM   673  N ND2 . ASN A 1 79  ? -0.164  8.314   14.806  1.00 15.35 ? 121 ASN A ND2 1 
ATOM   674  N N   . ALA A 1 80  ? -0.365  9.699   10.102  1.00 10.09 ? 122 ALA A N   1 
ATOM   675  C CA  . ALA A 1 80  ? 0.465   9.400   8.944   1.00 10.22 ? 122 ALA A CA  1 
ATOM   676  C C   . ALA A 1 80  ? 1.268   8.119   9.133   1.00 11.23 ? 122 ALA A C   1 
ATOM   677  O O   . ALA A 1 80  ? 1.428   7.335   8.196   1.00 9.73  ? 122 ALA A O   1 
ATOM   678  C CB  . ALA A 1 80  ? 1.394   10.579  8.662   1.00 12.47 ? 122 ALA A CB  1 
ATOM   679  N N   . GLN A 1 81  ? 1.776   7.897   10.338  1.00 9.80  ? 123 GLN A N   1 
ATOM   680  C CA  . GLN A 1 81  ? 2.574   6.703   10.599  1.00 12.30 ? 123 GLN A CA  1 
ATOM   681  C C   . GLN A 1 81  ? 1.796   5.414   10.313  1.00 11.11 ? 123 GLN A C   1 
ATOM   682  O O   . GLN A 1 81  ? 2.344   4.439   9.791   1.00 11.47 ? 123 GLN A O   1 
ATOM   683  C CB  . GLN A 1 81  ? 3.113   6.697   12.033  1.00 14.98 ? 123 GLN A CB  1 
ATOM   684  C CG  . GLN A 1 81  ? 4.019   5.508   12.332  1.00 22.49 ? 123 GLN A CG  1 
ATOM   685  C CD  . GLN A 1 81  ? 5.200   5.425   11.381  1.00 27.28 ? 123 GLN A CD  1 
ATOM   686  O OE1 . GLN A 1 81  ? 5.813   6.441   11.039  1.00 31.59 ? 123 GLN A OE1 1 
ATOM   687  N NE2 . GLN A 1 81  ? 5.520   4.210   10.936  1.00 33.75 ? 123 GLN A NE2 1 
ATOM   688  N N   . GLU A 1 82  ? 0.511   5.415   10.639  1.00 10.44 ? 124 GLU A N   1 
ATOM   689  C CA  . GLU A 1 82  ? -0.318  4.251   10.400  1.00 10.81 ? 124 GLU A CA  1 
ATOM   690  C C   . GLU A 1 82  ? -0.414  3.969   8.901   1.00 9.66  ? 124 GLU A C   1 
ATOM   691  O O   . GLU A 1 82  ? -0.342  2.821   8.470   1.00 11.32 ? 124 GLU A O   1 
ATOM   692  C CB  . GLU A 1 82  ? -1.707  4.470   10.992  1.00 12.96 ? 124 GLU A CB  1 
ATOM   693  C CG  . GLU A 1 82  ? -2.554  3.237   10.965  1.00 15.64 ? 124 GLU A CG  1 
ATOM   694  C CD  . GLU A 1 82  ? -3.921  3.459   11.563  1.00 17.98 ? 124 GLU A CD  1 
ATOM   695  O OE1 . GLU A 1 82  ? -4.187  4.575   12.054  1.00 13.08 ? 124 GLU A OE1 1 
ATOM   696  O OE2 . GLU A 1 82  ? -4.734  2.514   11.540  1.00 20.42 ? 124 GLU A OE2 1 
ATOM   697  N N   . CYS A 1 83  ? -0.555  5.032   8.115   1.00 10.00 ? 125 CYS A N   1 
ATOM   698  C CA  . CYS A 1 83  ? -0.632  4.895   6.666   1.00 10.72 ? 125 CYS A CA  1 
ATOM   699  C C   . CYS A 1 83  ? 0.708   4.438   6.082   1.00 7.56  ? 125 CYS A C   1 
ATOM   700  O O   . CYS A 1 83  ? 0.763   3.542   5.228   1.00 8.78  ? 125 CYS A O   1 
ATOM   701  C CB  . CYS A 1 83  ? -1.087  6.213   6.040   1.00 11.28 ? 125 CYS A CB  1 
ATOM   702  S SG  . CYS A 1 83  ? -1.061  6.206   4.243   1.00 11.91 ? 125 CYS A SG  1 
ATOM   703  N N   . ILE A 1 84  ? 1.790   5.049   6.548   1.00 9.18  ? 126 ILE A N   1 
ATOM   704  C CA  . ILE A 1 84  ? 3.128   4.662   6.127   1.00 9.25  ? 126 ILE A CA  1 
ATOM   705  C C   . ILE A 1 84  ? 3.400   3.175   6.400   1.00 10.09 ? 126 ILE A C   1 
ATOM   706  O O   . ILE A 1 84  ? 3.989   2.478   5.557   1.00 9.21  ? 126 ILE A O   1 
ATOM   707  C CB  . ILE A 1 84  ? 4.167   5.573   6.798   1.00 8.11  ? 126 ILE A CB  1 
ATOM   708  C CG1 . ILE A 1 84  ? 4.062   6.981   6.190   1.00 11.09 ? 126 ILE A CG1 1 
ATOM   709  C CG2 . ILE A 1 84  ? 5.581   4.998   6.650   1.00 11.97 ? 126 ILE A CG2 1 
ATOM   710  C CD1 . ILE A 1 84  ? 4.722   8.082   7.011   1.00 11.75 ? 126 ILE A CD1 1 
ATOM   711  N N   . GLN A 1 85  ? 2.926   2.680   7.543   1.00 9.22  ? 127 GLN A N   1 
ATOM   712  C CA  . GLN A 1 85  ? 3.051   1.263   7.863   1.00 10.38 ? 127 GLN A CA  1 
ATOM   713  C C   . GLN A 1 85  ? 2.372   0.380   6.816   1.00 9.54  ? 127 GLN A C   1 
ATOM   714  O O   . GLN A 1 85  ? 2.887   -0.699  6.488   1.00 11.30 ? 127 GLN A O   1 
ATOM   715  C CB  . GLN A 1 85  ? 2.461   0.951   9.242   1.00 11.88 ? 127 GLN A CB  1 
ATOM   716  C CG  . GLN A 1 85  ? 2.492   -0.536  9.604   1.00 19.41 ? 127 GLN A CG  1 
ATOM   717  C CD  . GLN A 1 85  ? 3.897   -1.122  9.574   1.00 25.32 ? 127 GLN A CD  1 
ATOM   718  O OE1 . GLN A 1 85  ? 4.253   -1.894  8.673   1.00 27.12 ? 127 GLN A OE1 1 
ATOM   719  N NE2 . GLN A 1 85  ? 4.703   -0.761  10.566  1.00 30.44 ? 127 GLN A NE2 1 
ATOM   720  N N   . ASP A 1 86  ? 1.233   0.823   6.282   1.00 8.20  ? 128 ASP A N   1 
ATOM   721  C CA  . ASP A 1 86  ? 0.566   0.057   5.221   1.00 9.12  ? 128 ASP A CA  1 
ATOM   722  C C   . ASP A 1 86  ? 1.391   0.027   3.934   1.00 8.84  ? 128 ASP A C   1 
ATOM   723  O O   . ASP A 1 86  ? 1.495   -1.023  3.308   1.00 8.94  ? 128 ASP A O   1 
ATOM   724  C CB  . ASP A 1 86  ? -0.845  0.577   4.920   1.00 9.45  ? 128 ASP A CB  1 
ATOM   725  C CG  . ASP A 1 86  ? -1.880  0.109   5.926   1.00 10.71 ? 128 ASP A CG  1 
ATOM   726  O OD1 . ASP A 1 86  ? -1.595  -0.772  6.760   1.00 11.67 ? 128 ASP A OD1 1 
ATOM   727  O OD2 . ASP A 1 86  ? -2.991  0.647   5.860   1.00 9.88  ? 128 ASP A OD2 1 
ATOM   728  N N   . PHE A 1 87  ? 1.968   1.165   3.539   1.00 8.02  ? 129 PHE A N   1 
ATOM   729  C CA  . PHE A 1 87  ? 2.874   1.159   2.390   1.00 8.53  ? 129 PHE A CA  1 
ATOM   730  C C   . PHE A 1 87  ? 4.024   0.175   2.620   1.00 8.65  ? 129 PHE A C   1 
ATOM   731  O O   . PHE A 1 87  ? 4.364   -0.620  1.732   1.00 8.86  ? 129 PHE A O   1 
ATOM   732  C CB  . PHE A 1 87  ? 3.437   2.552   2.122   1.00 8.71  ? 129 PHE A CB  1 
ATOM   733  C CG  . PHE A 1 87  ? 2.539   3.448   1.298   1.00 8.77  ? 129 PHE A CG  1 
ATOM   734  C CD1 . PHE A 1 87  ? 2.579   3.407   -0.089  1.00 11.14 ? 129 PHE A CD1 1 
ATOM   735  C CD2 . PHE A 1 87  ? 1.710   4.381   1.912   1.00 9.99  ? 129 PHE A CD2 1 
ATOM   736  C CE1 . PHE A 1 87  ? 1.776   4.258   -0.848  1.00 12.10 ? 129 PHE A CE1 1 
ATOM   737  C CE2 . PHE A 1 87  ? 0.911   5.234   1.154   1.00 10.37 ? 129 PHE A CE2 1 
ATOM   738  C CZ  . PHE A 1 87  ? 0.944   5.165   -0.223  1.00 11.22 ? 129 PHE A CZ  1 
ATOM   739  N N   . ASN A 1 88  ? 4.619   0.211   3.808   1.00 9.23  ? 130 ASN A N   1 
ATOM   740  C CA  . ASN A 1 88  ? 5.755   -0.660  4.088   1.00 10.06 ? 130 ASN A CA  1 
ATOM   741  C C   . ASN A 1 88  ? 5.371   -2.130  4.075   1.00 11.35 ? 130 ASN A C   1 
ATOM   742  O O   . ASN A 1 88  ? 6.136   -2.975  3.605   1.00 11.52 ? 130 ASN A O   1 
ATOM   743  C CB  . ASN A 1 88  ? 6.459   -0.261  5.387   1.00 12.19 ? 130 ASN A CB  1 
ATOM   744  C CG  . ASN A 1 88  ? 7.343   0.961   5.209   1.00 18.49 ? 130 ASN A CG  1 
ATOM   745  O OD1 . ASN A 1 88  ? 7.980   1.135   4.161   1.00 22.78 ? 130 ASN A OD1 1 
ATOM   746  N ND2 . ASN A 1 88  ? 7.394   1.807   6.225   1.00 22.04 ? 130 ASN A ND2 1 
ATOM   747  N N   . THR A 1 89  ? 4.171   -2.427  4.558   1.00 8.07  ? 131 THR A N   1 
ATOM   748  C CA  . THR A 1 89  ? 3.647   -3.792  4.484   1.00 10.18 ? 131 THR A CA  1 
ATOM   749  C C   . THR A 1 89  ? 3.498   -4.243  3.032   1.00 9.95  ? 131 THR A C   1 
ATOM   750  O O   . THR A 1 89  ? 3.854   -5.376  2.681   1.00 10.48 ? 131 THR A O   1 
ATOM   751  C CB  . THR A 1 89  ? 2.312   -3.897  5.220   1.00 9.14  ? 131 THR A CB  1 
ATOM   752  O OG1 . THR A 1 89  ? 2.538   -3.693  6.623   1.00 12.92 ? 131 THR A OG1 1 
ATOM   753  C CG2 . THR A 1 89  ? 1.673   -5.274  5.006   1.00 11.28 ? 131 THR A CG2 1 
ATOM   754  N N   . MET A 1 90  ? 2.985   -3.358  2.184   1.00 8.61  ? 132 MET A N   1 
ATOM   755  C CA  . MET A 1 90  ? 2.835   -3.664  0.767   1.00 9.89  ? 132 MET A CA  1 
ATOM   756  C C   . MET A 1 90  ? 4.175   -4.007  0.113   1.00 9.14  ? 132 MET A C   1 
ATOM   757  O O   . MET A 1 90  ? 4.301   -5.015  -0.586  1.00 9.41  ? 132 MET A O   1 
ATOM   758  C CB  . MET A 1 90  ? 2.189   -2.478  0.051   1.00 9.63  ? 132 MET A CB  1 
ATOM   759  C CG  . MET A 1 90  ? 2.000   -2.690  -1.431  1.00 11.33 ? 132 MET A CG  1 
ATOM   760  S SD  . MET A 1 90  ? 1.335   -1.223  -2.231  1.00 11.09 ? 132 MET A SD  1 
ATOM   761  C CE  . MET A 1 90  ? 2.767   -0.145  -2.239  1.00 13.05 ? 132 MET A CE  1 
ATOM   762  N N   . PHE A 1 91  ? 5.183   -3.176  0.353   1.00 8.33  ? 133 PHE A N   1 
ATOM   763  C CA  . PHE A 1 91  ? 6.493   -3.431  -0.232  1.00 8.39  ? 133 PHE A CA  1 
ATOM   764  C C   . PHE A 1 91  ? 7.092   -4.730  0.296   1.00 8.44  ? 133 PHE A C   1 
ATOM   765  O O   . PHE A 1 91  ? 7.545   -5.579  -0.485  1.00 9.76  ? 133 PHE A O   1 
ATOM   766  C CB  . PHE A 1 91  ? 7.447   -2.257  0.036   1.00 8.81  ? 133 PHE A CB  1 
ATOM   767  C CG  . PHE A 1 91  ? 7.036   -0.975  -0.641  1.00 8.96  ? 133 PHE A CG  1 
ATOM   768  C CD1 . PHE A 1 91  ? 6.760   -0.954  -1.998  1.00 11.35 ? 133 PHE A CD1 1 
ATOM   769  C CD2 . PHE A 1 91  ? 6.920   0.204   0.081   1.00 9.35  ? 133 PHE A CD2 1 
ATOM   770  C CE1 . PHE A 1 91  ? 6.372   0.218   -2.628  1.00 12.35 ? 133 PHE A CE1 1 
ATOM   771  C CE2 . PHE A 1 91  ? 6.538   1.382   -0.549  1.00 10.32 ? 133 PHE A CE2 1 
ATOM   772  C CZ  . PHE A 1 91  ? 6.265   1.386   -1.899  1.00 10.69 ? 133 PHE A CZ  1 
ATOM   773  N N   . THR A 1 92  ? 7.089   -4.898  1.616   1.00 9.43  ? 134 THR A N   1 
ATOM   774  C CA  A THR A 1 92  ? 7.651   -6.087  2.255   0.50 10.10 ? 134 THR A CA  1 
ATOM   775  C CA  B THR A 1 92  ? 7.693   -6.096  2.190   0.50 10.09 ? 134 THR A CA  1 
ATOM   776  C C   . THR A 1 92  ? 6.963   -7.376  1.788   1.00 10.37 ? 134 THR A C   1 
ATOM   777  O O   . THR A 1 92  ? 7.613   -8.396  1.586   1.00 10.73 ? 134 THR A O   1 
ATOM   778  C CB  A THR A 1 92  ? 7.590   -5.969  3.799   0.50 12.25 ? 134 THR A CB  1 
ATOM   779  C CB  B THR A 1 92  ? 7.871   -6.023  3.720   0.50 12.25 ? 134 THR A CB  1 
ATOM   780  O OG1 A THR A 1 92  ? 8.278   -4.785  4.218   0.50 13.52 ? 134 THR A OG1 1 
ATOM   781  O OG1 B THR A 1 92  ? 6.605   -5.795  4.344   0.50 11.31 ? 134 THR A OG1 1 
ATOM   782  C CG2 A THR A 1 92  ? 8.248   -7.163  4.456   0.50 13.91 ? 134 THR A CG2 1 
ATOM   783  C CG2 B THR A 1 92  ? 8.845   -4.912  4.098   0.50 12.45 ? 134 THR A CG2 1 
ATOM   784  N N   . ASN A 1 93  ? 5.637   -7.332  1.632   1.00 9.79  ? 135 ASN A N   1 
ATOM   785  C CA  . ASN A 1 93  ? 4.913   -8.506  1.118   1.00 8.98  ? 135 ASN A CA  1 
ATOM   786  C C   . ASN A 1 93  ? 5.477   -8.939  -0.229  1.00 11.30 ? 135 ASN A C   1 
ATOM   787  O O   . ASN A 1 93  ? 5.630   -10.130 -0.515  1.00 10.07 ? 135 ASN A O   1 
ATOM   788  C CB  . ASN A 1 93  ? 3.419   -8.224  0.942   1.00 9.65  ? 135 ASN A CB  1 
ATOM   789  C CG  . ASN A 1 93  ? 2.677   -8.157  2.249   1.00 10.85 ? 135 ASN A CG  1 
ATOM   790  O OD1 . ASN A 1 93  ? 3.175   -8.589  3.286   1.00 12.05 ? 135 ASN A OD1 1 
ATOM   791  N ND2 . ASN A 1 93  ? 1.460   -7.630  2.200   1.00 10.01 ? 135 ASN A ND2 1 
ATOM   792  N N   . CYS A 1 94  ? 5.776   -7.961  -1.071  1.00 9.54  ? 136 CYS A N   1 
ATOM   793  C CA  . CYS A 1 94  ? 6.315   -8.263  -2.384  1.00 9.98  ? 136 CYS A CA  1 
ATOM   794  C C   . CYS A 1 94  ? 7.667   -8.972  -2.277  1.00 10.89 ? 136 CYS A C   1 
ATOM   795  O O   . CYS A 1 94  ? 7.920   -9.950  -2.985  1.00 10.91 ? 136 CYS A O   1 
ATOM   796  C CB  . CYS A 1 94  ? 6.423   -6.989  -3.219  1.00 10.12 ? 136 CYS A CB  1 
ATOM   797  S SG  . CYS A 1 94  ? 6.890   -7.303  -4.940  1.00 11.55 ? 136 CYS A SG  1 
ATOM   798  N N   . TYR A 1 95  ? 8.532   -8.481  -1.395  1.00 10.13 ? 137 TYR A N   1 
ATOM   799  C CA  . TYR A 1 95  ? 9.847   -9.095  -1.207  1.00 11.32 ? 137 TYR A CA  1 
ATOM   800  C C   . TYR A 1 95  ? 9.713   -10.490 -0.589  1.00 14.21 ? 137 TYR A C   1 
ATOM   801  O O   . TYR A 1 95  ? 10.462  -11.409 -0.931  1.00 15.32 ? 137 TYR A O   1 
ATOM   802  C CB  . TYR A 1 95  ? 10.732  -8.188  -0.350  1.00 12.28 ? 137 TYR A CB  1 
ATOM   803  C CG  . TYR A 1 95  ? 10.786  -6.757  -0.846  1.00 10.04 ? 137 TYR A CG  1 
ATOM   804  C CD1 . TYR A 1 95  ? 10.792  -6.470  -2.204  1.00 11.77 ? 137 TYR A CD1 1 
ATOM   805  C CD2 . TYR A 1 95  ? 10.796  -5.690  0.046   1.00 10.90 ? 137 TYR A CD2 1 
ATOM   806  C CE1 . TYR A 1 95  ? 10.835  -5.169  -2.665  1.00 12.47 ? 137 TYR A CE1 1 
ATOM   807  C CE2 . TYR A 1 95  ? 10.844  -4.377  -0.408  1.00 11.94 ? 137 TYR A CE2 1 
ATOM   808  C CZ  . TYR A 1 95  ? 10.856  -4.125  -1.762  1.00 12.39 ? 137 TYR A CZ  1 
ATOM   809  O OH  . TYR A 1 95  ? 10.890  -2.827  -2.222  1.00 13.98 ? 137 TYR A OH  1 
ATOM   810  N N   . ILE A 1 96  ? 8.731   -10.659 0.288   1.00 10.89 ? 138 ILE A N   1 
ATOM   811  C CA  . ILE A 1 96  ? 8.487   -11.948 0.934   1.00 13.58 ? 138 ILE A CA  1 
ATOM   812  C C   . ILE A 1 96  ? 7.969   -13.009 -0.039  1.00 14.46 ? 138 ILE A C   1 
ATOM   813  O O   . ILE A 1 96  ? 8.462   -14.141 -0.050  1.00 17.26 ? 138 ILE A O   1 
ATOM   814  C CB  . ILE A 1 96  ? 7.507   -11.796 2.120   1.00 11.01 ? 138 ILE A CB  1 
ATOM   815  C CG1 . ILE A 1 96  ? 8.211   -11.111 3.289   1.00 12.59 ? 138 ILE A CG1 1 
ATOM   816  C CG2 . ILE A 1 96  ? 6.973   -13.157 2.561   1.00 15.16 ? 138 ILE A CG2 1 
ATOM   817  C CD1 . ILE A 1 96  ? 7.265   -10.572 4.344   1.00 15.94 ? 138 ILE A CD1 1 
ATOM   818  N N   . TYR A 1 97  ? 6.984   -12.653 -0.861  1.00 12.28 ? 139 TYR A N   1 
ATOM   819  C CA  . TYR A 1 97  ? 6.363   -13.632 -1.753  1.00 12.98 ? 139 TYR A CA  1 
ATOM   820  C C   . TYR A 1 97  ? 7.258   -13.992 -2.929  1.00 13.94 ? 139 TYR A C   1 
ATOM   821  O O   . TYR A 1 97  ? 7.112   -15.061 -3.535  1.00 16.24 ? 139 TYR A O   1 
ATOM   822  C CB  . TYR A 1 97  ? 5.000   -13.146 -2.269  1.00 12.24 ? 139 TYR A CB  1 
ATOM   823  C CG  . TYR A 1 97  ? 4.373   -14.132 -3.230  1.00 12.32 ? 139 TYR A CG  1 
ATOM   824  C CD1 . TYR A 1 97  ? 3.937   -15.372 -2.784  1.00 13.56 ? 139 TYR A CD1 1 
ATOM   825  C CD2 . TYR A 1 97  ? 4.253   -13.838 -4.583  1.00 12.61 ? 139 TYR A CD2 1 
ATOM   826  C CE1 . TYR A 1 97  ? 3.391   -16.293 -3.661  1.00 15.88 ? 139 TYR A CE1 1 
ATOM   827  C CE2 . TYR A 1 97  ? 3.706   -14.751 -5.465  1.00 16.23 ? 139 TYR A CE2 1 
ATOM   828  C CZ  . TYR A 1 97  ? 3.272   -15.971 -4.997  1.00 15.65 ? 139 TYR A CZ  1 
ATOM   829  O OH  . TYR A 1 97  ? 2.729   -16.882 -5.875  1.00 15.39 ? 139 TYR A OH  1 
ATOM   830  N N   . ASN A 1 98  ? 8.186   -13.107 -3.261  1.00 14.62 ? 140 ASN A N   1 
ATOM   831  C CA  . ASN A 1 98  ? 9.005   -13.329 -4.436  1.00 12.97 ? 140 ASN A CA  1 
ATOM   832  C C   . ASN A 1 98  ? 10.454  -13.607 -4.072  1.00 17.73 ? 140 ASN A C   1 
ATOM   833  O O   . ASN A 1 98  ? 10.713  -14.238 -3.044  1.00 20.78 ? 140 ASN A O   1 
ATOM   834  C CB  . ASN A 1 98  ? 8.828   -12.171 -5.418  1.00 11.59 ? 140 ASN A CB  1 
ATOM   835  C CG  . ASN A 1 98  ? 7.380   -12.023 -5.866  1.00 11.88 ? 140 ASN A CG  1 
ATOM   836  O OD1 . ASN A 1 98  ? 6.899   -12.796 -6.692  1.00 12.20 ? 140 ASN A OD1 1 
ATOM   837  N ND2 . ASN A 1 98  ? 6.671   -11.048 -5.299  1.00 12.17 ? 140 ASN A ND2 1 
ATOM   838  N N   . LYS A 1 99  ? 11.379  -13.180 -4.930  1.00 13.84 ? 141 LYS A N   1 
ATOM   839  C CA  . LYS A 1 99  ? 12.818  -13.399 -4.741  1.00 16.17 ? 141 LYS A CA  1 
ATOM   840  C C   . LYS A 1 99  ? 13.606  -12.218 -5.289  1.00 16.85 ? 141 LYS A C   1 
ATOM   841  O O   . LYS A 1 99  ? 13.136  -11.530 -6.193  1.00 14.53 ? 141 LYS A O   1 
ATOM   842  C CB  . LYS A 1 99  ? 13.277  -14.663 -5.477  1.00 23.81 ? 141 LYS A CB  1 
ATOM   843  C CG  . LYS A 1 99  ? 12.733  -15.952 -4.918  1.00 23.49 ? 141 LYS A CG  1 
ATOM   844  C CD  . LYS A 1 99  ? 13.503  -17.150 -5.445  1.00 27.21 ? 141 LYS A CD  1 
ATOM   845  C CE  . LYS A 1 99  ? 13.517  -17.205 -6.959  1.00 24.30 ? 141 LYS A CE  1 
ATOM   846  N NZ  . LYS A 1 99  ? 14.324  -18.373 -7.429  1.00 24.12 ? 141 LYS A NZ  1 
ATOM   847  N N   . PRO A 1 100 ? 14.824  -11.988 -4.764  1.00 15.20 ? 142 PRO A N   1 
ATOM   848  C CA  . PRO A 1 100 ? 15.629  -10.880 -5.282  1.00 16.28 ? 142 PRO A CA  1 
ATOM   849  C C   . PRO A 1 100 ? 15.826  -11.007 -6.784  1.00 15.16 ? 142 PRO A C   1 
ATOM   850  O O   . PRO A 1 100 ? 16.066  -12.108 -7.281  1.00 20.27 ? 142 PRO A O   1 
ATOM   851  C CB  . PRO A 1 100 ? 16.968  -11.050 -4.557  1.00 18.21 ? 142 PRO A CB  1 
ATOM   852  C CG  . PRO A 1 100 ? 16.604  -11.726 -3.286  1.00 18.58 ? 142 PRO A CG  1 
ATOM   853  C CD  . PRO A 1 100 ? 15.488  -12.668 -3.639  1.00 20.07 ? 142 PRO A CD  1 
ATOM   854  N N   . GLY A 1 101 ? 15.681  -9.896  -7.495  1.00 15.44 ? 143 GLY A N   1 
ATOM   855  C CA  . GLY A 1 101 ? 15.936  -9.866  -8.922  1.00 17.35 ? 143 GLY A CA  1 
ATOM   856  C C   . GLY A 1 101 ? 14.717  -10.081 -9.805  1.00 16.55 ? 143 GLY A C   1 
ATOM   857  O O   . GLY A 1 101 ? 14.772  -9.782  -11.000 1.00 19.12 ? 143 GLY A O   1 
ATOM   858  N N   . ASP A 1 102 ? 13.632  -10.605 -9.236  1.00 12.72 ? 144 ASP A N   1 
ATOM   859  C CA  . ASP A 1 102 ? 12.396  -10.815 -9.991  1.00 12.94 ? 144 ASP A CA  1 
ATOM   860  C C   . ASP A 1 102 ? 11.877  -9.480  -10.509 1.00 12.74 ? 144 ASP A C   1 
ATOM   861  O O   . ASP A 1 102 ? 12.014  -8.457  -9.832  1.00 11.19 ? 144 ASP A O   1 
ATOM   862  C CB  . ASP A 1 102 ? 11.302  -11.419 -9.107  1.00 13.01 ? 144 ASP A CB  1 
ATOM   863  C CG  . ASP A 1 102 ? 11.501  -12.896 -8.826  1.00 16.53 ? 144 ASP A CG  1 
ATOM   864  O OD1 . ASP A 1 102 ? 12.400  -13.524 -9.430  1.00 19.21 ? 144 ASP A OD1 1 
ATOM   865  O OD2 . ASP A 1 102 ? 10.724  -13.434 -8.006  1.00 16.28 ? 144 ASP A OD2 1 
ATOM   866  N N   . ASP A 1 103 ? 11.262  -9.493  -11.689 1.00 10.52 ? 145 ASP A N   1 
ATOM   867  C CA  . ASP A 1 103 ? 10.719  -8.266  -12.274 1.00 9.77  ? 145 ASP A CA  1 
ATOM   868  C C   . ASP A 1 103 ? 9.795   -7.503  -11.311 1.00 10.09 ? 145 ASP A C   1 
ATOM   869  O O   . ASP A 1 103 ? 9.896   -6.287  -11.181 1.00 10.44 ? 145 ASP A O   1 
ATOM   870  C CB  . ASP A 1 103 ? 9.990   -8.547  -13.596 1.00 11.13 ? 145 ASP A CB  1 
ATOM   871  C CG  . ASP A 1 103 ? 10.943  -8.669  -14.787 1.00 11.31 ? 145 ASP A CG  1 
ATOM   872  O OD1 . ASP A 1 103 ? 12.142  -8.335  -14.651 1.00 11.14 ? 145 ASP A OD1 1 
ATOM   873  O OD2 . ASP A 1 103 ? 10.475  -9.083  -15.870 1.00 12.67 ? 145 ASP A OD2 1 
ATOM   874  N N   . ILE A 1 104 ? 8.909   -8.218  -10.623 1.00 9.67  ? 146 ILE A N   1 
ATOM   875  C CA  . ILE A 1 104 ? 7.971   -7.578  -9.704  1.00 9.74  ? 146 ILE A CA  1 
ATOM   876  C C   . ILE A 1 104 ? 8.706   -6.942  -8.522  1.00 10.16 ? 146 ILE A C   1 
ATOM   877  O O   . ILE A 1 104 ? 8.314   -5.879  -8.020  1.00 9.40  ? 146 ILE A O   1 
ATOM   878  C CB  . ILE A 1 104 ? 6.886   -8.579  -9.219  1.00 11.45 ? 146 ILE A CB  1 
ATOM   879  C CG1 . ILE A 1 104 ? 5.762   -7.840  -8.494  1.00 11.86 ? 146 ILE A CG1 1 
ATOM   880  C CG2 . ILE A 1 104 ? 7.492   -9.680  -8.353  1.00 12.86 ? 146 ILE A CG2 1 
ATOM   881  C CD1 . ILE A 1 104 ? 5.007   -6.925  -9.397  1.00 13.33 ? 146 ILE A CD1 1 
ATOM   882  N N   . VAL A 1 105 ? 9.799   -7.574  -8.106  1.00 10.61 ? 147 VAL A N   1 
ATOM   883  C CA  . VAL A 1 105 ? 10.608  -7.040  -7.019  1.00 9.32  ? 147 VAL A CA  1 
ATOM   884  C C   . VAL A 1 105 ? 11.338  -5.773  -7.462  1.00 11.17 ? 147 VAL A C   1 
ATOM   885  O O   . VAL A 1 105 ? 11.418  -4.802  -6.701  1.00 11.39 ? 147 VAL A O   1 
ATOM   886  C CB  . VAL A 1 105 ? 11.569  -8.107  -6.465  1.00 11.63 ? 147 VAL A CB  1 
ATOM   887  C CG1 . VAL A 1 105 ? 12.610  -7.486  -5.549  1.00 12.12 ? 147 VAL A CG1 1 
ATOM   888  C CG2 . VAL A 1 105 ? 10.778  -9.202  -5.752  1.00 12.23 ? 147 VAL A CG2 1 
ATOM   889  N N   . LEU A 1 106 ? 11.845  -5.761  -8.695  1.00 10.50 ? 148 LEU A N   1 
ATOM   890  C CA  . LEU A 1 106 ? 12.479  -4.556  -9.234  1.00 10.13 ? 148 LEU A CA  1 
ATOM   891  C C   . LEU A 1 106 ? 11.490  -3.395  -9.243  1.00 10.16 ? 148 LEU A C   1 
ATOM   892  O O   . LEU A 1 106 ? 11.857  -2.244  -8.975  1.00 11.46 ? 148 LEU A O   1 
ATOM   893  C CB  . LEU A 1 106 ? 13.010  -4.801  -10.651 1.00 11.33 ? 148 LEU A CB  1 
ATOM   894  C CG  . LEU A 1 106 ? 14.088  -5.877  -10.790 1.00 14.99 ? 148 LEU A CG  1 
ATOM   895  C CD1 . LEU A 1 106 ? 14.465  -6.055  -12.254 1.00 13.90 ? 148 LEU A CD1 1 
ATOM   896  C CD2 . LEU A 1 106 ? 15.309  -5.522  -9.968  1.00 16.76 ? 148 LEU A CD2 1 
ATOM   897  N N   . MET A 1 107 ? 10.227  -3.701  -9.533  1.00 10.90 ? 149 MET A N   1 
ATOM   898  C CA  . MET A 1 107 ? 9.183   -2.684  -9.542  1.00 9.10  ? 149 MET A CA  1 
ATOM   899  C C   . MET A 1 107 ? 8.936   -2.132  -8.144  1.00 10.47 ? 149 MET A C   1 
ATOM   900  O O   . MET A 1 107 ? 8.895   -0.915  -7.941  1.00 10.88 ? 149 MET A O   1 
ATOM   901  C CB  . MET A 1 107 ? 7.894   -3.262  -10.121 1.00 9.45  ? 149 MET A CB  1 
ATOM   902  C CG  . MET A 1 107 ? 8.081   -3.689  -11.560 1.00 8.41  ? 149 MET A CG  1 
ATOM   903  S SD  . MET A 1 107 ? 6.654   -4.566  -12.188 1.00 18.15 ? 149 MET A SD  1 
ATOM   904  C CE  . MET A 1 107 ? 5.678   -3.220  -12.732 1.00 12.93 ? 149 MET A CE  1 
ATOM   905  N N   . ALA A 1 108 ? 8.765   -3.030  -7.180  1.00 10.43 ? 150 ALA A N   1 
ATOM   906  C CA  . ALA A 1 108 ? 8.569   -2.612  -5.795  1.00 10.46 ? 150 ALA A CA  1 
ATOM   907  C C   . ALA A 1 108 ? 9.757   -1.803  -5.274  1.00 10.49 ? 150 ALA A C   1 
ATOM   908  O O   . ALA A 1 108 ? 9.563   -0.797  -4.590  1.00 10.32 ? 150 ALA A O   1 
ATOM   909  C CB  . ALA A 1 108 ? 8.304   -3.818  -4.899  1.00 11.40 ? 150 ALA A CB  1 
ATOM   910  N N   . GLU A 1 109 ? 10.975  -2.225  -5.612  1.00 10.73 ? 151 GLU A N   1 
ATOM   911  C CA  . GLU A 1 109 ? 12.183  -1.523  -5.169  1.00 11.19 ? 151 GLU A CA  1 
ATOM   912  C C   . GLU A 1 109 ? 12.186  -0.069  -5.645  1.00 10.89 ? 151 GLU A C   1 
ATOM   913  O O   . GLU A 1 109 ? 12.522  0.850   -4.886  1.00 11.76 ? 151 GLU A O   1 
ATOM   914  C CB  . GLU A 1 109 ? 13.442  -2.242  -5.672  1.00 13.86 ? 151 GLU A CB  1 
ATOM   915  C CG  . GLU A 1 109 ? 13.773  -3.543  -4.941  1.00 15.17 ? 151 GLU A CG  1 
ATOM   916  C CD  . GLU A 1 109 ? 14.818  -4.384  -5.667  1.00 15.76 ? 151 GLU A CD  1 
ATOM   917  O OE1 . GLU A 1 109 ? 15.210  -4.017  -6.791  1.00 19.04 ? 151 GLU A OE1 1 
ATOM   918  O OE2 . GLU A 1 109 ? 15.254  -5.407  -5.102  1.00 20.53 ? 151 GLU A OE2 1 
ATOM   919  N N   . ALA A 1 110 ? 11.810  0.143   -6.902  1.00 11.50 ? 152 ALA A N   1 
ATOM   920  C CA  . ALA A 1 110 ? 11.764  1.492   -7.459  1.00 11.23 ? 152 ALA A CA  1 
ATOM   921  C C   . ALA A 1 110 ? 10.678  2.351   -6.806  1.00 11.39 ? 152 ALA A C   1 
ATOM   922  O O   . ALA A 1 110 ? 10.893  3.530   -6.513  1.00 13.07 ? 152 ALA A O   1 
ATOM   923  C CB  . ALA A 1 110 ? 11.556  1.432   -8.968  1.00 16.13 ? 152 ALA A CB  1 
ATOM   924  N N   . LEU A 1 111 ? 9.505   1.763   -6.595  1.00 10.32 ? 153 LEU A N   1 
ATOM   925  C CA  . LEU A 1 111 ? 8.419   2.474   -5.948  1.00 10.25 ? 153 LEU A CA  1 
ATOM   926  C C   . LEU A 1 111 ? 8.758   2.810   -4.504  1.00 11.21 ? 153 LEU A C   1 
ATOM   927  O O   . LEU A 1 111 ? 8.398   3.882   -4.012  1.00 10.47 ? 153 LEU A O   1 
ATOM   928  C CB  . LEU A 1 111 ? 7.138   1.641   -6.004  1.00 11.63 ? 153 LEU A CB  1 
ATOM   929  C CG  . LEU A 1 111 ? 6.493   1.518   -7.382  1.00 14.74 ? 153 LEU A CG  1 
ATOM   930  C CD1 . LEU A 1 111 ? 5.326   0.564   -7.302  1.00 14.77 ? 153 LEU A CD1 1 
ATOM   931  C CD2 . LEU A 1 111 ? 6.024   2.877   -7.882  1.00 17.56 ? 153 LEU A CD2 1 
ATOM   932  N N   . GLU A 1 112 ? 9.432   1.892   -3.817  1.00 10.75 ? 154 GLU A N   1 
ATOM   933  C CA  . GLU A 1 112 ? 9.809   2.142   -2.428  1.00 11.41 ? 154 GLU A CA  1 
ATOM   934  C C   . GLU A 1 112 ? 10.772  3.326   -2.312  1.00 10.68 ? 154 GLU A C   1 
ATOM   935  O O   . GLU A 1 112 ? 10.656  4.153   -1.400  1.00 9.96  ? 154 GLU A O   1 
ATOM   936  C CB  . GLU A 1 112 ? 10.404  0.895   -1.778  1.00 11.35 ? 154 GLU A CB  1 
ATOM   937  C CG  . GLU A 1 112 ? 10.725  1.099   -0.308  1.00 10.72 ? 154 GLU A CG  1 
ATOM   938  C CD  . GLU A 1 112 ? 11.394  -0.098  0.324   1.00 16.79 ? 154 GLU A CD  1 
ATOM   939  O OE1 . GLU A 1 112 ? 11.583  -1.117  -0.373  1.00 21.98 ? 154 GLU A OE1 1 
ATOM   940  O OE2 . GLU A 1 112 ? 11.742  -0.019  1.521   1.00 16.90 ? 154 GLU A OE2 1 
ATOM   941  N N   . LYS A 1 113 ? 11.721  3.415   -3.238  1.00 9.94  ? 155 LYS A N   1 
ATOM   942  C CA  . LYS A 1 113 ? 12.635  4.554   -3.276  1.00 10.24 ? 155 LYS A CA  1 
ATOM   943  C C   . LYS A 1 113 ? 11.900  5.870   -3.483  1.00 10.67 ? 155 LYS A C   1 
ATOM   944  O O   . LYS A 1 113 ? 12.195  6.862   -2.805  1.00 11.14 ? 155 LYS A O   1 
ATOM   945  C CB  . LYS A 1 113 ? 13.677  4.366   -4.380  1.00 10.98 ? 155 LYS A CB  1 
ATOM   946  C CG  . LYS A 1 113 ? 14.784  3.395   -4.025  1.00 13.65 ? 155 LYS A CG  1 
ATOM   947  C CD  . LYS A 1 113 ? 15.768  3.275   -5.181  1.00 18.05 ? 155 LYS A CD  1 
ATOM   948  C CE  . LYS A 1 113 ? 16.793  2.183   -4.941  1.00 21.10 ? 155 LYS A CE  1 
ATOM   949  N NZ  . LYS A 1 113 ? 17.587  1.931   -6.181  1.00 22.04 ? 155 LYS A NZ  1 
ATOM   950  N N   . LEU A 1 114 ? 10.961  5.894   -4.425  1.00 10.44 ? 156 LEU A N   1 
ATOM   951  C CA  . LEU A 1 114 ? 10.173  7.098   -4.684  1.00 11.01 ? 156 LEU A CA  1 
ATOM   952  C C   . LEU A 1 114 ? 9.337   7.457   -3.456  1.00 10.22 ? 156 LEU A C   1 
ATOM   953  O O   . LEU A 1 114 ? 9.225   8.635   -3.071  1.00 11.54 ? 156 LEU A O   1 
ATOM   954  C CB  . LEU A 1 114 ? 9.282   6.919   -5.917  1.00 13.82 ? 156 LEU A CB  1 
ATOM   955  C CG  . LEU A 1 114 ? 8.517   8.164   -6.385  1.00 18.44 ? 156 LEU A CG  1 
ATOM   956  C CD1 . LEU A 1 114 ? 9.475   9.302   -6.719  1.00 21.37 ? 156 LEU A CD1 1 
ATOM   957  C CD2 . LEU A 1 114 ? 7.618   7.851   -7.584  1.00 21.22 ? 156 LEU A CD2 1 
ATOM   958  N N   . PHE A 1 115 ? 8.751   6.433   -2.841  1.00 9.55  ? 157 PHE A N   1 
ATOM   959  C CA  . PHE A 1 115 ? 7.976   6.600   -1.622  1.00 9.68  ? 157 PHE A CA  1 
ATOM   960  C C   . PHE A 1 115 ? 8.804   7.249   -0.518  1.00 9.60  ? 157 PHE A C   1 
ATOM   961  O O   . PHE A 1 115 ? 8.364   8.224   0.104   1.00 9.80  ? 157 PHE A O   1 
ATOM   962  C CB  . PHE A 1 115 ? 7.446   5.239   -1.167  1.00 9.76  ? 157 PHE A CB  1 
ATOM   963  C CG  . PHE A 1 115 ? 6.765   5.267   0.159   1.00 9.76  ? 157 PHE A CG  1 
ATOM   964  C CD1 . PHE A 1 115 ? 5.531   5.870   0.302   1.00 9.56  ? 157 PHE A CD1 1 
ATOM   965  C CD2 . PHE A 1 115 ? 7.351   4.674   1.260   1.00 10.35 ? 157 PHE A CD2 1 
ATOM   966  C CE1 . PHE A 1 115 ? 4.897   5.897   1.525   1.00 11.78 ? 157 PHE A CE1 1 
ATOM   967  C CE2 . PHE A 1 115 ? 6.716   4.693   2.487   1.00 13.07 ? 157 PHE A CE2 1 
ATOM   968  C CZ  . PHE A 1 115 ? 5.488   5.305   2.615   1.00 11.21 ? 157 PHE A CZ  1 
ATOM   969  N N   . LEU A 1 116 ? 10.003  6.720   -0.282  1.00 10.09 ? 158 LEU A N   1 
ATOM   970  C CA  . LEU A 1 116 ? 10.862  7.260   0.766   1.00 11.02 ? 158 LEU A CA  1 
ATOM   971  C C   . LEU A 1 116 ? 11.242  8.704   0.470   1.00 10.26 ? 158 LEU A C   1 
ATOM   972  O O   . LEU A 1 116 ? 11.257  9.542   1.373   1.00 10.80 ? 158 LEU A O   1 
ATOM   973  C CB  . LEU A 1 116 ? 12.115  6.404   0.941   1.00 11.50 ? 158 LEU A CB  1 
ATOM   974  C CG  . LEU A 1 116 ? 11.811  5.083   1.647   1.00 12.27 ? 158 LEU A CG  1 
ATOM   975  C CD1 . LEU A 1 116 ? 13.037  4.189   1.702   1.00 15.70 ? 158 LEU A CD1 1 
ATOM   976  C CD2 . LEU A 1 116 ? 11.267  5.342   3.051   1.00 15.92 ? 158 LEU A CD2 1 
ATOM   977  N N   . GLN A 1 117 ? 11.540  9.000   -0.793  1.00 10.87 ? 159 GLN A N   1 
ATOM   978  C CA  . GLN A 1 117 ? 11.855  10.371  -1.202  1.00 11.47 ? 159 GLN A CA  1 
ATOM   979  C C   . GLN A 1 117 ? 10.730  11.319  -0.810  1.00 13.00 ? 159 GLN A C   1 
ATOM   980  O O   . GLN A 1 117 ? 10.963  12.395  -0.259  1.00 12.49 ? 159 GLN A O   1 
ATOM   981  C CB  . GLN A 1 117 ? 12.076  10.458  -2.714  1.00 14.32 ? 159 GLN A CB  1 
ATOM   982  C CG  . GLN A 1 117 ? 13.398  9.904   -3.195  1.00 18.95 ? 159 GLN A CG  1 
ATOM   983  C CD  . GLN A 1 117 ? 13.479  9.833   -4.709  1.00 22.38 ? 159 GLN A CD  1 
ATOM   984  O OE1 . GLN A 1 117 ? 14.168  8.976   -5.260  1.00 27.47 ? 159 GLN A OE1 1 
ATOM   985  N NE2 . GLN A 1 117 ? 12.770  10.731  -5.387  1.00 20.88 ? 159 GLN A NE2 1 
ATOM   986  N N   . LYS A 1 118 ? 9.499   10.895  -1.082  1.00 12.24 ? 160 LYS A N   1 
ATOM   987  C CA  . LYS A 1 118 ? 8.329   11.731  -0.841  1.00 12.21 ? 160 LYS A CA  1 
ATOM   988  C C   . LYS A 1 118 ? 7.947   11.888  0.640   1.00 10.85 ? 160 LYS A C   1 
ATOM   989  O O   . LYS A 1 118 ? 7.444   12.945  1.029   1.00 12.07 ? 160 LYS A O   1 
ATOM   990  C CB  . LYS A 1 118 ? 7.137   11.213  -1.657  1.00 13.01 ? 160 LYS A CB  1 
ATOM   991  C CG  . LYS A 1 118 ? 7.292   11.414  -3.166  1.00 21.56 ? 160 LYS A CG  1 
ATOM   992  C CD  . LYS A 1 118 ? 6.871   12.817  -3.581  1.00 26.91 ? 160 LYS A CD  1 
ATOM   993  C CE  . LYS A 1 118 ? 6.813   12.963  -5.093  1.00 27.53 ? 160 LYS A CE  1 
ATOM   994  N NZ  . LYS A 1 118 ? 6.213   14.270  -5.505  1.00 26.00 ? 160 LYS A NZ  1 
ATOM   995  N N   . ILE A 1 119 ? 8.191   10.871  1.464   1.00 10.33 ? 161 ILE A N   1 
ATOM   996  C CA  . ILE A 1 119 ? 7.832   10.972  2.884   1.00 10.55 ? 161 ILE A CA  1 
ATOM   997  C C   . ILE A 1 119 ? 8.971   11.472  3.777   1.00 12.76 ? 161 ILE A C   1 
ATOM   998  O O   . ILE A 1 119 ? 8.781   11.669  4.983   1.00 12.95 ? 161 ILE A O   1 
ATOM   999  C CB  . ILE A 1 119 ? 7.254   9.660   3.474   1.00 12.58 ? 161 ILE A CB  1 
ATOM   1000 C CG1 . ILE A 1 119 ? 8.336   8.587   3.602   1.00 12.12 ? 161 ILE A CG1 1 
ATOM   1001 C CG2 . ILE A 1 119 ? 6.019   9.184   2.684   1.00 11.67 ? 161 ILE A CG2 1 
ATOM   1002 C CD1 . ILE A 1 119 ? 7.950   7.455   4.556   1.00 13.00 ? 161 ILE A CD1 1 
ATOM   1003 N N   . ASN A 1 120 ? 10.144  11.676  3.184   1.00 13.09 ? 162 ASN A N   1 
ATOM   1004 C CA  . ASN A 1 120 ? 11.291  12.226  3.899   1.00 15.44 ? 162 ASN A CA  1 
ATOM   1005 C C   . ASN A 1 120 ? 10.911  13.515  4.621   1.00 15.94 ? 162 ASN A C   1 
ATOM   1006 O O   . ASN A 1 120 ? 11.244  13.713  5.792   1.00 21.12 ? 162 ASN A O   1 
ATOM   1007 C CB  . ASN A 1 120 ? 12.441  12.469  2.924   1.00 15.58 ? 162 ASN A CB  1 
ATOM   1008 C CG  . ASN A 1 120 ? 13.732  12.849  3.618   1.00 20.71 ? 162 ASN A CG  1 
ATOM   1009 O OD1 . ASN A 1 120 ? 14.002  14.024  3.839   1.00 25.23 ? 162 ASN A OD1 1 
ATOM   1010 N ND2 . ASN A 1 120 ? 14.550  11.850  3.940   1.00 22.13 ? 162 ASN A ND2 1 
ATOM   1011 N N   . GLU A 1 121 ? 10.184  14.378  3.923   1.00 13.54 ? 163 GLU A N   1 
ATOM   1012 C CA  . GLU A 1 121 ? 9.619   15.568  4.544   1.00 15.03 ? 163 GLU A CA  1 
ATOM   1013 C C   . GLU A 1 121 ? 8.113   15.629  4.367   1.00 16.28 ? 163 GLU A C   1 
ATOM   1014 O O   . GLU A 1 121 ? 7.605   15.606  3.245   1.00 13.94 ? 163 GLU A O   1 
ATOM   1015 C CB  . GLU A 1 121 ? 10.236  16.825  3.955   1.00 18.91 ? 163 GLU A CB  1 
ATOM   1016 C CG  . GLU A 1 121 ? 11.717  16.921  4.155   1.00 22.58 ? 163 GLU A CG  1 
ATOM   1017 C CD  . GLU A 1 121 ? 12.226  18.288  3.804   1.00 24.45 ? 163 GLU A CD  1 
ATOM   1018 O OE1 . GLU A 1 121 ? 11.546  18.980  3.013   1.00 23.84 ? 163 GLU A OE1 1 
ATOM   1019 O OE2 . GLU A 1 121 ? 13.289  18.674  4.333   1.00 27.37 ? 163 GLU A OE2 1 
ATOM   1020 N N   . LEU A 1 122 ? 7.408   15.718  5.488   1.00 15.88 ? 164 LEU A N   1 
ATOM   1021 C CA  . LEU A 1 122 ? 5.967   15.876  5.482   1.00 16.87 ? 164 LEU A CA  1 
ATOM   1022 C C   . LEU A 1 122 ? 5.613   17.271  5.976   1.00 17.08 ? 164 LEU A C   1 
ATOM   1023 O O   . LEU A 1 122 ? 6.418   17.913  6.646   1.00 17.88 ? 164 LEU A O   1 
ATOM   1024 C CB  . LEU A 1 122 ? 5.325   14.826  6.390   1.00 17.18 ? 164 LEU A CB  1 
ATOM   1025 C CG  . LEU A 1 122 ? 5.580   13.358  6.032   1.00 16.17 ? 164 LEU A CG  1 
ATOM   1026 C CD1 . LEU A 1 122 ? 4.927   12.454  7.072   1.00 16.83 ? 164 LEU A CD1 1 
ATOM   1027 C CD2 . LEU A 1 122 ? 5.072   13.029  4.636   1.00 16.25 ? 164 LEU A CD2 1 
ATOM   1028 N N   . PRO A 1 123 ? 4.408   17.753  5.642   1.00 16.71 ? 165 PRO A N   1 
ATOM   1029 C CA  . PRO A 1 123 ? 4.019   19.050  6.213   1.00 16.38 ? 165 PRO A CA  1 
ATOM   1030 C C   . PRO A 1 123 ? 3.900   19.014  7.737   1.00 21.71 ? 165 PRO A C   1 
ATOM   1031 O O   . PRO A 1 123 ? 3.747   17.946  8.332   1.00 18.53 ? 165 PRO A O   1 
ATOM   1032 C CB  . PRO A 1 123 ? 2.662   19.336  5.566   1.00 19.99 ? 165 PRO A CB  1 
ATOM   1033 C CG  . PRO A 1 123 ? 2.202   18.031  5.006   1.00 20.96 ? 165 PRO A CG  1 
ATOM   1034 C CD  . PRO A 1 123 ? 3.428   17.256  4.664   1.00 17.10 ? 165 PRO A CD  1 
ATOM   1035 N N   . THR A 1 124 ? 3.992   20.184  8.361   1.00 21.67 ? 166 THR A N   1 
ATOM   1036 C CA  . THR A 1 124 ? 3.829   20.290  9.805   1.00 26.32 ? 166 THR A CA  1 
ATOM   1037 C C   . THR A 1 124 ? 2.350   20.375  10.180  1.00 28.63 ? 166 THR A C   1 
ATOM   1038 O O   . THR A 1 124 ? 1.540   20.923  9.428   1.00 28.29 ? 166 THR A O   1 
ATOM   1039 C CB  . THR A 1 124 ? 4.580   21.509  10.363  1.00 28.23 ? 166 THR A CB  1 
ATOM   1040 O OG1 . THR A 1 124 ? 4.245   22.667  9.589   1.00 33.74 ? 166 THR A OG1 1 
ATOM   1041 C CG2 . THR A 1 124 ? 6.082   21.280  10.293  1.00 33.21 ? 166 THR A CG2 1 
ATOM   1042 N N   . GLU A 1 125 ? 2.006   19.824  11.340  1.00 30.91 ? 167 GLU A N   1 
ATOM   1043 C CA  . GLU A 1 125 ? 0.615   19.732  11.777  1.00 31.07 ? 167 GLU A CA  1 
ATOM   1044 C C   . GLU A 1 125 ? -0.011  21.110  11.972  1.00 37.77 ? 167 GLU A C   1 
ATOM   1045 O O   . GLU A 1 125 ? 0.484   21.920  12.755  1.00 40.35 ? 167 GLU A O   1 
ATOM   1046 C CB  . GLU A 1 125 ? 0.521   18.924  13.075  1.00 31.33 ? 167 GLU A CB  1 
ATOM   1047 C CG  . GLU A 1 125 ? -0.470  17.771  13.028  1.00 36.97 ? 167 GLU A CG  1 
HETATM 1048 F FAB . 1A7 B 2 .   ? 0.447   -8.011  -10.295 1.00 24.72 ? 201 1A7 A FAB 1 
HETATM 1049 C CAJ . 1A7 B 2 .   ? 1.006   -9.163  -10.612 1.00 21.62 ? 201 1A7 A CAJ 1 
HETATM 1050 C CAE . 1A7 B 2 .   ? 0.804   -9.692  -11.883 1.00 25.29 ? 201 1A7 A CAE 1 
HETATM 1051 C CAC . 1A7 B 2 .   ? 1.366   -10.909 -12.241 1.00 26.38 ? 201 1A7 A CAC 1 
HETATM 1052 C CAD . 1A7 B 2 .   ? 2.138   -11.604 -11.322 1.00 25.15 ? 201 1A7 A CAD 1 
HETATM 1053 C CAF . 1A7 B 2 .   ? 2.336   -11.073 -10.055 1.00 26.57 ? 201 1A7 A CAF 1 
HETATM 1054 C CAL . 1A7 B 2 .   ? 1.778   -9.853  -9.687  1.00 21.67 ? 201 1A7 A CAL 1 
HETATM 1055 C CAK . 1A7 B 2 .   ? 2.051   -9.370  -8.302  1.00 20.76 ? 201 1A7 A CAK 1 
HETATM 1056 C CAG . 1A7 B 2 .   ? 1.510   -8.289  -7.599  1.00 18.33 ? 201 1A7 A CAG 1 
HETATM 1057 S SAI . 1A7 B 2 .   ? 2.106   -8.176  -6.171  1.00 17.30 ? 201 1A7 A SAI 1 
HETATM 1058 C CAM . 1A7 B 2 .   ? 3.129   -9.453  -6.167  1.00 14.20 ? 201 1A7 A CAM 1 
HETATM 1059 O OAA . 1A7 B 2 .   ? 3.947   -9.896  -5.179  1.00 15.37 ? 201 1A7 A OAA 1 
HETATM 1060 N NAH . 1A7 B 2 .   ? 3.043   -10.116 -7.462  1.00 17.67 ? 201 1A7 A NAH 1 
HETATM 1061 O O   . HOH C 3 .   ? -13.566 4.315   11.703  1.00 5.95  ? 301 HOH A O   1 
HETATM 1062 O O   . HOH C 3 .   ? 7.797   15.208  0.954   1.00 7.51  ? 302 HOH A O   1 
HETATM 1063 O O   . HOH C 3 .   ? 13.502  -8.504  -17.037 1.00 11.53 ? 303 HOH A O   1 
HETATM 1064 O O   . HOH C 3 .   ? 10.003  -15.566 -0.959  1.00 13.02 ? 304 HOH A O   1 
HETATM 1065 O O   . HOH C 3 .   ? -11.213 4.654   11.489  1.00 11.95 ? 305 HOH A O   1 
HETATM 1066 O O   . HOH C 3 .   ? 12.093  8.983   3.902   1.00 15.51 ? 306 HOH A O   1 
HETATM 1067 O O   . HOH C 3 .   ? -0.649  12.467  10.875  1.00 14.60 ? 307 HOH A O   1 
HETATM 1068 O O   . HOH C 3 .   ? 3.170   -8.963  -2.902  1.00 12.05 ? 308 HOH A O   1 
HETATM 1069 O O   . HOH C 3 .   ? -1.225  -5.756  -5.243  1.00 13.65 ? 309 HOH A O   1 
HETATM 1070 O O   . HOH C 3 .   ? 10.146  14.596  1.067   1.00 14.93 ? 310 HOH A O   1 
HETATM 1071 O O   . HOH C 3 .   ? -0.056  -7.687  -0.626  1.00 12.64 ? 311 HOH A O   1 
HETATM 1072 O O   . HOH C 3 .   ? -2.722  -7.618  -2.049  1.00 15.61 ? 312 HOH A O   1 
HETATM 1073 O O   . HOH C 3 .   ? -4.502  -6.328  -0.276  1.00 13.25 ? 313 HOH A O   1 
HETATM 1074 O O   . HOH C 3 .   ? -7.099  8.969   7.715   1.00 13.62 ? 314 HOH A O   1 
HETATM 1075 O O   . HOH C 3 .   ? -3.256  -23.701 2.743   1.00 15.90 ? 315 HOH A O   1 
HETATM 1076 O O   . HOH C 3 .   ? 2.225   10.052  12.385  1.00 17.17 ? 316 HOH A O   1 
HETATM 1077 O O   . HOH C 3 .   ? 4.531   -12.415 -8.035  1.00 15.51 ? 317 HOH A O   1 
HETATM 1078 O O   . HOH C 3 .   ? -1.483  0.349   9.276   1.00 17.39 ? 318 HOH A O   1 
HETATM 1079 O O   . HOH C 3 .   ? 11.436  -13.722 -0.402  1.00 16.75 ? 319 HOH A O   1 
HETATM 1080 O O   . HOH C 3 .   ? 14.208  -9.743  -13.522 1.00 15.62 ? 320 HOH A O   1 
HETATM 1081 O O   . HOH C 3 .   ? -7.687  5.071   14.379  1.00 16.06 ? 321 HOH A O   1 
HETATM 1082 O O   . HOH C 3 .   ? 8.353   -11.080 -11.294 1.00 15.96 ? 322 HOH A O   1 
HETATM 1083 O O   . HOH C 3 .   ? -0.963  -21.166 5.490   1.00 18.81 ? 323 HOH A O   1 
HETATM 1084 O O   . HOH C 3 .   ? 0.234   -5.583  -3.054  1.00 15.26 ? 324 HOH A O   1 
HETATM 1085 O O   . HOH C 3 .   ? -7.138  -9.561  2.343   1.00 18.18 ? 325 HOH A O   1 
HETATM 1086 O O   . HOH C 3 .   ? -8.595  -9.982  -1.367  1.00 18.26 ? 326 HOH A O   1 
HETATM 1087 O O   . HOH C 3 .   ? -6.110  -8.824  -0.316  1.00 15.17 ? 327 HOH A O   1 
HETATM 1088 O O   . HOH C 3 .   ? 2.117   -10.367 5.183   1.00 16.05 ? 328 HOH A O   1 
HETATM 1089 O O   . HOH C 3 .   ? 2.788   -6.247  -2.567  1.00 16.35 ? 329 HOH A O   1 
HETATM 1090 O O   . HOH C 3 .   ? -6.196  -20.470 -6.264  1.00 21.53 ? 330 HOH A O   1 
HETATM 1091 O O   . HOH C 3 .   ? 10.874  -12.152 -12.716 1.00 19.13 ? 331 HOH A O   1 
HETATM 1092 O O   . HOH C 3 .   ? -4.440  -8.398  -8.488  1.00 17.79 ? 332 HOH A O   1 
HETATM 1093 O O   . HOH C 3 .   ? 7.374   6.098   -14.528 1.00 17.87 ? 333 HOH A O   1 
HETATM 1094 O O   . HOH C 3 .   ? 0.163   -2.756  7.692   1.00 18.70 ? 334 HOH A O   1 
HETATM 1095 O O   . HOH C 3 .   ? 1.498   1.675   -13.759 1.00 16.93 ? 335 HOH A O   1 
HETATM 1096 O O   . HOH C 3 .   ? -12.999 4.937   7.026   1.00 14.07 ? 336 HOH A O   1 
HETATM 1097 O O   . HOH C 3 .   ? -9.537  -3.448  0.305   1.00 17.26 ? 337 HOH A O   1 
HETATM 1098 O O   . HOH C 3 .   ? 12.664  5.020   -8.058  1.00 19.06 ? 338 HOH A O   1 
HETATM 1099 O O   . HOH C 3 .   ? -14.443 -2.071  4.587   1.00 18.25 ? 339 HOH A O   1 
HETATM 1100 O O   . HOH C 3 .   ? -8.101  -10.785 -4.009  1.00 20.52 ? 340 HOH A O   1 
HETATM 1101 O O   . HOH C 3 .   ? 4.794   -7.542  5.291   1.00 19.43 ? 341 HOH A O   1 
HETATM 1102 O O   . HOH C 3 .   ? 2.824   -12.938 6.020   1.00 25.51 ? 342 HOH A O   1 
HETATM 1103 O O   . HOH C 3 .   ? -8.730  -5.736  7.319   1.00 22.80 ? 343 HOH A O   1 
HETATM 1104 O O   . HOH C 3 .   ? -4.055  -6.984  5.664   1.00 23.55 ? 344 HOH A O   1 
HETATM 1105 O O   . HOH C 3 .   ? -2.362  -6.877  -9.319  1.00 19.90 ? 345 HOH A O   1 
HETATM 1106 O O   . HOH C 3 .   ? 10.256  12.832  -5.255  1.00 24.16 ? 346 HOH A O   1 
HETATM 1107 O O   . HOH C 3 .   ? -8.155  -7.231  -6.878  1.00 19.77 ? 347 HOH A O   1 
HETATM 1108 O O   . HOH C 3 .   ? 16.157  -7.352  -6.395  1.00 22.96 ? 348 HOH A O   1 
HETATM 1109 O O   . HOH C 3 .   ? -6.173  4.100   -12.290 1.00 26.62 ? 349 HOH A O   1 
HETATM 1110 O O   . HOH C 3 .   ? 3.812   15.117  -7.047  1.00 21.36 ? 350 HOH A O   1 
HETATM 1111 O O   . HOH C 3 .   ? -7.202  10.936  5.724   1.00 19.89 ? 351 HOH A O   1 
HETATM 1112 O O   . HOH C 3 .   ? 8.364   17.479  -0.074  1.00 21.75 ? 352 HOH A O   1 
HETATM 1113 O O   . HOH C 3 .   ? -8.334  -8.476  -17.567 1.00 25.96 ? 353 HOH A O   1 
HETATM 1114 O O   . HOH C 3 .   ? -9.702  14.918  12.585  1.00 25.41 ? 354 HOH A O   1 
HETATM 1115 O O   . HOH C 3 .   ? 13.221  -11.098 -1.456  1.00 21.79 ? 355 HOH A O   1 
HETATM 1116 O O   . HOH C 3 .   ? -3.417  -2.391  8.118   1.00 20.74 ? 356 HOH A O   1 
HETATM 1117 O O   . HOH C 3 .   ? 1.223   -16.482 -12.569 1.00 22.68 ? 357 HOH A O   1 
HETATM 1118 O O   . HOH C 3 .   ? -5.996  -1.614  10.462  1.00 24.73 ? 358 HOH A O   1 
HETATM 1119 O O   . HOH C 3 .   ? 14.299  -1.339  -9.615  1.00 21.74 ? 359 HOH A O   1 
HETATM 1120 O O   . HOH C 3 .   ? -6.011  11.683  3.390   1.00 20.42 ? 360 HOH A O   1 
HETATM 1121 O O   . HOH C 3 .   ? 10.979  14.235  -2.849  1.00 25.20 ? 361 HOH A O   1 
HETATM 1122 O O   . HOH C 3 .   ? 18.569  4.478   -7.232  1.00 30.84 ? 362 HOH A O   1 
HETATM 1123 O O   . HOH C 3 .   ? -1.596  18.827  3.851   1.00 24.88 ? 363 HOH A O   1 
HETATM 1124 O O   . HOH C 3 .   ? 8.661   15.161  -1.681  1.00 20.88 ? 364 HOH A O   1 
HETATM 1125 O O   . HOH C 3 .   ? -10.656 -17.349 1.392   1.00 23.43 ? 365 HOH A O   1 
HETATM 1126 O O   . HOH C 3 .   ? -14.718 -3.304  9.009   1.00 26.83 ? 366 HOH A O   1 
HETATM 1127 O O   . HOH C 3 .   ? 9.566   7.353   -13.494 1.00 27.50 ? 367 HOH A O   1 
HETATM 1128 O O   . HOH C 3 .   ? -4.083  0.396   10.458  1.00 22.22 ? 368 HOH A O   1 
HETATM 1129 O O   . HOH C 3 .   ? 9.699   8.572   -10.737 1.00 25.75 ? 369 HOH A O   1 
HETATM 1130 O O   . HOH C 3 .   ? -3.577  8.532   -12.109 1.00 28.51 ? 370 HOH A O   1 
HETATM 1131 O O   . HOH C 3 .   ? 2.040   6.518   16.088  1.00 31.03 ? 371 HOH A O   1 
HETATM 1132 O O   . HOH C 3 .   ? 11.958  16.547  0.358   1.00 23.30 ? 372 HOH A O   1 
HETATM 1133 O O   . HOH C 3 .   ? 0.569   5.070   14.231  1.00 25.51 ? 373 HOH A O   1 
HETATM 1134 O O   . HOH C 3 .   ? 0.041   7.225   -15.365 1.00 27.08 ? 374 HOH A O   1 
HETATM 1135 O O   . HOH C 3 .   ? -3.891  -18.033 -2.047  1.00 21.42 ? 375 HOH A O   1 
HETATM 1136 O O   . HOH C 3 .   ? -9.161  2.913   -4.402  1.00 26.71 ? 376 HOH A O   1 
HETATM 1137 O O   . HOH C 3 .   ? 15.744  0.693   -8.019  1.00 28.60 ? 377 HOH A O   1 
HETATM 1138 O O   . HOH C 3 .   ? -9.886  11.926  3.121   1.00 23.15 ? 378 HOH A O   1 
HETATM 1139 O O   . HOH C 3 .   ? -0.018  3.976   -13.488 1.00 25.85 ? 379 HOH A O   1 
HETATM 1140 O O   . HOH C 3 .   ? -12.868 -3.503  2.029   1.00 25.46 ? 380 HOH A O   1 
HETATM 1141 O O   . HOH C 3 .   ? -10.753 4.970   -4.334  1.00 27.74 ? 381 HOH A O   1 
HETATM 1142 O O   . HOH C 3 .   ? 8.077   -13.225 -9.258  1.00 22.58 ? 382 HOH A O   1 
HETATM 1143 O O   . HOH C 3 .   ? 4.439   11.316  11.148  1.00 27.34 ? 383 HOH A O   1 
HETATM 1144 O O   . HOH C 3 .   ? 15.122  -13.515 -9.585  1.00 22.76 ? 384 HOH A O   1 
HETATM 1145 O O   . HOH C 3 .   ? 8.703   15.806  8.085   1.00 24.79 ? 385 HOH A O   1 
HETATM 1146 O O   . HOH C 3 .   ? 13.047  14.861  7.269   1.00 27.75 ? 386 HOH A O   1 
HETATM 1147 O O   . HOH C 3 .   ? 3.326   9.488   14.854  1.00 26.73 ? 387 HOH A O   1 
HETATM 1148 O O   . HOH C 3 .   ? -7.565  13.882  2.378   1.00 26.01 ? 388 HOH A O   1 
HETATM 1149 O O   . HOH C 3 .   ? -8.021  -0.360  -7.291  1.00 27.88 ? 389 HOH A O   1 
HETATM 1150 O O   . HOH C 3 .   ? -2.273  6.755   -13.676 1.00 26.19 ? 390 HOH A O   1 
HETATM 1151 O O   . HOH C 3 .   ? 6.090   17.490  -2.172  1.00 26.74 ? 391 HOH A O   1 
HETATM 1152 O O   . HOH C 3 .   ? 10.656  1.687   3.510   1.00 26.83 ? 392 HOH A O   1 
HETATM 1153 O O   . HOH C 3 .   ? 3.869   -5.882  7.474   1.00 27.46 ? 393 HOH A O   1 
HETATM 1154 O O   . HOH C 3 .   ? 13.892  7.287   -6.886  1.00 28.25 ? 394 HOH A O   1 
HETATM 1155 O O   . HOH C 3 .   ? -4.296  -1.626  -12.103 1.00 23.19 ? 395 HOH A O   1 
HETATM 1156 O O   . HOH C 3 .   ? 13.504  13.281  0.006   1.00 27.37 ? 396 HOH A O   1 
HETATM 1157 O O   . HOH C 3 .   ? 1.117   20.400  0.731   1.00 25.69 ? 397 HOH A O   1 
HETATM 1158 O O   . HOH C 3 .   ? -9.095  -1.392  -4.386  1.00 31.11 ? 398 HOH A O   1 
HETATM 1159 O O   . HOH C 3 .   ? -0.397  11.331  15.815  1.00 23.00 ? 399 HOH A O   1 
HETATM 1160 O O   . HOH C 3 .   ? 3.889   -17.894 -8.214  1.00 29.06 ? 400 HOH A O   1 
HETATM 1161 O O   . HOH C 3 .   ? -14.726 10.836  6.548   1.00 30.74 ? 401 HOH A O   1 
HETATM 1162 O O   . HOH C 3 .   ? -1.863  18.274  0.508   1.00 29.26 ? 402 HOH A O   1 
HETATM 1163 O O   . HOH C 3 .   ? -5.134  -19.522 -9.588  1.00 23.17 ? 403 HOH A O   1 
HETATM 1164 O O   . HOH C 3 .   ? 12.646  11.040  -8.455  1.00 29.91 ? 404 HOH A O   1 
HETATM 1165 O O   . HOH C 3 .   ? -12.214 -11.619 -2.174  1.00 28.16 ? 405 HOH A O   1 
HETATM 1166 O O   . HOH C 3 .   ? -4.825  -22.351 -3.370  1.00 24.13 ? 406 HOH A O   1 
HETATM 1167 O O   . HOH C 3 .   ? 17.818  -14.262 -6.631  1.00 27.96 ? 407 HOH A O   1 
HETATM 1168 O O   . HOH C 3 .   ? 6.206   -9.104  7.568   1.00 32.95 ? 408 HOH A O   1 
HETATM 1169 O O   . HOH C 3 .   ? -11.883 -17.034 -3.732  1.00 26.30 ? 409 HOH A O   1 
HETATM 1170 O O   . HOH C 3 .   ? 14.771  3.313   -9.079  1.00 25.47 ? 410 HOH A O   1 
HETATM 1171 O O   . HOH C 3 .   ? 6.978   16.035  -3.627  1.00 23.86 ? 411 HOH A O   1 
HETATM 1172 O O   . HOH C 3 .   ? -2.178  -6.996  -12.088 1.00 20.56 ? 412 HOH A O   1 
HETATM 1173 O O   . HOH C 3 .   ? -6.701  -9.267  5.098   1.00 24.93 ? 413 HOH A O   1 
HETATM 1174 O O   . HOH C 3 .   ? -2.642  18.560  10.829  1.00 27.44 ? 414 HOH A O   1 
HETATM 1175 O O   . HOH C 3 .   ? -9.647  -9.267  -5.801  1.00 30.21 ? 415 HOH A O   1 
HETATM 1176 O O   . HOH C 3 .   ? -3.145  0.872   -14.279 1.00 29.34 ? 416 HOH A O   1 
HETATM 1177 O O   . HOH C 3 .   ? 2.139   -19.919 -7.800  1.00 26.09 ? 417 HOH A O   1 
HETATM 1178 O O   . HOH C 3 .   ? -4.996  7.811   -7.777  1.00 27.44 ? 418 HOH A O   1 
HETATM 1179 O O   . HOH C 3 .   ? -13.312 -6.948  3.182   1.00 27.45 ? 419 HOH A O   1 
HETATM 1180 O O   . HOH C 3 .   ? 6.745   -10.742 -13.361 1.00 23.41 ? 420 HOH A O   1 
HETATM 1181 O O   . HOH C 3 .   ? -3.263  -4.451  -13.413 1.00 28.30 ? 421 HOH A O   1 
HETATM 1182 O O   . HOH C 3 .   ? -9.345  10.916  -3.932  1.00 29.49 ? 422 HOH A O   1 
HETATM 1183 O O   . HOH C 3 .   ? 6.985   17.238  9.644   1.00 33.41 ? 423 HOH A O   1 
HETATM 1184 O O   . HOH C 3 .   ? -3.195  9.439   -9.283  1.00 26.08 ? 424 HOH A O   1 
HETATM 1185 O O   . HOH C 3 .   ? 15.906  -12.943 -12.498 1.00 28.14 ? 425 HOH A O   1 
HETATM 1186 O O   . HOH C 3 .   ? -8.864  2.090   -6.928  1.00 31.42 ? 426 HOH A O   1 
HETATM 1187 O O   . HOH C 3 .   ? 11.731  5.397   -10.764 1.00 26.82 ? 427 HOH A O   1 
HETATM 1188 O O   . HOH C 3 .   ? -2.832  -1.385  -15.760 1.00 30.24 ? 428 HOH A O   1 
HETATM 1189 O O   . HOH C 3 .   ? -0.186  16.347  10.261  1.00 20.55 ? 429 HOH A O   1 
# 
